data_1CNU
# 
_entry.id   1CNU 
# 
_audit_conform.dict_name       mmcif_pdbx.dic 
_audit_conform.dict_version    5.398 
_audit_conform.dict_location   http://mmcif.pdb.org/dictionaries/ascii/mmcif_pdbx.dic 
# 
loop_
_database_2.database_id 
_database_2.database_code 
_database_2.pdbx_database_accession 
_database_2.pdbx_DOI 
PDB   1CNU         pdb_00001cnu 10.2210/pdb1cnu/pdb 
WWPDB D_1000172421 ?            ?                   
# 
loop_
_pdbx_audit_revision_history.ordinal 
_pdbx_audit_revision_history.data_content_type 
_pdbx_audit_revision_history.major_revision 
_pdbx_audit_revision_history.minor_revision 
_pdbx_audit_revision_history.revision_date 
1 'Structure model' 1 0 1999-06-01 
2 'Structure model' 1 1 2008-03-24 
3 'Structure model' 1 2 2011-07-13 
4 'Structure model' 1 3 2018-04-04 
5 'Structure model' 1 4 2024-02-07 
6 'Structure model' 1 5 2024-04-03 
7 'Structure model' 1 6 2024-11-06 
# 
_pdbx_audit_revision_details.ordinal             1 
_pdbx_audit_revision_details.revision_ordinal    1 
_pdbx_audit_revision_details.data_content_type   'Structure model' 
_pdbx_audit_revision_details.provider            repository 
_pdbx_audit_revision_details.type                'Initial release' 
_pdbx_audit_revision_details.description         ? 
_pdbx_audit_revision_details.details             ? 
# 
loop_
_pdbx_audit_revision_group.ordinal 
_pdbx_audit_revision_group.revision_ordinal 
_pdbx_audit_revision_group.data_content_type 
_pdbx_audit_revision_group.group 
1 2 'Structure model' 'Version format compliance' 
2 3 'Structure model' 'Version format compliance' 
3 4 'Structure model' 'Data collection'           
4 5 'Structure model' 'Data collection'           
5 5 'Structure model' 'Database references'       
6 6 'Structure model' 'Refinement description'    
7 7 'Structure model' 'Structure summary'         
# 
loop_
_pdbx_audit_revision_category.ordinal 
_pdbx_audit_revision_category.revision_ordinal 
_pdbx_audit_revision_category.data_content_type 
_pdbx_audit_revision_category.category 
1 4 'Structure model' diffrn_source                 
2 5 'Structure model' chem_comp_atom                
3 5 'Structure model' chem_comp_bond                
4 5 'Structure model' database_2                    
5 6 'Structure model' pdbx_initial_refinement_model 
6 7 'Structure model' pdbx_entry_details            
# 
loop_
_pdbx_audit_revision_item.ordinal 
_pdbx_audit_revision_item.revision_ordinal 
_pdbx_audit_revision_item.data_content_type 
_pdbx_audit_revision_item.item 
1 4 'Structure model' '_diffrn_source.type'                 
2 5 'Structure model' '_database_2.pdbx_DOI'                
3 5 'Structure model' '_database_2.pdbx_database_accession' 
# 
_pdbx_database_status.status_code                     REL 
_pdbx_database_status.entry_id                        1CNU 
_pdbx_database_status.recvd_initial_deposition_date   1999-05-24 
_pdbx_database_status.deposit_site                    ? 
_pdbx_database_status.process_site                    BNL 
_pdbx_database_status.SG_entry                        . 
_pdbx_database_status.pdb_format_compatible           Y 
_pdbx_database_status.status_code_mr                  ? 
_pdbx_database_status.status_code_sf                  ? 
_pdbx_database_status.status_code_cs                  ? 
_pdbx_database_status.methods_development_category    ? 
_pdbx_database_status.status_code_nmr_data            ? 
# 
loop_
_audit_author.name 
_audit_author.pdbx_ordinal 
'Blanchoin, L.'  1 
'Robinson, R.C.' 2 
'Choe, S.'       3 
'Pollard, T.D.'  4 
# 
_citation.id                        primary 
_citation.title                     'Interaction of actin monomers with Acanthamoeba actophorin (ADF/cofilin) and profilin.' 
_citation.journal_abbrev            J.Biol.Chem. 
_citation.journal_volume            273 
_citation.page_first                25106 
_citation.page_last                 25111 
_citation.year                      1998 
_citation.journal_id_ASTM           JBCHA3 
_citation.country                   US 
_citation.journal_id_ISSN           0021-9258 
_citation.journal_id_CSD            0071 
_citation.book_publisher            ? 
_citation.pdbx_database_id_PubMed   9737968 
_citation.pdbx_database_id_DOI      10.1074/jbc.273.39.25106 
# 
loop_
_citation_author.citation_id 
_citation_author.name 
_citation_author.ordinal 
_citation_author.identifier_ORCID 
primary 'Blanchoin, L.' 1 ? 
primary 'Pollard, T.D.' 2 ? 
# 
loop_
_entity.id 
_entity.type 
_entity.src_method 
_entity.pdbx_description 
_entity.formula_weight 
_entity.pdbx_number_of_molecules 
_entity.pdbx_ec 
_entity.pdbx_mutation 
_entity.pdbx_fragment 
_entity.details 
1 polymer man ACTOPHORIN 15524.372 1   ? ? ? 'PHOSPHORYLATED ON SER-1 (SEP)' 
2 water   nat water      18.015    114 ? ? ? ?                               
# 
_entity_name_com.entity_id   1 
_entity_name_com.name        'ADF, COFILIN' 
# 
_entity_poly.entity_id                      1 
_entity_poly.type                           'polypeptide(L)' 
_entity_poly.nstd_linkage                   no 
_entity_poly.nstd_monomer                   yes 
_entity_poly.pdbx_seq_one_letter_code       
;(SEP)GIAVSDDCVQKFNELKLGHQHRYVTFKMNASNTEVVVEHVGGPNATYEDFKSQLPERDCRYAIFDYEFQVDGGQR
NKITFILWAPDSAPIKSKMMYTSTKDSIKKKLVGIQVEVQATDAAEISEDAVSERAKKDVK
;
_entity_poly.pdbx_seq_one_letter_code_can   
;SGIAVSDDCVQKFNELKLGHQHRYVTFKMNASNTEVVVEHVGGPNATYEDFKSQLPERDCRYAIFDYEFQVDGGQRNKIT
FILWAPDSAPIKSKMMYTSTKDSIKKKLVGIQVEVQATDAAEISEDAVSERAKKDVK
;
_entity_poly.pdbx_strand_id                 A 
_entity_poly.pdbx_target_identifier         ? 
# 
_pdbx_entity_nonpoly.entity_id   2 
_pdbx_entity_nonpoly.name        water 
_pdbx_entity_nonpoly.comp_id     HOH 
# 
loop_
_entity_poly_seq.entity_id 
_entity_poly_seq.num 
_entity_poly_seq.mon_id 
_entity_poly_seq.hetero 
1 1   SEP n 
1 2   GLY n 
1 3   ILE n 
1 4   ALA n 
1 5   VAL n 
1 6   SER n 
1 7   ASP n 
1 8   ASP n 
1 9   CYS n 
1 10  VAL n 
1 11  GLN n 
1 12  LYS n 
1 13  PHE n 
1 14  ASN n 
1 15  GLU n 
1 16  LEU n 
1 17  LYS n 
1 18  LEU n 
1 19  GLY n 
1 20  HIS n 
1 21  GLN n 
1 22  HIS n 
1 23  ARG n 
1 24  TYR n 
1 25  VAL n 
1 26  THR n 
1 27  PHE n 
1 28  LYS n 
1 29  MET n 
1 30  ASN n 
1 31  ALA n 
1 32  SER n 
1 33  ASN n 
1 34  THR n 
1 35  GLU n 
1 36  VAL n 
1 37  VAL n 
1 38  VAL n 
1 39  GLU n 
1 40  HIS n 
1 41  VAL n 
1 42  GLY n 
1 43  GLY n 
1 44  PRO n 
1 45  ASN n 
1 46  ALA n 
1 47  THR n 
1 48  TYR n 
1 49  GLU n 
1 50  ASP n 
1 51  PHE n 
1 52  LYS n 
1 53  SER n 
1 54  GLN n 
1 55  LEU n 
1 56  PRO n 
1 57  GLU n 
1 58  ARG n 
1 59  ASP n 
1 60  CYS n 
1 61  ARG n 
1 62  TYR n 
1 63  ALA n 
1 64  ILE n 
1 65  PHE n 
1 66  ASP n 
1 67  TYR n 
1 68  GLU n 
1 69  PHE n 
1 70  GLN n 
1 71  VAL n 
1 72  ASP n 
1 73  GLY n 
1 74  GLY n 
1 75  GLN n 
1 76  ARG n 
1 77  ASN n 
1 78  LYS n 
1 79  ILE n 
1 80  THR n 
1 81  PHE n 
1 82  ILE n 
1 83  LEU n 
1 84  TRP n 
1 85  ALA n 
1 86  PRO n 
1 87  ASP n 
1 88  SER n 
1 89  ALA n 
1 90  PRO n 
1 91  ILE n 
1 92  LYS n 
1 93  SER n 
1 94  LYS n 
1 95  MET n 
1 96  MET n 
1 97  TYR n 
1 98  THR n 
1 99  SER n 
1 100 THR n 
1 101 LYS n 
1 102 ASP n 
1 103 SER n 
1 104 ILE n 
1 105 LYS n 
1 106 LYS n 
1 107 LYS n 
1 108 LEU n 
1 109 VAL n 
1 110 GLY n 
1 111 ILE n 
1 112 GLN n 
1 113 VAL n 
1 114 GLU n 
1 115 VAL n 
1 116 GLN n 
1 117 ALA n 
1 118 THR n 
1 119 ASP n 
1 120 ALA n 
1 121 ALA n 
1 122 GLU n 
1 123 ILE n 
1 124 SER n 
1 125 GLU n 
1 126 ASP n 
1 127 ALA n 
1 128 VAL n 
1 129 SER n 
1 130 GLU n 
1 131 ARG n 
1 132 ALA n 
1 133 LYS n 
1 134 LYS n 
1 135 ASP n 
1 136 VAL n 
1 137 LYS n 
# 
_entity_src_gen.entity_id                          1 
_entity_src_gen.pdbx_src_id                        1 
_entity_src_gen.pdbx_alt_source_flag               sample 
_entity_src_gen.pdbx_seq_type                      ? 
_entity_src_gen.pdbx_beg_seq_num                   ? 
_entity_src_gen.pdbx_end_seq_num                   ? 
_entity_src_gen.gene_src_common_name               ? 
_entity_src_gen.gene_src_genus                     Acanthamoeba 
_entity_src_gen.pdbx_gene_src_gene                 ? 
_entity_src_gen.gene_src_species                   ? 
_entity_src_gen.gene_src_strain                    ? 
_entity_src_gen.gene_src_tissue                    ? 
_entity_src_gen.gene_src_tissue_fraction           ? 
_entity_src_gen.gene_src_details                   ? 
_entity_src_gen.pdbx_gene_src_fragment             ? 
_entity_src_gen.pdbx_gene_src_scientific_name      'Acanthamoeba polyphaga' 
_entity_src_gen.pdbx_gene_src_ncbi_taxonomy_id     5757 
_entity_src_gen.pdbx_gene_src_variant              ? 
_entity_src_gen.pdbx_gene_src_cell_line            ? 
_entity_src_gen.pdbx_gene_src_atcc                 ? 
_entity_src_gen.pdbx_gene_src_organ                ? 
_entity_src_gen.pdbx_gene_src_organelle            ? 
_entity_src_gen.pdbx_gene_src_cell                 ? 
_entity_src_gen.pdbx_gene_src_cellular_location    ? 
_entity_src_gen.host_org_common_name               ? 
_entity_src_gen.pdbx_host_org_scientific_name      'Escherichia coli' 
_entity_src_gen.pdbx_host_org_ncbi_taxonomy_id     562 
_entity_src_gen.host_org_genus                     Escherichia 
_entity_src_gen.pdbx_host_org_gene                 ? 
_entity_src_gen.pdbx_host_org_organ                ? 
_entity_src_gen.host_org_species                   ? 
_entity_src_gen.pdbx_host_org_tissue               ? 
_entity_src_gen.pdbx_host_org_tissue_fraction      ? 
_entity_src_gen.pdbx_host_org_strain               ? 
_entity_src_gen.pdbx_host_org_variant              ? 
_entity_src_gen.pdbx_host_org_cell_line            ? 
_entity_src_gen.pdbx_host_org_atcc                 ? 
_entity_src_gen.pdbx_host_org_culture_collection   ? 
_entity_src_gen.pdbx_host_org_cell                 ? 
_entity_src_gen.pdbx_host_org_organelle            ? 
_entity_src_gen.pdbx_host_org_cellular_location    ? 
_entity_src_gen.pdbx_host_org_vector_type          ? 
_entity_src_gen.pdbx_host_org_vector               ? 
_entity_src_gen.host_org_details                   ? 
_entity_src_gen.expression_system_id               ? 
_entity_src_gen.plasmid_name                       ? 
_entity_src_gen.plasmid_details                    ? 
_entity_src_gen.pdbx_description                   ? 
# 
loop_
_chem_comp.id 
_chem_comp.type 
_chem_comp.mon_nstd_flag 
_chem_comp.name 
_chem_comp.pdbx_synonyms 
_chem_comp.formula 
_chem_comp.formula_weight 
ALA 'L-peptide linking' y ALANINE         ?               'C3 H7 N O2'     89.093  
ARG 'L-peptide linking' y ARGININE        ?               'C6 H15 N4 O2 1' 175.209 
ASN 'L-peptide linking' y ASPARAGINE      ?               'C4 H8 N2 O3'    132.118 
ASP 'L-peptide linking' y 'ASPARTIC ACID' ?               'C4 H7 N O4'     133.103 
CYS 'L-peptide linking' y CYSTEINE        ?               'C3 H7 N O2 S'   121.158 
GLN 'L-peptide linking' y GLUTAMINE       ?               'C5 H10 N2 O3'   146.144 
GLU 'L-peptide linking' y 'GLUTAMIC ACID' ?               'C5 H9 N O4'     147.129 
GLY 'peptide linking'   y GLYCINE         ?               'C2 H5 N O2'     75.067  
HIS 'L-peptide linking' y HISTIDINE       ?               'C6 H10 N3 O2 1' 156.162 
HOH non-polymer         . WATER           ?               'H2 O'           18.015  
ILE 'L-peptide linking' y ISOLEUCINE      ?               'C6 H13 N O2'    131.173 
LEU 'L-peptide linking' y LEUCINE         ?               'C6 H13 N O2'    131.173 
LYS 'L-peptide linking' y LYSINE          ?               'C6 H15 N2 O2 1' 147.195 
MET 'L-peptide linking' y METHIONINE      ?               'C5 H11 N O2 S'  149.211 
PHE 'L-peptide linking' y PHENYLALANINE   ?               'C9 H11 N O2'    165.189 
PRO 'L-peptide linking' y PROLINE         ?               'C5 H9 N O2'     115.130 
SEP 'L-peptide linking' n PHOSPHOSERINE   PHOSPHONOSERINE 'C3 H8 N O6 P'   185.072 
SER 'L-peptide linking' y SERINE          ?               'C3 H7 N O3'     105.093 
THR 'L-peptide linking' y THREONINE       ?               'C4 H9 N O3'     119.119 
TRP 'L-peptide linking' y TRYPTOPHAN      ?               'C11 H12 N2 O2'  204.225 
TYR 'L-peptide linking' y TYROSINE        ?               'C9 H11 N O3'    181.189 
VAL 'L-peptide linking' y VALINE          ?               'C5 H11 N O2'    117.146 
# 
loop_
_pdbx_poly_seq_scheme.asym_id 
_pdbx_poly_seq_scheme.entity_id 
_pdbx_poly_seq_scheme.seq_id 
_pdbx_poly_seq_scheme.mon_id 
_pdbx_poly_seq_scheme.ndb_seq_num 
_pdbx_poly_seq_scheme.pdb_seq_num 
_pdbx_poly_seq_scheme.auth_seq_num 
_pdbx_poly_seq_scheme.pdb_mon_id 
_pdbx_poly_seq_scheme.auth_mon_id 
_pdbx_poly_seq_scheme.pdb_strand_id 
_pdbx_poly_seq_scheme.pdb_ins_code 
_pdbx_poly_seq_scheme.hetero 
A 1 1   SEP 1   1   ?   ?   ?   A . n 
A 1 2   GLY 2   2   2   GLY GLY A . n 
A 1 3   ILE 3   3   3   ILE ILE A . n 
A 1 4   ALA 4   4   4   ALA ALA A . n 
A 1 5   VAL 5   5   5   VAL VAL A . n 
A 1 6   SER 6   6   6   SER SER A . n 
A 1 7   ASP 7   7   7   ASP ASP A . n 
A 1 8   ASP 8   8   8   ASP ASP A . n 
A 1 9   CYS 9   9   9   CYS CYS A . n 
A 1 10  VAL 10  10  10  VAL VAL A . n 
A 1 11  GLN 11  11  11  GLN GLN A . n 
A 1 12  LYS 12  12  12  LYS LYS A . n 
A 1 13  PHE 13  13  13  PHE PHE A . n 
A 1 14  ASN 14  14  14  ASN ASN A . n 
A 1 15  GLU 15  15  15  GLU GLU A . n 
A 1 16  LEU 16  16  16  LEU LEU A . n 
A 1 17  LYS 17  17  17  LYS LYS A . n 
A 1 18  LEU 18  18  18  LEU LEU A . n 
A 1 19  GLY 19  19  19  GLY GLY A . n 
A 1 20  HIS 20  20  20  HIS HIS A . n 
A 1 21  GLN 21  21  21  GLN GLN A . n 
A 1 22  HIS 22  22  22  HIS HIS A . n 
A 1 23  ARG 23  23  23  ARG ARG A . n 
A 1 24  TYR 24  24  24  TYR TYR A . n 
A 1 25  VAL 25  25  25  VAL VAL A . n 
A 1 26  THR 26  26  26  THR THR A . n 
A 1 27  PHE 27  27  27  PHE PHE A . n 
A 1 28  LYS 28  28  28  LYS LYS A . n 
A 1 29  MET 29  29  29  MET MET A . n 
A 1 30  ASN 30  30  30  ASN ASN A . n 
A 1 31  ALA 31  31  31  ALA ALA A . n 
A 1 32  SER 32  32  32  SER SER A . n 
A 1 33  ASN 33  33  33  ASN ASN A . n 
A 1 34  THR 34  34  34  THR THR A . n 
A 1 35  GLU 35  35  35  GLU GLU A . n 
A 1 36  VAL 36  36  36  VAL VAL A . n 
A 1 37  VAL 37  37  37  VAL VAL A . n 
A 1 38  VAL 38  38  38  VAL VAL A . n 
A 1 39  GLU 39  39  39  GLU GLU A . n 
A 1 40  HIS 40  40  40  HIS HIS A . n 
A 1 41  VAL 41  41  41  VAL VAL A . n 
A 1 42  GLY 42  42  42  GLY GLY A . n 
A 1 43  GLY 43  43  43  GLY GLY A . n 
A 1 44  PRO 44  44  44  PRO PRO A . n 
A 1 45  ASN 45  45  45  ASN ASN A . n 
A 1 46  ALA 46  46  46  ALA ALA A . n 
A 1 47  THR 47  47  47  THR THR A . n 
A 1 48  TYR 48  48  48  TYR TYR A . n 
A 1 49  GLU 49  49  49  GLU GLU A . n 
A 1 50  ASP 50  50  50  ASP ASP A . n 
A 1 51  PHE 51  51  51  PHE PHE A . n 
A 1 52  LYS 52  52  52  LYS LYS A . n 
A 1 53  SER 53  53  53  SER SER A . n 
A 1 54  GLN 54  54  54  GLN GLN A . n 
A 1 55  LEU 55  55  55  LEU LEU A . n 
A 1 56  PRO 56  56  56  PRO PRO A . n 
A 1 57  GLU 57  57  57  GLU GLU A . n 
A 1 58  ARG 58  58  58  ARG ARG A . n 
A 1 59  ASP 59  59  59  ASP ASP A . n 
A 1 60  CYS 60  60  60  CYS CYS A . n 
A 1 61  ARG 61  61  61  ARG ARG A . n 
A 1 62  TYR 62  62  62  TYR TYR A . n 
A 1 63  ALA 63  63  63  ALA ALA A . n 
A 1 64  ILE 64  64  64  ILE ILE A . n 
A 1 65  PHE 65  65  65  PHE PHE A . n 
A 1 66  ASP 66  66  66  ASP ASP A . n 
A 1 67  TYR 67  67  67  TYR TYR A . n 
A 1 68  GLU 68  68  68  GLU GLU A . n 
A 1 69  PHE 69  69  69  PHE PHE A . n 
A 1 70  GLN 70  70  70  GLN GLN A . n 
A 1 71  VAL 71  71  71  VAL VAL A . n 
A 1 72  ASP 72  72  72  ASP ASP A . n 
A 1 73  GLY 73  73  73  GLY GLY A . n 
A 1 74  GLY 74  74  74  GLY GLY A . n 
A 1 75  GLN 75  75  75  GLN GLN A . n 
A 1 76  ARG 76  76  76  ARG ARG A . n 
A 1 77  ASN 77  77  77  ASN ASN A . n 
A 1 78  LYS 78  78  78  LYS LYS A . n 
A 1 79  ILE 79  79  79  ILE ILE A . n 
A 1 80  THR 80  80  80  THR THR A . n 
A 1 81  PHE 81  81  81  PHE PHE A . n 
A 1 82  ILE 82  82  82  ILE ILE A . n 
A 1 83  LEU 83  83  83  LEU LEU A . n 
A 1 84  TRP 84  84  84  TRP TRP A . n 
A 1 85  ALA 85  85  85  ALA ALA A . n 
A 1 86  PRO 86  86  86  PRO PRO A . n 
A 1 87  ASP 87  87  87  ASP ASP A . n 
A 1 88  SER 88  88  88  SER SER A . n 
A 1 89  ALA 89  89  89  ALA ALA A . n 
A 1 90  PRO 90  90  90  PRO PRO A . n 
A 1 91  ILE 91  91  91  ILE ILE A . n 
A 1 92  LYS 92  92  92  LYS LYS A . n 
A 1 93  SER 93  93  93  SER SER A . n 
A 1 94  LYS 94  94  94  LYS LYS A . n 
A 1 95  MET 95  95  95  MET MET A . n 
A 1 96  MET 96  96  96  MET MET A . n 
A 1 97  TYR 97  97  97  TYR TYR A . n 
A 1 98  THR 98  98  98  THR THR A . n 
A 1 99  SER 99  99  99  SER SER A . n 
A 1 100 THR 100 100 100 THR THR A . n 
A 1 101 LYS 101 101 101 LYS LYS A . n 
A 1 102 ASP 102 102 102 ASP ASP A . n 
A 1 103 SER 103 103 103 SER SER A . n 
A 1 104 ILE 104 104 104 ILE ILE A . n 
A 1 105 LYS 105 105 105 LYS LYS A . n 
A 1 106 LYS 106 106 106 LYS LYS A . n 
A 1 107 LYS 107 107 107 LYS LYS A . n 
A 1 108 LEU 108 108 108 LEU LEU A . n 
A 1 109 VAL 109 109 109 VAL VAL A . n 
A 1 110 GLY 110 110 110 GLY GLY A . n 
A 1 111 ILE 111 111 111 ILE ILE A . n 
A 1 112 GLN 112 112 112 GLN GLN A . n 
A 1 113 VAL 113 113 113 VAL VAL A . n 
A 1 114 GLU 114 114 114 GLU GLU A . n 
A 1 115 VAL 115 115 115 VAL VAL A . n 
A 1 116 GLN 116 116 116 GLN GLN A . n 
A 1 117 ALA 117 117 117 ALA ALA A . n 
A 1 118 THR 118 118 118 THR THR A . n 
A 1 119 ASP 119 119 119 ASP ASP A . n 
A 1 120 ALA 120 120 120 ALA ALA A . n 
A 1 121 ALA 121 121 121 ALA ALA A . n 
A 1 122 GLU 122 122 122 GLU GLU A . n 
A 1 123 ILE 123 123 123 ILE ILE A . n 
A 1 124 SER 124 124 124 SER SER A . n 
A 1 125 GLU 125 125 125 GLU GLU A . n 
A 1 126 ASP 126 126 126 ASP ASP A . n 
A 1 127 ALA 127 127 127 ALA ALA A . n 
A 1 128 VAL 128 128 128 VAL VAL A . n 
A 1 129 SER 129 129 129 SER SER A . n 
A 1 130 GLU 130 130 130 GLU GLU A . n 
A 1 131 ARG 131 131 131 ARG ARG A . n 
A 1 132 ALA 132 132 132 ALA ALA A . n 
A 1 133 LYS 133 133 133 LYS LYS A . n 
A 1 134 LYS 134 134 134 LYS LYS A . n 
A 1 135 ASP 135 135 135 ASP ASP A . n 
A 1 136 VAL 136 136 ?   ?   ?   A . n 
A 1 137 LYS 137 137 ?   ?   ?   A . n 
# 
loop_
_pdbx_nonpoly_scheme.asym_id 
_pdbx_nonpoly_scheme.entity_id 
_pdbx_nonpoly_scheme.mon_id 
_pdbx_nonpoly_scheme.ndb_seq_num 
_pdbx_nonpoly_scheme.pdb_seq_num 
_pdbx_nonpoly_scheme.auth_seq_num 
_pdbx_nonpoly_scheme.pdb_mon_id 
_pdbx_nonpoly_scheme.auth_mon_id 
_pdbx_nonpoly_scheme.pdb_strand_id 
_pdbx_nonpoly_scheme.pdb_ins_code 
B 2 HOH 1   138 1   HOH HOH A . 
B 2 HOH 2   139 2   HOH HOH A . 
B 2 HOH 3   140 3   HOH HOH A . 
B 2 HOH 4   141 4   HOH HOH A . 
B 2 HOH 5   142 5   HOH HOH A . 
B 2 HOH 6   143 6   HOH HOH A . 
B 2 HOH 7   144 7   HOH HOH A . 
B 2 HOH 8   145 8   HOH HOH A . 
B 2 HOH 9   146 9   HOH HOH A . 
B 2 HOH 10  147 10  HOH HOH A . 
B 2 HOH 11  148 11  HOH HOH A . 
B 2 HOH 12  149 12  HOH HOH A . 
B 2 HOH 13  150 13  HOH HOH A . 
B 2 HOH 14  151 14  HOH HOH A . 
B 2 HOH 15  152 15  HOH HOH A . 
B 2 HOH 16  153 16  HOH HOH A . 
B 2 HOH 17  154 17  HOH HOH A . 
B 2 HOH 18  155 18  HOH HOH A . 
B 2 HOH 19  156 19  HOH HOH A . 
B 2 HOH 20  157 20  HOH HOH A . 
B 2 HOH 21  158 21  HOH HOH A . 
B 2 HOH 22  159 22  HOH HOH A . 
B 2 HOH 23  160 23  HOH HOH A . 
B 2 HOH 24  161 24  HOH HOH A . 
B 2 HOH 25  162 25  HOH HOH A . 
B 2 HOH 26  163 26  HOH HOH A . 
B 2 HOH 27  164 27  HOH HOH A . 
B 2 HOH 28  165 28  HOH HOH A . 
B 2 HOH 29  166 29  HOH HOH A . 
B 2 HOH 30  167 30  HOH HOH A . 
B 2 HOH 31  168 31  HOH HOH A . 
B 2 HOH 32  169 32  HOH HOH A . 
B 2 HOH 33  170 33  HOH HOH A . 
B 2 HOH 34  171 34  HOH HOH A . 
B 2 HOH 35  172 35  HOH HOH A . 
B 2 HOH 36  173 36  HOH HOH A . 
B 2 HOH 37  174 37  HOH HOH A . 
B 2 HOH 38  175 38  HOH HOH A . 
B 2 HOH 39  176 39  HOH HOH A . 
B 2 HOH 40  177 40  HOH HOH A . 
B 2 HOH 41  178 41  HOH HOH A . 
B 2 HOH 42  179 42  HOH HOH A . 
B 2 HOH 43  180 43  HOH HOH A . 
B 2 HOH 44  181 44  HOH HOH A . 
B 2 HOH 45  182 45  HOH HOH A . 
B 2 HOH 46  183 46  HOH HOH A . 
B 2 HOH 47  184 47  HOH HOH A . 
B 2 HOH 48  185 48  HOH HOH A . 
B 2 HOH 49  186 49  HOH HOH A . 
B 2 HOH 50  187 50  HOH HOH A . 
B 2 HOH 51  188 51  HOH HOH A . 
B 2 HOH 52  189 52  HOH HOH A . 
B 2 HOH 53  190 53  HOH HOH A . 
B 2 HOH 54  191 54  HOH HOH A . 
B 2 HOH 55  192 55  HOH HOH A . 
B 2 HOH 56  193 56  HOH HOH A . 
B 2 HOH 57  194 57  HOH HOH A . 
B 2 HOH 58  195 58  HOH HOH A . 
B 2 HOH 59  196 59  HOH HOH A . 
B 2 HOH 60  197 60  HOH HOH A . 
B 2 HOH 61  198 61  HOH HOH A . 
B 2 HOH 62  199 62  HOH HOH A . 
B 2 HOH 63  200 63  HOH HOH A . 
B 2 HOH 64  201 64  HOH HOH A . 
B 2 HOH 65  202 65  HOH HOH A . 
B 2 HOH 66  203 66  HOH HOH A . 
B 2 HOH 67  204 67  HOH HOH A . 
B 2 HOH 68  205 68  HOH HOH A . 
B 2 HOH 69  206 69  HOH HOH A . 
B 2 HOH 70  207 70  HOH HOH A . 
B 2 HOH 71  208 71  HOH HOH A . 
B 2 HOH 72  209 72  HOH HOH A . 
B 2 HOH 73  210 73  HOH HOH A . 
B 2 HOH 74  211 74  HOH HOH A . 
B 2 HOH 75  212 75  HOH HOH A . 
B 2 HOH 76  213 76  HOH HOH A . 
B 2 HOH 77  214 77  HOH HOH A . 
B 2 HOH 78  215 78  HOH HOH A . 
B 2 HOH 79  216 79  HOH HOH A . 
B 2 HOH 80  217 80  HOH HOH A . 
B 2 HOH 81  218 81  HOH HOH A . 
B 2 HOH 82  219 82  HOH HOH A . 
B 2 HOH 83  220 83  HOH HOH A . 
B 2 HOH 84  221 84  HOH HOH A . 
B 2 HOH 85  222 85  HOH HOH A . 
B 2 HOH 86  223 86  HOH HOH A . 
B 2 HOH 87  224 87  HOH HOH A . 
B 2 HOH 88  225 88  HOH HOH A . 
B 2 HOH 89  226 89  HOH HOH A . 
B 2 HOH 90  227 90  HOH HOH A . 
B 2 HOH 91  228 91  HOH HOH A . 
B 2 HOH 92  229 92  HOH HOH A . 
B 2 HOH 93  230 93  HOH HOH A . 
B 2 HOH 94  231 94  HOH HOH A . 
B 2 HOH 95  232 95  HOH HOH A . 
B 2 HOH 96  233 96  HOH HOH A . 
B 2 HOH 97  234 97  HOH HOH A . 
B 2 HOH 98  235 98  HOH HOH A . 
B 2 HOH 99  236 99  HOH HOH A . 
B 2 HOH 100 237 100 HOH HOH A . 
B 2 HOH 101 238 101 HOH HOH A . 
B 2 HOH 102 239 102 HOH HOH A . 
B 2 HOH 103 240 103 HOH HOH A . 
B 2 HOH 104 241 104 HOH HOH A . 
B 2 HOH 105 242 105 HOH HOH A . 
B 2 HOH 106 243 106 HOH HOH A . 
B 2 HOH 107 244 107 HOH HOH A . 
B 2 HOH 108 245 108 HOH HOH A . 
B 2 HOH 109 246 109 HOH HOH A . 
B 2 HOH 110 247 110 HOH HOH A . 
B 2 HOH 111 248 111 HOH HOH A . 
B 2 HOH 112 249 112 HOH HOH A . 
B 2 HOH 113 250 113 HOH HOH A . 
B 2 HOH 114 251 114 HOH HOH A . 
# 
loop_
_pdbx_unobs_or_zero_occ_atoms.id 
_pdbx_unobs_or_zero_occ_atoms.PDB_model_num 
_pdbx_unobs_or_zero_occ_atoms.polymer_flag 
_pdbx_unobs_or_zero_occ_atoms.occupancy_flag 
_pdbx_unobs_or_zero_occ_atoms.auth_asym_id 
_pdbx_unobs_or_zero_occ_atoms.auth_comp_id 
_pdbx_unobs_or_zero_occ_atoms.auth_seq_id 
_pdbx_unobs_or_zero_occ_atoms.PDB_ins_code 
_pdbx_unobs_or_zero_occ_atoms.auth_atom_id 
_pdbx_unobs_or_zero_occ_atoms.label_alt_id 
_pdbx_unobs_or_zero_occ_atoms.label_asym_id 
_pdbx_unobs_or_zero_occ_atoms.label_comp_id 
_pdbx_unobs_or_zero_occ_atoms.label_seq_id 
_pdbx_unobs_or_zero_occ_atoms.label_atom_id 
1 1 Y 1 A ASP 135 ? CA  ? A ASP 135 CA  
2 1 Y 1 A ASP 135 ? C   ? A ASP 135 C   
3 1 Y 1 A ASP 135 ? O   ? A ASP 135 O   
4 1 Y 1 A ASP 135 ? CB  ? A ASP 135 CB  
5 1 Y 1 A ASP 135 ? CG  ? A ASP 135 CG  
6 1 Y 1 A ASP 135 ? OD1 ? A ASP 135 OD1 
7 1 Y 1 A ASP 135 ? OD2 ? A ASP 135 OD2 
# 
loop_
_software.name 
_software.classification 
_software.version 
_software.citation_id 
_software.pdbx_ordinal 
EPMR      phasing          . ? 1 
REFMAC    refinement       . ? 2 
DENZO     'data reduction' . ? 3 
SCALEPACK 'data scaling'   . ? 4 
# 
_cell.entry_id           1CNU 
_cell.length_a           40.200 
_cell.length_b           46.500 
_cell.length_c           68.400 
_cell.angle_alpha        90.00 
_cell.angle_beta         90.00 
_cell.angle_gamma        90.00 
_cell.Z_PDB              4 
_cell.pdbx_unique_axis   ? 
# 
_symmetry.entry_id                         1CNU 
_symmetry.space_group_name_H-M             'P 21 21 21' 
_symmetry.pdbx_full_space_group_name_H-M   ? 
_symmetry.cell_setting                     ? 
_symmetry.Int_Tables_number                19 
# 
_exptl.entry_id          1CNU 
_exptl.method            'X-RAY DIFFRACTION' 
_exptl.crystals_number   1 
# 
_exptl_crystal.id                    1 
_exptl_crystal.density_meas          ? 
_exptl_crystal.density_Matthews      2.06 
_exptl_crystal.density_percent_sol   40.25 
_exptl_crystal.description           ? 
# 
_exptl_crystal_grow.crystal_id      1 
_exptl_crystal_grow.method          ? 
_exptl_crystal_grow.temp            ? 
_exptl_crystal_grow.temp_details    ? 
_exptl_crystal_grow.pH              8.0 
_exptl_crystal_grow.pdbx_pH_range   ? 
_exptl_crystal_grow.pdbx_details    'pH 8.0' 
# 
_diffrn.id                     1 
_diffrn.ambient_temp           100.0 
_diffrn.ambient_temp_details   ? 
_diffrn.crystal_id             1 
# 
_diffrn_detector.diffrn_id              1 
_diffrn_detector.detector               'IMAGE PLATE' 
_diffrn_detector.type                   MACSCIENCE 
_diffrn_detector.pdbx_collection_date   1998-09-01 
_diffrn_detector.details                ? 
# 
_diffrn_radiation.diffrn_id                        1 
_diffrn_radiation.wavelength_id                    1 
_diffrn_radiation.pdbx_monochromatic_or_laue_m_l   M 
_diffrn_radiation.monochromator                    ? 
_diffrn_radiation.pdbx_diffrn_protocol             'SINGLE WAVELENGTH' 
_diffrn_radiation.pdbx_scattering_type             x-ray 
# 
_diffrn_radiation_wavelength.id           1 
_diffrn_radiation_wavelength.wavelength   1.5418 
_diffrn_radiation_wavelength.wt           1.0 
# 
_diffrn_source.diffrn_id                   1 
_diffrn_source.source                      'ROTATING ANODE' 
_diffrn_source.type                        'MACSCIENCE M18X' 
_diffrn_source.pdbx_synchrotron_site       ? 
_diffrn_source.pdbx_synchrotron_beamline   ? 
_diffrn_source.pdbx_wavelength             1.5418 
_diffrn_source.pdbx_wavelength_list        ? 
# 
_reflns.entry_id                     1CNU 
_reflns.observed_criterion_sigma_I   ? 
_reflns.observed_criterion_sigma_F   ? 
_reflns.d_resolution_low             20.0 
_reflns.d_resolution_high            2.225 
_reflns.number_obs                   6441 
_reflns.number_all                   ? 
_reflns.percent_possible_obs         96.2 
_reflns.pdbx_Rmerge_I_obs            0.0910000 
_reflns.pdbx_Rsym_value              ? 
_reflns.pdbx_netI_over_sigmaI        ? 
_reflns.B_iso_Wilson_estimate        ? 
_reflns.pdbx_redundancy              2.5 
_reflns.pdbx_diffrn_id               1 
_reflns.pdbx_ordinal                 1 
# 
_refine.entry_id                                 1CNU 
_refine.ls_number_reflns_obs                     6441 
_refine.ls_number_reflns_all                     ? 
_refine.pdbx_ls_sigma_I                          ? 
_refine.pdbx_ls_sigma_F                          0.0 
_refine.pdbx_data_cutoff_high_absF               ? 
_refine.pdbx_data_cutoff_low_absF                ? 
_refine.pdbx_data_cutoff_high_rms_absF           ? 
_refine.ls_d_res_low                             20.0 
_refine.ls_d_res_high                            2.25 
_refine.ls_percent_reflns_obs                    96.2 
_refine.ls_R_factor_obs                          ? 
_refine.ls_R_factor_all                          ? 
_refine.ls_R_factor_R_work                       0.2040000 
_refine.ls_R_factor_R_free                       0.3040000 
_refine.ls_R_factor_R_free_error                 ? 
_refine.ls_R_factor_R_free_error_details         ? 
_refine.ls_percent_reflns_R_free                 5.0 
_refine.ls_number_reflns_R_free                  ? 
_refine.ls_number_parameters                     ? 
_refine.ls_number_restraints                     ? 
_refine.occupancy_min                            ? 
_refine.occupancy_max                            ? 
_refine.B_iso_mean                               36.9 
_refine.aniso_B[1][1]                            ? 
_refine.aniso_B[2][2]                            ? 
_refine.aniso_B[3][3]                            ? 
_refine.aniso_B[1][2]                            ? 
_refine.aniso_B[1][3]                            ? 
_refine.aniso_B[2][3]                            ? 
_refine.solvent_model_details                    ? 
_refine.solvent_model_param_ksol                 ? 
_refine.solvent_model_param_bsol                 ? 
_refine.pdbx_ls_cross_valid_method               THROUGHOUT 
_refine.details                                  ? 
_refine.pdbx_starting_model                      ACTOPHORIN 
_refine.pdbx_method_to_determine_struct          'MOLECULAR REPLACEMENT' 
_refine.pdbx_isotropic_thermal_model             ? 
_refine.pdbx_stereochemistry_target_values       ? 
_refine.pdbx_stereochem_target_val_spec_case     ? 
_refine.pdbx_R_Free_selection_details            RANDOM 
_refine.pdbx_overall_ESU_R                       ? 
_refine.pdbx_overall_ESU_R_Free                  ? 
_refine.overall_SU_ML                            ? 
_refine.overall_SU_B                             ? 
_refine.pdbx_refine_id                           'X-RAY DIFFRACTION' 
_refine.pdbx_diffrn_id                           1 
_refine.pdbx_TLS_residual_ADP_flag               ? 
_refine.correlation_coeff_Fo_to_Fc               ? 
_refine.correlation_coeff_Fo_to_Fc_free          ? 
_refine.pdbx_solvent_vdw_probe_radii             ? 
_refine.pdbx_solvent_ion_probe_radii             ? 
_refine.pdbx_solvent_shrinkage_radii             ? 
_refine.pdbx_overall_phase_error                 ? 
_refine.overall_SU_R_Cruickshank_DPI             ? 
_refine.pdbx_overall_SU_R_free_Cruickshank_DPI   ? 
_refine.pdbx_overall_SU_R_Blow_DPI               ? 
_refine.pdbx_overall_SU_R_free_Blow_DPI          ? 
# 
_refine_hist.pdbx_refine_id                   'X-RAY DIFFRACTION' 
_refine_hist.cycle_id                         LAST 
_refine_hist.pdbx_number_atoms_protein        1054 
_refine_hist.pdbx_number_atoms_nucleic_acid   0 
_refine_hist.pdbx_number_atoms_ligand         0 
_refine_hist.number_atoms_solvent             114 
_refine_hist.number_atoms_total               1168 
_refine_hist.d_res_high                       2.25 
_refine_hist.d_res_low                        20.0 
# 
loop_
_refine_ls_restr.type 
_refine_ls_restr.dev_ideal 
_refine_ls_restr.dev_ideal_target 
_refine_ls_restr.weight 
_refine_ls_restr.number 
_refine_ls_restr.pdbx_refine_id 
_refine_ls_restr.pdbx_restraint_function 
p_bond_d            0.012 ? ? ? 'X-RAY DIFFRACTION' ? 
p_angle_d           0.037 ? ? ? 'X-RAY DIFFRACTION' ? 
p_angle_deg         ?     ? ? ? 'X-RAY DIFFRACTION' ? 
p_planar_d          ?     ? ? ? 'X-RAY DIFFRACTION' ? 
p_hb_or_metal_coord ?     ? ? ? 'X-RAY DIFFRACTION' ? 
p_mcbond_it         ?     ? ? ? 'X-RAY DIFFRACTION' ? 
p_mcangle_it        ?     ? ? ? 'X-RAY DIFFRACTION' ? 
p_scbond_it         ?     ? ? ? 'X-RAY DIFFRACTION' ? 
p_scangle_it        ?     ? ? ? 'X-RAY DIFFRACTION' ? 
p_plane_restr       ?     ? ? ? 'X-RAY DIFFRACTION' ? 
p_chiral_restr      ?     ? ? ? 'X-RAY DIFFRACTION' ? 
p_singtor_nbd       ?     ? ? ? 'X-RAY DIFFRACTION' ? 
p_multtor_nbd       ?     ? ? ? 'X-RAY DIFFRACTION' ? 
p_xhyhbond_nbd      ?     ? ? ? 'X-RAY DIFFRACTION' ? 
p_xyhbond_nbd       ?     ? ? ? 'X-RAY DIFFRACTION' ? 
p_planar_tor        ?     ? ? ? 'X-RAY DIFFRACTION' ? 
p_staggered_tor     ?     ? ? ? 'X-RAY DIFFRACTION' ? 
p_orthonormal_tor   ?     ? ? ? 'X-RAY DIFFRACTION' ? 
p_transverse_tor    ?     ? ? ? 'X-RAY DIFFRACTION' ? 
p_special_tor       ?     ? ? ? 'X-RAY DIFFRACTION' ? 
# 
_struct.entry_id                  1CNU 
_struct.title                     'PHOSPHORYLATED ACTOPHORIN FROM ACANTAMOEBA POLYPHAGA' 
_struct.pdbx_model_details        ? 
_struct.pdbx_CASP_flag            ? 
_struct.pdbx_model_type_details   ? 
# 
_struct_keywords.entry_id        1CNU 
_struct_keywords.pdbx_keywords   CONTRACTILE 
_struct_keywords.text            'ACTIN-BINDING PROTEIN, ADF, COFILIN, CONTRACTILE' 
# 
loop_
_struct_asym.id 
_struct_asym.pdbx_blank_PDB_chainid_flag 
_struct_asym.pdbx_modified 
_struct_asym.entity_id 
_struct_asym.details 
A N N 1 ? 
B N N 2 ? 
# 
_struct_ref.id                         1 
_struct_ref.db_name                    UNP 
_struct_ref.db_code                    ACTP_ACACA 
_struct_ref.entity_id                  1 
_struct_ref.pdbx_db_accession          P37167 
_struct_ref.pdbx_align_begin           1 
_struct_ref.pdbx_seq_one_letter_code   
;SGIAVSDDCVQKFNELKLGHQHRYVTFKMNASNTEVVVEHVGGPNATYEDFKSQLPERDCRYAIFDYEFQVDGGQRNKIT
FILWAPDSAPIKSKMMYTSTKDSIKKKLVGIQVEVQATDAAEISEDAVSERAKKDVK
;
_struct_ref.pdbx_db_isoform            ? 
# 
_struct_ref_seq.align_id                      1 
_struct_ref_seq.ref_id                        1 
_struct_ref_seq.pdbx_PDB_id_code              1CNU 
_struct_ref_seq.pdbx_strand_id                A 
_struct_ref_seq.seq_align_beg                 2 
_struct_ref_seq.pdbx_seq_align_beg_ins_code   ? 
_struct_ref_seq.seq_align_end                 137 
_struct_ref_seq.pdbx_seq_align_end_ins_code   ? 
_struct_ref_seq.pdbx_db_accession             P37167 
_struct_ref_seq.db_align_beg                  2 
_struct_ref_seq.pdbx_db_align_beg_ins_code    ? 
_struct_ref_seq.db_align_end                  137 
_struct_ref_seq.pdbx_db_align_end_ins_code    ? 
_struct_ref_seq.pdbx_auth_seq_align_beg       2 
_struct_ref_seq.pdbx_auth_seq_align_end       137 
# 
_pdbx_struct_assembly.id                   1 
_pdbx_struct_assembly.details              author_defined_assembly 
_pdbx_struct_assembly.method_details       ? 
_pdbx_struct_assembly.oligomeric_details   monomeric 
_pdbx_struct_assembly.oligomeric_count     1 
# 
_pdbx_struct_assembly_gen.assembly_id       1 
_pdbx_struct_assembly_gen.oper_expression   1 
_pdbx_struct_assembly_gen.asym_id_list      A,B 
# 
_pdbx_struct_oper_list.id                   1 
_pdbx_struct_oper_list.type                 'identity operation' 
_pdbx_struct_oper_list.name                 1_555 
_pdbx_struct_oper_list.symmetry_operation   x,y,z 
_pdbx_struct_oper_list.matrix[1][1]         1.0000000000 
_pdbx_struct_oper_list.matrix[1][2]         0.0000000000 
_pdbx_struct_oper_list.matrix[1][3]         0.0000000000 
_pdbx_struct_oper_list.vector[1]            0.0000000000 
_pdbx_struct_oper_list.matrix[2][1]         0.0000000000 
_pdbx_struct_oper_list.matrix[2][2]         1.0000000000 
_pdbx_struct_oper_list.matrix[2][3]         0.0000000000 
_pdbx_struct_oper_list.vector[2]            0.0000000000 
_pdbx_struct_oper_list.matrix[3][1]         0.0000000000 
_pdbx_struct_oper_list.matrix[3][2]         0.0000000000 
_pdbx_struct_oper_list.matrix[3][3]         1.0000000000 
_pdbx_struct_oper_list.vector[3]            0.0000000000 
# 
_struct_biol.id   1 
# 
loop_
_struct_conf.conf_type_id 
_struct_conf.id 
_struct_conf.pdbx_PDB_helix_id 
_struct_conf.beg_label_comp_id 
_struct_conf.beg_label_asym_id 
_struct_conf.beg_label_seq_id 
_struct_conf.pdbx_beg_PDB_ins_code 
_struct_conf.end_label_comp_id 
_struct_conf.end_label_asym_id 
_struct_conf.end_label_seq_id 
_struct_conf.pdbx_end_PDB_ins_code 
_struct_conf.beg_auth_comp_id 
_struct_conf.beg_auth_asym_id 
_struct_conf.beg_auth_seq_id 
_struct_conf.end_auth_comp_id 
_struct_conf.end_auth_asym_id 
_struct_conf.end_auth_seq_id 
_struct_conf.pdbx_PDB_helix_class 
_struct_conf.details 
_struct_conf.pdbx_PDB_helix_length 
HELX_P HELX_P1 1 ASP A 7   ? GLY A 19  ? ASP A 7   GLY A 19  1 ? 13 
HELX_P HELX_P2 2 TYR A 48  ? GLN A 54  ? TYR A 48  GLN A 54  1 ? 7  
HELX_P HELX_P3 3 ILE A 91  ? LYS A 107 ? ILE A 91  LYS A 107 1 ? 17 
HELX_P HELX_P4 4 GLU A 125 ? ALA A 132 ? GLU A 125 ALA A 132 1 ? 8  
# 
_struct_conf_type.id          HELX_P 
_struct_conf_type.criteria    ? 
_struct_conf_type.reference   ? 
# 
_struct_sheet.id               A 
_struct_sheet.type             ? 
_struct_sheet.number_strands   5 
_struct_sheet.details          ? 
# 
loop_
_struct_sheet_order.sheet_id 
_struct_sheet_order.range_id_1 
_struct_sheet_order.range_id_2 
_struct_sheet_order.offset 
_struct_sheet_order.sense 
A 1 2 ? anti-parallel 
A 2 3 ? anti-parallel 
A 3 4 ? anti-parallel 
A 4 5 ? parallel      
# 
loop_
_struct_sheet_range.sheet_id 
_struct_sheet_range.id 
_struct_sheet_range.beg_label_comp_id 
_struct_sheet_range.beg_label_asym_id 
_struct_sheet_range.beg_label_seq_id 
_struct_sheet_range.pdbx_beg_PDB_ins_code 
_struct_sheet_range.end_label_comp_id 
_struct_sheet_range.end_label_asym_id 
_struct_sheet_range.end_label_seq_id 
_struct_sheet_range.pdbx_end_PDB_ins_code 
_struct_sheet_range.beg_auth_comp_id 
_struct_sheet_range.beg_auth_asym_id 
_struct_sheet_range.beg_auth_seq_id 
_struct_sheet_range.end_auth_comp_id 
_struct_sheet_range.end_auth_asym_id 
_struct_sheet_range.end_auth_seq_id 
A 1 VAL A 36  ? VAL A 38  ? VAL A 36  VAL A 38  
A 2 TYR A 24  ? MET A 29  ? TYR A 24  MET A 29  
A 3 ARG A 61  ? VAL A 71  ? ARG A 61  VAL A 71  
A 4 GLY A 74  ? TRP A 84  ? GLY A 74  TRP A 84  
A 5 VAL A 113 ? ALA A 117 ? VAL A 113 ALA A 117 
# 
loop_
_pdbx_struct_sheet_hbond.sheet_id 
_pdbx_struct_sheet_hbond.range_id_1 
_pdbx_struct_sheet_hbond.range_id_2 
_pdbx_struct_sheet_hbond.range_1_label_atom_id 
_pdbx_struct_sheet_hbond.range_1_label_comp_id 
_pdbx_struct_sheet_hbond.range_1_label_asym_id 
_pdbx_struct_sheet_hbond.range_1_label_seq_id 
_pdbx_struct_sheet_hbond.range_1_PDB_ins_code 
_pdbx_struct_sheet_hbond.range_1_auth_atom_id 
_pdbx_struct_sheet_hbond.range_1_auth_comp_id 
_pdbx_struct_sheet_hbond.range_1_auth_asym_id 
_pdbx_struct_sheet_hbond.range_1_auth_seq_id 
_pdbx_struct_sheet_hbond.range_2_label_atom_id 
_pdbx_struct_sheet_hbond.range_2_label_comp_id 
_pdbx_struct_sheet_hbond.range_2_label_asym_id 
_pdbx_struct_sheet_hbond.range_2_label_seq_id 
_pdbx_struct_sheet_hbond.range_2_PDB_ins_code 
_pdbx_struct_sheet_hbond.range_2_auth_atom_id 
_pdbx_struct_sheet_hbond.range_2_auth_comp_id 
_pdbx_struct_sheet_hbond.range_2_auth_asym_id 
_pdbx_struct_sheet_hbond.range_2_auth_seq_id 
A 1 2 O VAL A 37 ? O VAL A 37 N LYS A 28  ? N LYS A 28  
A 2 3 O VAL A 25 ? O VAL A 25 N ILE A 64  ? N ILE A 64  
A 3 4 O ARG A 61 ? O ARG A 61 N TRP A 84  ? N TRP A 84  
A 4 5 O PHE A 81 ? O PHE A 81 N VAL A 113 ? N VAL A 113 
# 
_pdbx_entry_details.entry_id                   1CNU 
_pdbx_entry_details.compound_details           ? 
_pdbx_entry_details.source_details             ? 
_pdbx_entry_details.nonpolymer_details         ? 
_pdbx_entry_details.sequence_details           ? 
_pdbx_entry_details.has_ligand_of_interest     ? 
_pdbx_entry_details.has_protein_modification   N 
# 
loop_
_pdbx_validate_rmsd_angle.id 
_pdbx_validate_rmsd_angle.PDB_model_num 
_pdbx_validate_rmsd_angle.auth_atom_id_1 
_pdbx_validate_rmsd_angle.auth_asym_id_1 
_pdbx_validate_rmsd_angle.auth_comp_id_1 
_pdbx_validate_rmsd_angle.auth_seq_id_1 
_pdbx_validate_rmsd_angle.PDB_ins_code_1 
_pdbx_validate_rmsd_angle.label_alt_id_1 
_pdbx_validate_rmsd_angle.auth_atom_id_2 
_pdbx_validate_rmsd_angle.auth_asym_id_2 
_pdbx_validate_rmsd_angle.auth_comp_id_2 
_pdbx_validate_rmsd_angle.auth_seq_id_2 
_pdbx_validate_rmsd_angle.PDB_ins_code_2 
_pdbx_validate_rmsd_angle.label_alt_id_2 
_pdbx_validate_rmsd_angle.auth_atom_id_3 
_pdbx_validate_rmsd_angle.auth_asym_id_3 
_pdbx_validate_rmsd_angle.auth_comp_id_3 
_pdbx_validate_rmsd_angle.auth_seq_id_3 
_pdbx_validate_rmsd_angle.PDB_ins_code_3 
_pdbx_validate_rmsd_angle.label_alt_id_3 
_pdbx_validate_rmsd_angle.angle_value 
_pdbx_validate_rmsd_angle.angle_target_value 
_pdbx_validate_rmsd_angle.angle_deviation 
_pdbx_validate_rmsd_angle.angle_standard_deviation 
_pdbx_validate_rmsd_angle.linker_flag 
1  1 NE A ARG 23  ? ? CZ A ARG 23  ? ? NH2 A ARG 23  ? ? 115.36 120.30 -4.94  0.50 N 
2  1 NE A ARG 58  ? ? CZ A ARG 58  ? ? NH1 A ARG 58  ? ? 114.04 120.30 -6.26  0.50 N 
3  1 CB A ASP 59  ? ? CG A ASP 59  ? ? OD2 A ASP 59  ? ? 112.17 118.30 -6.13  0.90 N 
4  1 CB A TYR 62  ? ? CG A TYR 62  ? ? CD2 A TYR 62  ? ? 117.06 121.00 -3.94  0.60 N 
5  1 CB A ASP 66  ? ? CG A ASP 66  ? ? OD1 A ASP 66  ? ? 123.90 118.30 5.60   0.90 N 
6  1 CB A ASP 102 ? ? CG A ASP 102 ? ? OD1 A ASP 102 ? ? 124.65 118.30 6.35   0.90 N 
7  1 CB A ASP 126 ? ? CG A ASP 126 ? ? OD2 A ASP 126 ? ? 107.35 118.30 -10.95 0.90 N 
8  1 CD A ARG 131 ? ? NE A ARG 131 ? ? CZ  A ARG 131 ? ? 132.86 123.60 9.26   1.40 N 
9  1 NE A ARG 131 ? ? CZ A ARG 131 ? ? NH1 A ARG 131 ? ? 125.15 120.30 4.85   0.50 N 
10 1 CA A LYS 133 ? ? CB A LYS 133 ? ? CG  A LYS 133 ? ? 127.52 113.40 14.12  2.20 N 
# 
loop_
_pdbx_validate_torsion.id 
_pdbx_validate_torsion.PDB_model_num 
_pdbx_validate_torsion.auth_comp_id 
_pdbx_validate_torsion.auth_asym_id 
_pdbx_validate_torsion.auth_seq_id 
_pdbx_validate_torsion.PDB_ins_code 
_pdbx_validate_torsion.label_alt_id 
_pdbx_validate_torsion.phi 
_pdbx_validate_torsion.psi 
1 1 GLU A 39  ? ? -98.53 -64.16 
2 1 LYS A 134 ? ? 109.02 -62.75 
# 
_pdbx_validate_main_chain_plane.id                       1 
_pdbx_validate_main_chain_plane.PDB_model_num            1 
_pdbx_validate_main_chain_plane.auth_comp_id             LYS 
_pdbx_validate_main_chain_plane.auth_asym_id             A 
_pdbx_validate_main_chain_plane.auth_seq_id              134 
_pdbx_validate_main_chain_plane.PDB_ins_code             ? 
_pdbx_validate_main_chain_plane.label_alt_id             ? 
_pdbx_validate_main_chain_plane.improper_torsion_angle   24.46 
# 
loop_
_pdbx_unobs_or_zero_occ_residues.id 
_pdbx_unobs_or_zero_occ_residues.PDB_model_num 
_pdbx_unobs_or_zero_occ_residues.polymer_flag 
_pdbx_unobs_or_zero_occ_residues.occupancy_flag 
_pdbx_unobs_or_zero_occ_residues.auth_asym_id 
_pdbx_unobs_or_zero_occ_residues.auth_comp_id 
_pdbx_unobs_or_zero_occ_residues.auth_seq_id 
_pdbx_unobs_or_zero_occ_residues.PDB_ins_code 
_pdbx_unobs_or_zero_occ_residues.label_asym_id 
_pdbx_unobs_or_zero_occ_residues.label_comp_id 
_pdbx_unobs_or_zero_occ_residues.label_seq_id 
1 1 Y 1 A SEP 1   ? A SEP 1   
2 1 Y 1 A VAL 136 ? A VAL 136 
3 1 Y 1 A LYS 137 ? A LYS 137 
# 
loop_
_chem_comp_atom.comp_id 
_chem_comp_atom.atom_id 
_chem_comp_atom.type_symbol 
_chem_comp_atom.pdbx_aromatic_flag 
_chem_comp_atom.pdbx_stereo_config 
_chem_comp_atom.pdbx_ordinal 
ALA N    N N N 1   
ALA CA   C N S 2   
ALA C    C N N 3   
ALA O    O N N 4   
ALA CB   C N N 5   
ALA OXT  O N N 6   
ALA H    H N N 7   
ALA H2   H N N 8   
ALA HA   H N N 9   
ALA HB1  H N N 10  
ALA HB2  H N N 11  
ALA HB3  H N N 12  
ALA HXT  H N N 13  
ARG N    N N N 14  
ARG CA   C N S 15  
ARG C    C N N 16  
ARG O    O N N 17  
ARG CB   C N N 18  
ARG CG   C N N 19  
ARG CD   C N N 20  
ARG NE   N N N 21  
ARG CZ   C N N 22  
ARG NH1  N N N 23  
ARG NH2  N N N 24  
ARG OXT  O N N 25  
ARG H    H N N 26  
ARG H2   H N N 27  
ARG HA   H N N 28  
ARG HB2  H N N 29  
ARG HB3  H N N 30  
ARG HG2  H N N 31  
ARG HG3  H N N 32  
ARG HD2  H N N 33  
ARG HD3  H N N 34  
ARG HE   H N N 35  
ARG HH11 H N N 36  
ARG HH12 H N N 37  
ARG HH21 H N N 38  
ARG HH22 H N N 39  
ARG HXT  H N N 40  
ASN N    N N N 41  
ASN CA   C N S 42  
ASN C    C N N 43  
ASN O    O N N 44  
ASN CB   C N N 45  
ASN CG   C N N 46  
ASN OD1  O N N 47  
ASN ND2  N N N 48  
ASN OXT  O N N 49  
ASN H    H N N 50  
ASN H2   H N N 51  
ASN HA   H N N 52  
ASN HB2  H N N 53  
ASN HB3  H N N 54  
ASN HD21 H N N 55  
ASN HD22 H N N 56  
ASN HXT  H N N 57  
ASP N    N N N 58  
ASP CA   C N S 59  
ASP C    C N N 60  
ASP O    O N N 61  
ASP CB   C N N 62  
ASP CG   C N N 63  
ASP OD1  O N N 64  
ASP OD2  O N N 65  
ASP OXT  O N N 66  
ASP H    H N N 67  
ASP H2   H N N 68  
ASP HA   H N N 69  
ASP HB2  H N N 70  
ASP HB3  H N N 71  
ASP HD2  H N N 72  
ASP HXT  H N N 73  
CYS N    N N N 74  
CYS CA   C N R 75  
CYS C    C N N 76  
CYS O    O N N 77  
CYS CB   C N N 78  
CYS SG   S N N 79  
CYS OXT  O N N 80  
CYS H    H N N 81  
CYS H2   H N N 82  
CYS HA   H N N 83  
CYS HB2  H N N 84  
CYS HB3  H N N 85  
CYS HG   H N N 86  
CYS HXT  H N N 87  
GLN N    N N N 88  
GLN CA   C N S 89  
GLN C    C N N 90  
GLN O    O N N 91  
GLN CB   C N N 92  
GLN CG   C N N 93  
GLN CD   C N N 94  
GLN OE1  O N N 95  
GLN NE2  N N N 96  
GLN OXT  O N N 97  
GLN H    H N N 98  
GLN H2   H N N 99  
GLN HA   H N N 100 
GLN HB2  H N N 101 
GLN HB3  H N N 102 
GLN HG2  H N N 103 
GLN HG3  H N N 104 
GLN HE21 H N N 105 
GLN HE22 H N N 106 
GLN HXT  H N N 107 
GLU N    N N N 108 
GLU CA   C N S 109 
GLU C    C N N 110 
GLU O    O N N 111 
GLU CB   C N N 112 
GLU CG   C N N 113 
GLU CD   C N N 114 
GLU OE1  O N N 115 
GLU OE2  O N N 116 
GLU OXT  O N N 117 
GLU H    H N N 118 
GLU H2   H N N 119 
GLU HA   H N N 120 
GLU HB2  H N N 121 
GLU HB3  H N N 122 
GLU HG2  H N N 123 
GLU HG3  H N N 124 
GLU HE2  H N N 125 
GLU HXT  H N N 126 
GLY N    N N N 127 
GLY CA   C N N 128 
GLY C    C N N 129 
GLY O    O N N 130 
GLY OXT  O N N 131 
GLY H    H N N 132 
GLY H2   H N N 133 
GLY HA2  H N N 134 
GLY HA3  H N N 135 
GLY HXT  H N N 136 
HIS N    N N N 137 
HIS CA   C N S 138 
HIS C    C N N 139 
HIS O    O N N 140 
HIS CB   C N N 141 
HIS CG   C Y N 142 
HIS ND1  N Y N 143 
HIS CD2  C Y N 144 
HIS CE1  C Y N 145 
HIS NE2  N Y N 146 
HIS OXT  O N N 147 
HIS H    H N N 148 
HIS H2   H N N 149 
HIS HA   H N N 150 
HIS HB2  H N N 151 
HIS HB3  H N N 152 
HIS HD1  H N N 153 
HIS HD2  H N N 154 
HIS HE1  H N N 155 
HIS HE2  H N N 156 
HIS HXT  H N N 157 
HOH O    O N N 158 
HOH H1   H N N 159 
HOH H2   H N N 160 
ILE N    N N N 161 
ILE CA   C N S 162 
ILE C    C N N 163 
ILE O    O N N 164 
ILE CB   C N S 165 
ILE CG1  C N N 166 
ILE CG2  C N N 167 
ILE CD1  C N N 168 
ILE OXT  O N N 169 
ILE H    H N N 170 
ILE H2   H N N 171 
ILE HA   H N N 172 
ILE HB   H N N 173 
ILE HG12 H N N 174 
ILE HG13 H N N 175 
ILE HG21 H N N 176 
ILE HG22 H N N 177 
ILE HG23 H N N 178 
ILE HD11 H N N 179 
ILE HD12 H N N 180 
ILE HD13 H N N 181 
ILE HXT  H N N 182 
LEU N    N N N 183 
LEU CA   C N S 184 
LEU C    C N N 185 
LEU O    O N N 186 
LEU CB   C N N 187 
LEU CG   C N N 188 
LEU CD1  C N N 189 
LEU CD2  C N N 190 
LEU OXT  O N N 191 
LEU H    H N N 192 
LEU H2   H N N 193 
LEU HA   H N N 194 
LEU HB2  H N N 195 
LEU HB3  H N N 196 
LEU HG   H N N 197 
LEU HD11 H N N 198 
LEU HD12 H N N 199 
LEU HD13 H N N 200 
LEU HD21 H N N 201 
LEU HD22 H N N 202 
LEU HD23 H N N 203 
LEU HXT  H N N 204 
LYS N    N N N 205 
LYS CA   C N S 206 
LYS C    C N N 207 
LYS O    O N N 208 
LYS CB   C N N 209 
LYS CG   C N N 210 
LYS CD   C N N 211 
LYS CE   C N N 212 
LYS NZ   N N N 213 
LYS OXT  O N N 214 
LYS H    H N N 215 
LYS H2   H N N 216 
LYS HA   H N N 217 
LYS HB2  H N N 218 
LYS HB3  H N N 219 
LYS HG2  H N N 220 
LYS HG3  H N N 221 
LYS HD2  H N N 222 
LYS HD3  H N N 223 
LYS HE2  H N N 224 
LYS HE3  H N N 225 
LYS HZ1  H N N 226 
LYS HZ2  H N N 227 
LYS HZ3  H N N 228 
LYS HXT  H N N 229 
MET N    N N N 230 
MET CA   C N S 231 
MET C    C N N 232 
MET O    O N N 233 
MET CB   C N N 234 
MET CG   C N N 235 
MET SD   S N N 236 
MET CE   C N N 237 
MET OXT  O N N 238 
MET H    H N N 239 
MET H2   H N N 240 
MET HA   H N N 241 
MET HB2  H N N 242 
MET HB3  H N N 243 
MET HG2  H N N 244 
MET HG3  H N N 245 
MET HE1  H N N 246 
MET HE2  H N N 247 
MET HE3  H N N 248 
MET HXT  H N N 249 
PHE N    N N N 250 
PHE CA   C N S 251 
PHE C    C N N 252 
PHE O    O N N 253 
PHE CB   C N N 254 
PHE CG   C Y N 255 
PHE CD1  C Y N 256 
PHE CD2  C Y N 257 
PHE CE1  C Y N 258 
PHE CE2  C Y N 259 
PHE CZ   C Y N 260 
PHE OXT  O N N 261 
PHE H    H N N 262 
PHE H2   H N N 263 
PHE HA   H N N 264 
PHE HB2  H N N 265 
PHE HB3  H N N 266 
PHE HD1  H N N 267 
PHE HD2  H N N 268 
PHE HE1  H N N 269 
PHE HE2  H N N 270 
PHE HZ   H N N 271 
PHE HXT  H N N 272 
PRO N    N N N 273 
PRO CA   C N S 274 
PRO C    C N N 275 
PRO O    O N N 276 
PRO CB   C N N 277 
PRO CG   C N N 278 
PRO CD   C N N 279 
PRO OXT  O N N 280 
PRO H    H N N 281 
PRO HA   H N N 282 
PRO HB2  H N N 283 
PRO HB3  H N N 284 
PRO HG2  H N N 285 
PRO HG3  H N N 286 
PRO HD2  H N N 287 
PRO HD3  H N N 288 
PRO HXT  H N N 289 
SEP N    N N N 290 
SEP CA   C N S 291 
SEP CB   C N N 292 
SEP OG   O N N 293 
SEP C    C N N 294 
SEP O    O N N 295 
SEP OXT  O N N 296 
SEP P    P N N 297 
SEP O1P  O N N 298 
SEP O2P  O N N 299 
SEP O3P  O N N 300 
SEP H    H N N 301 
SEP H2   H N N 302 
SEP HA   H N N 303 
SEP HB2  H N N 304 
SEP HB3  H N N 305 
SEP HXT  H N N 306 
SEP HOP2 H N N 307 
SEP HOP3 H N N 308 
SER N    N N N 309 
SER CA   C N S 310 
SER C    C N N 311 
SER O    O N N 312 
SER CB   C N N 313 
SER OG   O N N 314 
SER OXT  O N N 315 
SER H    H N N 316 
SER H2   H N N 317 
SER HA   H N N 318 
SER HB2  H N N 319 
SER HB3  H N N 320 
SER HG   H N N 321 
SER HXT  H N N 322 
THR N    N N N 323 
THR CA   C N S 324 
THR C    C N N 325 
THR O    O N N 326 
THR CB   C N R 327 
THR OG1  O N N 328 
THR CG2  C N N 329 
THR OXT  O N N 330 
THR H    H N N 331 
THR H2   H N N 332 
THR HA   H N N 333 
THR HB   H N N 334 
THR HG1  H N N 335 
THR HG21 H N N 336 
THR HG22 H N N 337 
THR HG23 H N N 338 
THR HXT  H N N 339 
TRP N    N N N 340 
TRP CA   C N S 341 
TRP C    C N N 342 
TRP O    O N N 343 
TRP CB   C N N 344 
TRP CG   C Y N 345 
TRP CD1  C Y N 346 
TRP CD2  C Y N 347 
TRP NE1  N Y N 348 
TRP CE2  C Y N 349 
TRP CE3  C Y N 350 
TRP CZ2  C Y N 351 
TRP CZ3  C Y N 352 
TRP CH2  C Y N 353 
TRP OXT  O N N 354 
TRP H    H N N 355 
TRP H2   H N N 356 
TRP HA   H N N 357 
TRP HB2  H N N 358 
TRP HB3  H N N 359 
TRP HD1  H N N 360 
TRP HE1  H N N 361 
TRP HE3  H N N 362 
TRP HZ2  H N N 363 
TRP HZ3  H N N 364 
TRP HH2  H N N 365 
TRP HXT  H N N 366 
TYR N    N N N 367 
TYR CA   C N S 368 
TYR C    C N N 369 
TYR O    O N N 370 
TYR CB   C N N 371 
TYR CG   C Y N 372 
TYR CD1  C Y N 373 
TYR CD2  C Y N 374 
TYR CE1  C Y N 375 
TYR CE2  C Y N 376 
TYR CZ   C Y N 377 
TYR OH   O N N 378 
TYR OXT  O N N 379 
TYR H    H N N 380 
TYR H2   H N N 381 
TYR HA   H N N 382 
TYR HB2  H N N 383 
TYR HB3  H N N 384 
TYR HD1  H N N 385 
TYR HD2  H N N 386 
TYR HE1  H N N 387 
TYR HE2  H N N 388 
TYR HH   H N N 389 
TYR HXT  H N N 390 
VAL N    N N N 391 
VAL CA   C N S 392 
VAL C    C N N 393 
VAL O    O N N 394 
VAL CB   C N N 395 
VAL CG1  C N N 396 
VAL CG2  C N N 397 
VAL OXT  O N N 398 
VAL H    H N N 399 
VAL H2   H N N 400 
VAL HA   H N N 401 
VAL HB   H N N 402 
VAL HG11 H N N 403 
VAL HG12 H N N 404 
VAL HG13 H N N 405 
VAL HG21 H N N 406 
VAL HG22 H N N 407 
VAL HG23 H N N 408 
VAL HXT  H N N 409 
# 
loop_
_chem_comp_bond.comp_id 
_chem_comp_bond.atom_id_1 
_chem_comp_bond.atom_id_2 
_chem_comp_bond.value_order 
_chem_comp_bond.pdbx_aromatic_flag 
_chem_comp_bond.pdbx_stereo_config 
_chem_comp_bond.pdbx_ordinal 
ALA N   CA   sing N N 1   
ALA N   H    sing N N 2   
ALA N   H2   sing N N 3   
ALA CA  C    sing N N 4   
ALA CA  CB   sing N N 5   
ALA CA  HA   sing N N 6   
ALA C   O    doub N N 7   
ALA C   OXT  sing N N 8   
ALA CB  HB1  sing N N 9   
ALA CB  HB2  sing N N 10  
ALA CB  HB3  sing N N 11  
ALA OXT HXT  sing N N 12  
ARG N   CA   sing N N 13  
ARG N   H    sing N N 14  
ARG N   H2   sing N N 15  
ARG CA  C    sing N N 16  
ARG CA  CB   sing N N 17  
ARG CA  HA   sing N N 18  
ARG C   O    doub N N 19  
ARG C   OXT  sing N N 20  
ARG CB  CG   sing N N 21  
ARG CB  HB2  sing N N 22  
ARG CB  HB3  sing N N 23  
ARG CG  CD   sing N N 24  
ARG CG  HG2  sing N N 25  
ARG CG  HG3  sing N N 26  
ARG CD  NE   sing N N 27  
ARG CD  HD2  sing N N 28  
ARG CD  HD3  sing N N 29  
ARG NE  CZ   sing N N 30  
ARG NE  HE   sing N N 31  
ARG CZ  NH1  sing N N 32  
ARG CZ  NH2  doub N N 33  
ARG NH1 HH11 sing N N 34  
ARG NH1 HH12 sing N N 35  
ARG NH2 HH21 sing N N 36  
ARG NH2 HH22 sing N N 37  
ARG OXT HXT  sing N N 38  
ASN N   CA   sing N N 39  
ASN N   H    sing N N 40  
ASN N   H2   sing N N 41  
ASN CA  C    sing N N 42  
ASN CA  CB   sing N N 43  
ASN CA  HA   sing N N 44  
ASN C   O    doub N N 45  
ASN C   OXT  sing N N 46  
ASN CB  CG   sing N N 47  
ASN CB  HB2  sing N N 48  
ASN CB  HB3  sing N N 49  
ASN CG  OD1  doub N N 50  
ASN CG  ND2  sing N N 51  
ASN ND2 HD21 sing N N 52  
ASN ND2 HD22 sing N N 53  
ASN OXT HXT  sing N N 54  
ASP N   CA   sing N N 55  
ASP N   H    sing N N 56  
ASP N   H2   sing N N 57  
ASP CA  C    sing N N 58  
ASP CA  CB   sing N N 59  
ASP CA  HA   sing N N 60  
ASP C   O    doub N N 61  
ASP C   OXT  sing N N 62  
ASP CB  CG   sing N N 63  
ASP CB  HB2  sing N N 64  
ASP CB  HB3  sing N N 65  
ASP CG  OD1  doub N N 66  
ASP CG  OD2  sing N N 67  
ASP OD2 HD2  sing N N 68  
ASP OXT HXT  sing N N 69  
CYS N   CA   sing N N 70  
CYS N   H    sing N N 71  
CYS N   H2   sing N N 72  
CYS CA  C    sing N N 73  
CYS CA  CB   sing N N 74  
CYS CA  HA   sing N N 75  
CYS C   O    doub N N 76  
CYS C   OXT  sing N N 77  
CYS CB  SG   sing N N 78  
CYS CB  HB2  sing N N 79  
CYS CB  HB3  sing N N 80  
CYS SG  HG   sing N N 81  
CYS OXT HXT  sing N N 82  
GLN N   CA   sing N N 83  
GLN N   H    sing N N 84  
GLN N   H2   sing N N 85  
GLN CA  C    sing N N 86  
GLN CA  CB   sing N N 87  
GLN CA  HA   sing N N 88  
GLN C   O    doub N N 89  
GLN C   OXT  sing N N 90  
GLN CB  CG   sing N N 91  
GLN CB  HB2  sing N N 92  
GLN CB  HB3  sing N N 93  
GLN CG  CD   sing N N 94  
GLN CG  HG2  sing N N 95  
GLN CG  HG3  sing N N 96  
GLN CD  OE1  doub N N 97  
GLN CD  NE2  sing N N 98  
GLN NE2 HE21 sing N N 99  
GLN NE2 HE22 sing N N 100 
GLN OXT HXT  sing N N 101 
GLU N   CA   sing N N 102 
GLU N   H    sing N N 103 
GLU N   H2   sing N N 104 
GLU CA  C    sing N N 105 
GLU CA  CB   sing N N 106 
GLU CA  HA   sing N N 107 
GLU C   O    doub N N 108 
GLU C   OXT  sing N N 109 
GLU CB  CG   sing N N 110 
GLU CB  HB2  sing N N 111 
GLU CB  HB3  sing N N 112 
GLU CG  CD   sing N N 113 
GLU CG  HG2  sing N N 114 
GLU CG  HG3  sing N N 115 
GLU CD  OE1  doub N N 116 
GLU CD  OE2  sing N N 117 
GLU OE2 HE2  sing N N 118 
GLU OXT HXT  sing N N 119 
GLY N   CA   sing N N 120 
GLY N   H    sing N N 121 
GLY N   H2   sing N N 122 
GLY CA  C    sing N N 123 
GLY CA  HA2  sing N N 124 
GLY CA  HA3  sing N N 125 
GLY C   O    doub N N 126 
GLY C   OXT  sing N N 127 
GLY OXT HXT  sing N N 128 
HIS N   CA   sing N N 129 
HIS N   H    sing N N 130 
HIS N   H2   sing N N 131 
HIS CA  C    sing N N 132 
HIS CA  CB   sing N N 133 
HIS CA  HA   sing N N 134 
HIS C   O    doub N N 135 
HIS C   OXT  sing N N 136 
HIS CB  CG   sing N N 137 
HIS CB  HB2  sing N N 138 
HIS CB  HB3  sing N N 139 
HIS CG  ND1  sing Y N 140 
HIS CG  CD2  doub Y N 141 
HIS ND1 CE1  doub Y N 142 
HIS ND1 HD1  sing N N 143 
HIS CD2 NE2  sing Y N 144 
HIS CD2 HD2  sing N N 145 
HIS CE1 NE2  sing Y N 146 
HIS CE1 HE1  sing N N 147 
HIS NE2 HE2  sing N N 148 
HIS OXT HXT  sing N N 149 
HOH O   H1   sing N N 150 
HOH O   H2   sing N N 151 
ILE N   CA   sing N N 152 
ILE N   H    sing N N 153 
ILE N   H2   sing N N 154 
ILE CA  C    sing N N 155 
ILE CA  CB   sing N N 156 
ILE CA  HA   sing N N 157 
ILE C   O    doub N N 158 
ILE C   OXT  sing N N 159 
ILE CB  CG1  sing N N 160 
ILE CB  CG2  sing N N 161 
ILE CB  HB   sing N N 162 
ILE CG1 CD1  sing N N 163 
ILE CG1 HG12 sing N N 164 
ILE CG1 HG13 sing N N 165 
ILE CG2 HG21 sing N N 166 
ILE CG2 HG22 sing N N 167 
ILE CG2 HG23 sing N N 168 
ILE CD1 HD11 sing N N 169 
ILE CD1 HD12 sing N N 170 
ILE CD1 HD13 sing N N 171 
ILE OXT HXT  sing N N 172 
LEU N   CA   sing N N 173 
LEU N   H    sing N N 174 
LEU N   H2   sing N N 175 
LEU CA  C    sing N N 176 
LEU CA  CB   sing N N 177 
LEU CA  HA   sing N N 178 
LEU C   O    doub N N 179 
LEU C   OXT  sing N N 180 
LEU CB  CG   sing N N 181 
LEU CB  HB2  sing N N 182 
LEU CB  HB3  sing N N 183 
LEU CG  CD1  sing N N 184 
LEU CG  CD2  sing N N 185 
LEU CG  HG   sing N N 186 
LEU CD1 HD11 sing N N 187 
LEU CD1 HD12 sing N N 188 
LEU CD1 HD13 sing N N 189 
LEU CD2 HD21 sing N N 190 
LEU CD2 HD22 sing N N 191 
LEU CD2 HD23 sing N N 192 
LEU OXT HXT  sing N N 193 
LYS N   CA   sing N N 194 
LYS N   H    sing N N 195 
LYS N   H2   sing N N 196 
LYS CA  C    sing N N 197 
LYS CA  CB   sing N N 198 
LYS CA  HA   sing N N 199 
LYS C   O    doub N N 200 
LYS C   OXT  sing N N 201 
LYS CB  CG   sing N N 202 
LYS CB  HB2  sing N N 203 
LYS CB  HB3  sing N N 204 
LYS CG  CD   sing N N 205 
LYS CG  HG2  sing N N 206 
LYS CG  HG3  sing N N 207 
LYS CD  CE   sing N N 208 
LYS CD  HD2  sing N N 209 
LYS CD  HD3  sing N N 210 
LYS CE  NZ   sing N N 211 
LYS CE  HE2  sing N N 212 
LYS CE  HE3  sing N N 213 
LYS NZ  HZ1  sing N N 214 
LYS NZ  HZ2  sing N N 215 
LYS NZ  HZ3  sing N N 216 
LYS OXT HXT  sing N N 217 
MET N   CA   sing N N 218 
MET N   H    sing N N 219 
MET N   H2   sing N N 220 
MET CA  C    sing N N 221 
MET CA  CB   sing N N 222 
MET CA  HA   sing N N 223 
MET C   O    doub N N 224 
MET C   OXT  sing N N 225 
MET CB  CG   sing N N 226 
MET CB  HB2  sing N N 227 
MET CB  HB3  sing N N 228 
MET CG  SD   sing N N 229 
MET CG  HG2  sing N N 230 
MET CG  HG3  sing N N 231 
MET SD  CE   sing N N 232 
MET CE  HE1  sing N N 233 
MET CE  HE2  sing N N 234 
MET CE  HE3  sing N N 235 
MET OXT HXT  sing N N 236 
PHE N   CA   sing N N 237 
PHE N   H    sing N N 238 
PHE N   H2   sing N N 239 
PHE CA  C    sing N N 240 
PHE CA  CB   sing N N 241 
PHE CA  HA   sing N N 242 
PHE C   O    doub N N 243 
PHE C   OXT  sing N N 244 
PHE CB  CG   sing N N 245 
PHE CB  HB2  sing N N 246 
PHE CB  HB3  sing N N 247 
PHE CG  CD1  doub Y N 248 
PHE CG  CD2  sing Y N 249 
PHE CD1 CE1  sing Y N 250 
PHE CD1 HD1  sing N N 251 
PHE CD2 CE2  doub Y N 252 
PHE CD2 HD2  sing N N 253 
PHE CE1 CZ   doub Y N 254 
PHE CE1 HE1  sing N N 255 
PHE CE2 CZ   sing Y N 256 
PHE CE2 HE2  sing N N 257 
PHE CZ  HZ   sing N N 258 
PHE OXT HXT  sing N N 259 
PRO N   CA   sing N N 260 
PRO N   CD   sing N N 261 
PRO N   H    sing N N 262 
PRO CA  C    sing N N 263 
PRO CA  CB   sing N N 264 
PRO CA  HA   sing N N 265 
PRO C   O    doub N N 266 
PRO C   OXT  sing N N 267 
PRO CB  CG   sing N N 268 
PRO CB  HB2  sing N N 269 
PRO CB  HB3  sing N N 270 
PRO CG  CD   sing N N 271 
PRO CG  HG2  sing N N 272 
PRO CG  HG3  sing N N 273 
PRO CD  HD2  sing N N 274 
PRO CD  HD3  sing N N 275 
PRO OXT HXT  sing N N 276 
SEP N   CA   sing N N 277 
SEP N   H    sing N N 278 
SEP N   H2   sing N N 279 
SEP CA  CB   sing N N 280 
SEP CA  C    sing N N 281 
SEP CA  HA   sing N N 282 
SEP CB  OG   sing N N 283 
SEP CB  HB2  sing N N 284 
SEP CB  HB3  sing N N 285 
SEP OG  P    sing N N 286 
SEP C   O    doub N N 287 
SEP C   OXT  sing N N 288 
SEP OXT HXT  sing N N 289 
SEP P   O1P  doub N N 290 
SEP P   O2P  sing N N 291 
SEP P   O3P  sing N N 292 
SEP O2P HOP2 sing N N 293 
SEP O3P HOP3 sing N N 294 
SER N   CA   sing N N 295 
SER N   H    sing N N 296 
SER N   H2   sing N N 297 
SER CA  C    sing N N 298 
SER CA  CB   sing N N 299 
SER CA  HA   sing N N 300 
SER C   O    doub N N 301 
SER C   OXT  sing N N 302 
SER CB  OG   sing N N 303 
SER CB  HB2  sing N N 304 
SER CB  HB3  sing N N 305 
SER OG  HG   sing N N 306 
SER OXT HXT  sing N N 307 
THR N   CA   sing N N 308 
THR N   H    sing N N 309 
THR N   H2   sing N N 310 
THR CA  C    sing N N 311 
THR CA  CB   sing N N 312 
THR CA  HA   sing N N 313 
THR C   O    doub N N 314 
THR C   OXT  sing N N 315 
THR CB  OG1  sing N N 316 
THR CB  CG2  sing N N 317 
THR CB  HB   sing N N 318 
THR OG1 HG1  sing N N 319 
THR CG2 HG21 sing N N 320 
THR CG2 HG22 sing N N 321 
THR CG2 HG23 sing N N 322 
THR OXT HXT  sing N N 323 
TRP N   CA   sing N N 324 
TRP N   H    sing N N 325 
TRP N   H2   sing N N 326 
TRP CA  C    sing N N 327 
TRP CA  CB   sing N N 328 
TRP CA  HA   sing N N 329 
TRP C   O    doub N N 330 
TRP C   OXT  sing N N 331 
TRP CB  CG   sing N N 332 
TRP CB  HB2  sing N N 333 
TRP CB  HB3  sing N N 334 
TRP CG  CD1  doub Y N 335 
TRP CG  CD2  sing Y N 336 
TRP CD1 NE1  sing Y N 337 
TRP CD1 HD1  sing N N 338 
TRP CD2 CE2  doub Y N 339 
TRP CD2 CE3  sing Y N 340 
TRP NE1 CE2  sing Y N 341 
TRP NE1 HE1  sing N N 342 
TRP CE2 CZ2  sing Y N 343 
TRP CE3 CZ3  doub Y N 344 
TRP CE3 HE3  sing N N 345 
TRP CZ2 CH2  doub Y N 346 
TRP CZ2 HZ2  sing N N 347 
TRP CZ3 CH2  sing Y N 348 
TRP CZ3 HZ3  sing N N 349 
TRP CH2 HH2  sing N N 350 
TRP OXT HXT  sing N N 351 
TYR N   CA   sing N N 352 
TYR N   H    sing N N 353 
TYR N   H2   sing N N 354 
TYR CA  C    sing N N 355 
TYR CA  CB   sing N N 356 
TYR CA  HA   sing N N 357 
TYR C   O    doub N N 358 
TYR C   OXT  sing N N 359 
TYR CB  CG   sing N N 360 
TYR CB  HB2  sing N N 361 
TYR CB  HB3  sing N N 362 
TYR CG  CD1  doub Y N 363 
TYR CG  CD2  sing Y N 364 
TYR CD1 CE1  sing Y N 365 
TYR CD1 HD1  sing N N 366 
TYR CD2 CE2  doub Y N 367 
TYR CD2 HD2  sing N N 368 
TYR CE1 CZ   doub Y N 369 
TYR CE1 HE1  sing N N 370 
TYR CE2 CZ   sing Y N 371 
TYR CE2 HE2  sing N N 372 
TYR CZ  OH   sing N N 373 
TYR OH  HH   sing N N 374 
TYR OXT HXT  sing N N 375 
VAL N   CA   sing N N 376 
VAL N   H    sing N N 377 
VAL N   H2   sing N N 378 
VAL CA  C    sing N N 379 
VAL CA  CB   sing N N 380 
VAL CA  HA   sing N N 381 
VAL C   O    doub N N 382 
VAL C   OXT  sing N N 383 
VAL CB  CG1  sing N N 384 
VAL CB  CG2  sing N N 385 
VAL CB  HB   sing N N 386 
VAL CG1 HG11 sing N N 387 
VAL CG1 HG12 sing N N 388 
VAL CG1 HG13 sing N N 389 
VAL CG2 HG21 sing N N 390 
VAL CG2 HG22 sing N N 391 
VAL CG2 HG23 sing N N 392 
VAL OXT HXT  sing N N 393 
# 
_pdbx_initial_refinement_model.accession_code   ? 
_pdbx_initial_refinement_model.id               1 
_pdbx_initial_refinement_model.entity_id_list   ? 
_pdbx_initial_refinement_model.type             other 
_pdbx_initial_refinement_model.source_name      ? 
_pdbx_initial_refinement_model.details          ACTOPHORIN 
# 
_atom_sites.entry_id                    1CNU 
_atom_sites.fract_transf_matrix[1][1]   0.00115971 
_atom_sites.fract_transf_matrix[1][2]   -0.01424148 
_atom_sites.fract_transf_matrix[1][3]   -0.02036298 
_atom_sites.fract_transf_matrix[2][1]   -0.02102758 
_atom_sites.fract_transf_matrix[2][2]   0.00304164 
_atom_sites.fract_transf_matrix[2][3]   -0.00332482 
_atom_sites.fract_transf_matrix[3][1]   0.00298674 
_atom_sites.fract_transf_matrix[3][2]   0.01180732 
_atom_sites.fract_transf_matrix[3][3]   -0.00808771 
_atom_sites.fract_transf_vector[1]      0.566495 
_atom_sites.fract_transf_vector[2]      0.581059 
_atom_sites.fract_transf_vector[3]      0.909571 
# 
loop_
_atom_type.symbol 
C 
N 
O 
S 
# 
loop_
_atom_site.group_PDB 
_atom_site.id 
_atom_site.type_symbol 
_atom_site.label_atom_id 
_atom_site.label_alt_id 
_atom_site.label_comp_id 
_atom_site.label_asym_id 
_atom_site.label_entity_id 
_atom_site.label_seq_id 
_atom_site.pdbx_PDB_ins_code 
_atom_site.Cartn_x 
_atom_site.Cartn_y 
_atom_site.Cartn_z 
_atom_site.occupancy 
_atom_site.B_iso_or_equiv 
_atom_site.pdbx_formal_charge 
_atom_site.auth_seq_id 
_atom_site.auth_comp_id 
_atom_site.auth_asym_id 
_atom_site.auth_atom_id 
_atom_site.pdbx_PDB_model_num 
ATOM   1    N N   . GLY A 1 2   ? 7.036   -17.644 -2.784  1.00 39.39 ? 2   GLY A N   1 
ATOM   2    C CA  . GLY A 1 2   ? 6.775   -18.452 -4.027  1.00 38.19 ? 2   GLY A CA  1 
ATOM   3    C C   . GLY A 1 2   ? 6.120   -17.540 -5.065  1.00 35.64 ? 2   GLY A C   1 
ATOM   4    O O   . GLY A 1 2   ? 6.400   -17.538 -6.257  1.00 35.66 ? 2   GLY A O   1 
ATOM   5    N N   . ILE A 1 3   ? 5.183   -16.759 -4.524  1.00 33.11 ? 3   ILE A N   1 
ATOM   6    C CA  . ILE A 1 3   ? 4.498   -15.773 -5.383  1.00 28.35 ? 3   ILE A CA  1 
ATOM   7    C C   . ILE A 1 3   ? 5.583   -14.792 -5.791  1.00 25.41 ? 3   ILE A C   1 
ATOM   8    O O   . ILE A 1 3   ? 6.433   -14.438 -4.991  1.00 23.12 ? 3   ILE A O   1 
ATOM   9    C CB  . ILE A 1 3   ? 3.285   -15.204 -4.633  1.00 27.92 ? 3   ILE A CB  1 
ATOM   10   C CG1 . ILE A 1 3   ? 2.357   -16.424 -4.367  1.00 28.20 ? 3   ILE A CG1 1 
ATOM   11   C CG2 . ILE A 1 3   ? 2.618   -14.111 -5.427  1.00 26.67 ? 3   ILE A CG2 1 
ATOM   12   C CD1 . ILE A 1 3   ? 0.910   -16.148 -4.018  1.00 27.78 ? 3   ILE A CD1 1 
ATOM   13   N N   . ALA A 1 4   ? 5.658   -14.483 -7.092  1.00 22.79 ? 4   ALA A N   1 
ATOM   14   C CA  . ALA A 1 4   ? 6.711   -13.538 -7.490  1.00 19.71 ? 4   ALA A CA  1 
ATOM   15   C C   . ALA A 1 4   ? 6.088   -12.159 -7.509  1.00 15.49 ? 4   ALA A C   1 
ATOM   16   O O   . ALA A 1 4   ? 4.865   -11.932 -7.506  1.00 3.01  ? 4   ALA A O   1 
ATOM   17   C CB  . ALA A 1 4   ? 7.343   -13.991 -8.818  1.00 21.00 ? 4   ALA A CB  1 
ATOM   18   N N   . VAL A 1 5   ? 6.883   -11.135 -7.471  1.00 16.80 ? 5   VAL A N   1 
ATOM   19   C CA  . VAL A 1 5   ? 6.460   -9.723  -7.532  1.00 17.46 ? 5   VAL A CA  1 
ATOM   20   C C   . VAL A 1 5   ? 6.819   -9.208  -8.923  1.00 17.88 ? 5   VAL A C   1 
ATOM   21   O O   . VAL A 1 5   ? 7.991   -9.312  -9.288  1.00 19.25 ? 5   VAL A O   1 
ATOM   22   C CB  . VAL A 1 5   ? 7.221   -8.929  -6.467  1.00 15.95 ? 5   VAL A CB  1 
ATOM   23   C CG1 . VAL A 1 5   ? 6.949   -7.444  -6.540  1.00 14.34 ? 5   VAL A CG1 1 
ATOM   24   C CG2 . VAL A 1 5   ? 6.851   -9.494  -5.085  1.00 16.69 ? 5   VAL A CG2 1 
ATOM   25   N N   . SER A 1 6   ? 5.881   -8.754  -9.727  1.00 20.01 ? 6   SER A N   1 
ATOM   26   C CA  . SER A 1 6   ? 6.256   -8.291  -11.054 1.00 22.27 ? 6   SER A CA  1 
ATOM   27   C C   . SER A 1 6   ? 7.129   -7.040  -10.942 1.00 23.14 ? 6   SER A C   1 
ATOM   28   O O   . SER A 1 6   ? 7.057   -6.184  -10.080 1.00 23.99 ? 6   SER A O   1 
ATOM   29   C CB  . SER A 1 6   ? 5.061   -8.064  -11.952 1.00 22.41 ? 6   SER A CB  1 
ATOM   30   O OG  . SER A 1 6   ? 4.379   -6.861  -11.731 1.00 24.41 ? 6   SER A OG  1 
ATOM   31   N N   . ASP A 1 7   ? 8.009   -6.894  -11.912 1.00 23.30 ? 7   ASP A N   1 
ATOM   32   C CA  . ASP A 1 7   ? 8.883   -5.770  -12.140 1.00 23.52 ? 7   ASP A CA  1 
ATOM   33   C C   . ASP A 1 7   ? 8.116   -4.446  -12.275 1.00 20.93 ? 7   ASP A C   1 
ATOM   34   O O   . ASP A 1 7   ? 8.686   -3.390  -12.011 1.00 17.26 ? 7   ASP A O   1 
ATOM   35   C CB  . ASP A 1 7   ? 9.628   -5.982  -13.465 1.00 25.42 ? 7   ASP A CB  1 
ATOM   36   C CG  . ASP A 1 7   ? 10.719  -7.014  -13.433 1.00 28.55 ? 7   ASP A CG  1 
ATOM   37   O OD1 . ASP A 1 7   ? 11.274  -7.400  -12.379 1.00 28.47 ? 7   ASP A OD1 1 
ATOM   38   O OD2 . ASP A 1 7   ? 11.054  -7.451  -14.570 1.00 30.88 ? 7   ASP A OD2 1 
ATOM   39   N N   . ASP A 1 8   ? 6.897   -4.497  -12.842 1.00 18.45 ? 8   ASP A N   1 
ATOM   40   C CA  . ASP A 1 8   ? 6.130   -3.263  -13.001 1.00 18.75 ? 8   ASP A CA  1 
ATOM   41   C C   . ASP A 1 8   ? 5.809   -2.751  -11.579 1.00 18.20 ? 8   ASP A C   1 
ATOM   42   O O   . ASP A 1 8   ? 5.745   -1.529  -11.452 1.00 18.50 ? 8   ASP A O   1 
ATOM   43   C CB  . ASP A 1 8   ? 4.931   -3.391  -13.913 1.00 17.74 ? 8   ASP A CB  1 
ATOM   44   C CG  . ASP A 1 8   ? 4.084   -2.210  -14.245 1.00 19.33 ? 8   ASP A CG  1 
ATOM   45   O OD1 . ASP A 1 8   ? 4.522   -1.177  -14.852 1.00 23.57 ? 8   ASP A OD1 1 
ATOM   46   O OD2 . ASP A 1 8   ? 2.881   -2.175  -13.912 1.00 18.34 ? 8   ASP A OD2 1 
ATOM   47   N N   . CYS A 1 9   ? 5.588   -3.620  -10.584 1.00 15.67 ? 9   CYS A N   1 
ATOM   48   C CA  . CYS A 1 9   ? 5.352   -3.202  -9.229  1.00 15.09 ? 9   CYS A CA  1 
ATOM   49   C C   . CYS A 1 9   ? 6.450   -2.223  -8.795  1.00 15.50 ? 9   CYS A C   1 
ATOM   50   O O   . CYS A 1 9   ? 6.210   -1.130  -8.314  1.00 14.32 ? 9   CYS A O   1 
ATOM   51   C CB  . CYS A 1 9   ? 5.333   -4.352  -8.202  1.00 14.61 ? 9   CYS A CB  1 
ATOM   52   S SG  . CYS A 1 9   ? 3.856   -5.434  -8.280  1.00 9.04  ? 9   CYS A SG  1 
ATOM   53   N N   . VAL A 1 10  ? 7.696   -2.621  -8.953  1.00 15.84 ? 10  VAL A N   1 
ATOM   54   C CA  . VAL A 1 10  ? 8.878   -1.867  -8.653  1.00 16.82 ? 10  VAL A CA  1 
ATOM   55   C C   . VAL A 1 10  ? 8.902   -0.546  -9.432  1.00 17.74 ? 10  VAL A C   1 
ATOM   56   O O   . VAL A 1 10  ? 9.185   0.584   -8.943  1.00 16.86 ? 10  VAL A O   1 
ATOM   57   C CB  . VAL A 1 10  ? 10.136  -2.665  -9.040  1.00 17.42 ? 10  VAL A CB  1 
ATOM   58   C CG1 . VAL A 1 10  ? 11.372  -1.824  -8.678  1.00 19.93 ? 10  VAL A CG1 1 
ATOM   59   C CG2 . VAL A 1 10  ? 10.158  -3.956  -8.248  1.00 18.44 ? 10  VAL A CG2 1 
ATOM   60   N N   . GLN A 1 11  ? 8.600   -0.773  -10.698 1.00 15.79 ? 11  GLN A N   1 
ATOM   61   C CA  . GLN A 1 11  ? 8.591   0.306   -11.671 1.00 19.53 ? 11  GLN A CA  1 
ATOM   62   C C   . GLN A 1 11  ? 7.609   1.403   -11.253 1.00 18.40 ? 11  GLN A C   1 
ATOM   63   O O   . GLN A 1 11  ? 8.036   2.553   -11.163 1.00 16.28 ? 11  GLN A O   1 
ATOM   64   C CB  . GLN A 1 11  ? 8.381   -0.268  -13.077 1.00 20.08 ? 11  GLN A CB  1 
ATOM   65   C CG  . GLN A 1 11  ? 7.983   0.859   -14.045 1.00 25.06 ? 11  GLN A CG  1 
ATOM   66   C CD  . GLN A 1 11  ? 9.150   1.786   -14.301 1.00 27.58 ? 11  GLN A CD  1 
ATOM   67   O OE1 . GLN A 1 11  ? 10.306  1.346   -14.191 1.00 29.92 ? 11  GLN A OE1 1 
ATOM   68   N NE2 . GLN A 1 11  ? 8.895   3.049   -14.624 1.00 28.71 ? 11  GLN A NE2 1 
ATOM   69   N N   . LYS A 1 12  ? 6.340   1.130   -10.967 1.00 17.73 ? 12  LYS A N   1 
ATOM   70   C CA  . LYS A 1 12  ? 5.428   2.168   -10.498 1.00 18.74 ? 12  LYS A CA  1 
ATOM   71   C C   . LYS A 1 12  ? 5.883   2.726   -9.144  1.00 19.37 ? 12  LYS A C   1 
ATOM   72   O O   . LYS A 1 12  ? 5.676   3.888   -8.761  1.00 17.50 ? 12  LYS A O   1 
ATOM   73   C CB  . LYS A 1 12  ? 4.005   1.623   -10.321 1.00 19.83 ? 12  LYS A CB  1 
ATOM   74   C CG  . LYS A 1 12  ? 3.065   1.771   -11.487 1.00 21.76 ? 12  LYS A CG  1 
ATOM   75   C CD  . LYS A 1 12  ? 3.455   1.070   -12.763 1.00 21.14 ? 12  LYS A CD  1 
ATOM   76   C CE  . LYS A 1 12  ? 2.754   1.760   -13.955 1.00 22.78 ? 12  LYS A CE  1 
ATOM   77   N NZ  . LYS A 1 12  ? 3.264   1.095   -15.203 1.00 22.71 ? 12  LYS A NZ  1 
ATOM   78   N N   . PHE A 1 13  ? 6.445   1.807   -8.323  1.00 18.93 ? 13  PHE A N   1 
ATOM   79   C CA  . PHE A 1 13  ? 6.952   2.235   -7.026  1.00 18.76 ? 13  PHE A CA  1 
ATOM   80   C C   . PHE A 1 13  ? 8.048   3.283   -7.193  1.00 17.25 ? 13  PHE A C   1 
ATOM   81   O O   . PHE A 1 13  ? 8.088   4.209   -6.433  1.00 17.24 ? 13  PHE A O   1 
ATOM   82   C CB  . PHE A 1 13  ? 7.455   1.047   -6.203  1.00 18.60 ? 13  PHE A CB  1 
ATOM   83   C CG  . PHE A 1 13  ? 8.143   1.436   -4.934  1.00 18.71 ? 13  PHE A CG  1 
ATOM   84   C CD1 . PHE A 1 13  ? 7.421   1.867   -3.835  1.00 19.08 ? 13  PHE A CD1 1 
ATOM   85   C CD2 . PHE A 1 13  ? 9.531   1.431   -4.868  1.00 19.66 ? 13  PHE A CD2 1 
ATOM   86   C CE1 . PHE A 1 13  ? 8.069   2.229   -2.656  1.00 19.78 ? 13  PHE A CE1 1 
ATOM   87   C CE2 . PHE A 1 13  ? 10.179  1.818   -3.692  1.00 19.99 ? 13  PHE A CE2 1 
ATOM   88   C CZ  . PHE A 1 13  ? 9.442   2.194   -2.583  1.00 18.95 ? 13  PHE A CZ  1 
ATOM   89   N N   . ASN A 1 14  ? 8.980   3.138   -8.102  1.00 18.56 ? 14  ASN A N   1 
ATOM   90   C CA  . ASN A 1 14  ? 10.096  4.007   -8.372  1.00 19.58 ? 14  ASN A CA  1 
ATOM   91   C C   . ASN A 1 14  ? 9.571   5.338   -8.909  1.00 19.11 ? 14  ASN A C   1 
ATOM   92   O O   . ASN A 1 14  ? 10.134  6.375   -8.594  1.00 18.69 ? 14  ASN A O   1 
ATOM   93   C CB  . ASN A 1 14  ? 11.122  3.413   -9.332  1.00 19.81 ? 14  ASN A CB  1 
ATOM   94   C CG  . ASN A 1 14  ? 11.981  2.262   -8.907  1.00 21.81 ? 14  ASN A CG  1 
ATOM   95   O OD1 . ASN A 1 14  ? 12.427  1.401   -9.702  1.00 20.75 ? 14  ASN A OD1 1 
ATOM   96   N ND2 . ASN A 1 14  ? 12.313  2.159   -7.622  1.00 21.94 ? 14  ASN A ND2 1 
ATOM   97   N N   . GLU A 1 15  ? 8.476   5.333   -9.656  1.00 19.60 ? 15  GLU A N   1 
ATOM   98   C CA  . GLU A 1 15  ? 7.871   6.567   -10.148 1.00 19.48 ? 15  GLU A CA  1 
ATOM   99   C C   . GLU A 1 15  ? 7.393   7.433   -8.991  1.00 20.32 ? 15  GLU A C   1 
ATOM   100  O O   . GLU A 1 15  ? 7.710   8.635   -8.863  1.00 18.32 ? 15  GLU A O   1 
ATOM   101  C CB  . GLU A 1 15  ? 6.709   6.228   -11.091 1.00 18.08 ? 15  GLU A CB  1 
ATOM   102  C CG  . GLU A 1 15  ? 7.364   5.664   -12.344 1.00 19.23 ? 15  GLU A CG  1 
ATOM   103  C CD  . GLU A 1 15  ? 6.532   5.089   -13.442 1.00 18.16 ? 15  GLU A CD  1 
ATOM   104  O OE1 . GLU A 1 15  ? 5.306   4.908   -13.321 1.00 20.03 ? 15  GLU A OE1 1 
ATOM   105  O OE2 . GLU A 1 15  ? 7.124   4.783   -14.499 1.00 19.20 ? 15  GLU A OE2 1 
ATOM   106  N N   . LEU A 1 16  ? 6.641   6.719   -8.117  1.00 17.96 ? 16  LEU A N   1 
ATOM   107  C CA  . LEU A 1 16  ? 6.147   7.395   -6.923  1.00 16.15 ? 16  LEU A CA  1 
ATOM   108  C C   . LEU A 1 16  ? 7.359   7.876   -6.126  1.00 16.69 ? 16  LEU A C   1 
ATOM   109  O O   . LEU A 1 16  ? 7.483   9.040   -5.747  1.00 16.08 ? 16  LEU A O   1 
ATOM   110  C CB  . LEU A 1 16  ? 5.267   6.425   -6.137  1.00 15.03 ? 16  LEU A CB  1 
ATOM   111  C CG  . LEU A 1 16  ? 4.870   6.764   -4.711  1.00 15.19 ? 16  LEU A CG  1 
ATOM   112  C CD1 . LEU A 1 16  ? 3.556   6.050   -4.373  1.00 14.10 ? 16  LEU A CD1 1 
ATOM   113  C CD2 . LEU A 1 16  ? 5.984   6.415   -3.721  1.00 12.73 ? 16  LEU A CD2 1 
ATOM   114  N N   . LYS A 1 17  ? 8.327   7.000   -5.876  1.00 15.63 ? 17  LYS A N   1 
ATOM   115  C CA  . LYS A 1 17  ? 9.448   7.350   -5.043  1.00 18.33 ? 17  LYS A CA  1 
ATOM   116  C C   . LYS A 1 17  ? 10.541  8.271   -5.591  1.00 19.68 ? 17  LYS A C   1 
ATOM   117  O O   . LYS A 1 17  ? 11.062  9.099   -4.851  1.00 19.66 ? 17  LYS A O   1 
ATOM   118  C CB  . LYS A 1 17  ? 10.142  6.074   -4.517  1.00 18.02 ? 17  LYS A CB  1 
ATOM   119  C CG  . LYS A 1 17  ? 11.185  6.452   -3.485  1.00 17.95 ? 17  LYS A CG  1 
ATOM   120  C CD  . LYS A 1 17  ? 12.292  5.500   -3.298  1.00 20.69 ? 17  LYS A CD  1 
ATOM   121  C CE  . LYS A 1 17  ? 12.749  4.425   -4.249  1.00 19.67 ? 17  LYS A CE  1 
ATOM   122  N NZ  . LYS A 1 17  ? 13.721  3.511   -3.496  1.00 19.32 ? 17  LYS A NZ  1 
ATOM   123  N N   . LEU A 1 18  ? 10.961  8.058   -6.802  1.00 20.52 ? 18  LEU A N   1 
ATOM   124  C CA  . LEU A 1 18  ? 12.034  8.783   -7.435  1.00 23.42 ? 18  LEU A CA  1 
ATOM   125  C C   . LEU A 1 18  ? 11.488  10.055  -8.063  1.00 23.52 ? 18  LEU A C   1 
ATOM   126  O O   . LEU A 1 18  ? 12.172  11.045  -7.925  1.00 24.49 ? 18  LEU A O   1 
ATOM   127  C CB  . LEU A 1 18  ? 12.700  7.896   -8.497  1.00 21.69 ? 18  LEU A CB  1 
ATOM   128  C CG  . LEU A 1 18  ? 13.975  7.148   -8.140  1.00 22.74 ? 18  LEU A CG  1 
ATOM   129  C CD1 . LEU A 1 18  ? 14.190  6.830   -6.669  1.00 21.00 ? 18  LEU A CD1 1 
ATOM   130  C CD2 . LEU A 1 18  ? 14.088  5.878   -8.958  1.00 21.79 ? 18  LEU A CD2 1 
ATOM   131  N N   . GLY A 1 19  ? 10.329  10.027  -8.702  1.00 25.17 ? 19  GLY A N   1 
ATOM   132  C CA  . GLY A 1 19  ? 9.845   11.259  -9.323  1.00 25.41 ? 19  GLY A CA  1 
ATOM   133  C C   . GLY A 1 19  ? 8.572   11.804  -8.736  1.00 27.29 ? 19  GLY A C   1 
ATOM   134  O O   . GLY A 1 19  ? 7.873   12.582  -9.406  1.00 26.14 ? 19  GLY A O   1 
ATOM   135  N N   . HIS A 1 20  ? 8.143   11.324  -7.537  1.00 26.53 ? 20  HIS A N   1 
ATOM   136  C CA  . HIS A 1 20  ? 6.893   11.825  -6.981  1.00 26.57 ? 20  HIS A CA  1 
ATOM   137  C C   . HIS A 1 20  ? 5.805   11.843  -8.042  1.00 26.85 ? 20  HIS A C   1 
ATOM   138  O O   . HIS A 1 20  ? 4.949   12.739  -8.014  1.00 28.58 ? 20  HIS A O   1 
ATOM   139  C CB  . HIS A 1 20  ? 7.040   13.209  -6.332  1.00 28.09 ? 20  HIS A CB  1 
ATOM   140  C CG  . HIS A 1 20  ? 8.266   13.256  -5.474  1.00 30.58 ? 20  HIS A CG  1 
ATOM   141  N ND1 . HIS A 1 20  ? 8.345   12.675  -4.219  1.00 32.24 ? 20  HIS A ND1 1 
ATOM   142  C CD2 . HIS A 1 20  ? 9.486   13.785  -5.725  1.00 31.81 ? 20  HIS A CD2 1 
ATOM   143  C CE1 . HIS A 1 20  ? 9.570   12.845  -3.750  1.00 32.44 ? 20  HIS A CE1 1 
ATOM   144  N NE2 . HIS A 1 20  ? 10.282  13.516  -4.637  1.00 32.80 ? 20  HIS A NE2 1 
ATOM   145  N N   . GLN A 1 21  ? 5.697   10.792  -8.864  1.00 25.68 ? 21  GLN A N   1 
ATOM   146  C CA  . GLN A 1 21  ? 4.688   10.733  -9.909  1.00 23.33 ? 21  GLN A CA  1 
ATOM   147  C C   . GLN A 1 21  ? 3.337   10.287  -9.438  1.00 21.19 ? 21  GLN A C   1 
ATOM   148  O O   . GLN A 1 21  ? 2.331   10.522  -10.111 1.00 20.80 ? 21  GLN A O   1 
ATOM   149  C CB  . GLN A 1 21  ? 5.156   9.772   -11.008 1.00 24.64 ? 21  GLN A CB  1 
ATOM   150  C CG  . GLN A 1 21  ? 6.222   10.303  -11.939 1.00 26.36 ? 21  GLN A CG  1 
ATOM   151  C CD  . GLN A 1 21  ? 6.550   9.298   -13.038 1.00 27.89 ? 21  GLN A CD  1 
ATOM   152  O OE1 . GLN A 1 21  ? 7.704   9.048   -13.347 1.00 28.90 ? 21  GLN A OE1 1 
ATOM   153  N NE2 . GLN A 1 21  ? 5.535   8.678   -13.634 1.00 28.67 ? 21  GLN A NE2 1 
ATOM   154  N N   . HIS A 1 22  ? 3.278   9.493   -8.363  1.00 20.44 ? 22  HIS A N   1 
ATOM   155  C CA  . HIS A 1 22  ? 1.984   9.004   -7.903  1.00 20.86 ? 22  HIS A CA  1 
ATOM   156  C C   . HIS A 1 22  ? 1.762   9.196   -6.408  1.00 18.27 ? 22  HIS A C   1 
ATOM   157  O O   . HIS A 1 22  ? 2.700   8.965   -5.663  1.00 17.23 ? 22  HIS A O   1 
ATOM   158  C CB  . HIS A 1 22  ? 1.839   7.491   -8.169  1.00 21.91 ? 22  HIS A CB  1 
ATOM   159  C CG  . HIS A 1 22  ? 2.255   7.104   -9.558  1.00 22.70 ? 22  HIS A CG  1 
ATOM   160  N ND1 . HIS A 1 22  ? 1.642   7.630   -10.683 1.00 23.46 ? 22  HIS A ND1 1 
ATOM   161  C CD2 . HIS A 1 22  ? 3.216   6.276   -9.996  1.00 22.57 ? 22  HIS A CD2 1 
ATOM   162  C CE1 . HIS A 1 22  ? 2.217   7.114   -11.754 1.00 23.41 ? 22  HIS A CE1 1 
ATOM   163  N NE2 . HIS A 1 22  ? 3.166   6.290   -11.369 1.00 22.45 ? 22  HIS A NE2 1 
ATOM   164  N N   . ARG A 1 23  ? 0.522   9.459   -6.009  1.00 17.13 ? 23  ARG A N   1 
ATOM   165  C CA  . ARG A 1 23  ? 0.252   9.611   -4.562  1.00 15.12 ? 23  ARG A CA  1 
ATOM   166  C C   . ARG A 1 23  ? 0.248   8.228   -3.896  1.00 14.69 ? 23  ARG A C   1 
ATOM   167  O O   . ARG A 1 23  ? 0.655   8.081   -2.751  1.00 15.09 ? 23  ARG A O   1 
ATOM   168  C CB  . ARG A 1 23  ? -1.026  10.394  -4.311  1.00 11.23 ? 23  ARG A CB  1 
ATOM   169  C CG  . ARG A 1 23  ? -1.447  10.571  -2.844  1.00 12.21 ? 23  ARG A CG  1 
ATOM   170  C CD  . ARG A 1 23  ? -0.329  11.204  -1.997  1.00 10.91 ? 23  ARG A CD  1 
ATOM   171  N NE  . ARG A 1 23  ? 0.015   12.475  -2.625  1.00 12.54 ? 23  ARG A NE  1 
ATOM   172  C CZ  . ARG A 1 23  ? 1.169   13.098  -2.683  1.00 12.03 ? 23  ARG A CZ  1 
ATOM   173  N NH1 . ARG A 1 23  ? 2.230   12.614  -2.080  1.00 10.20 ? 23  ARG A NH1 1 
ATOM   174  N NH2 . ARG A 1 23  ? 1.161   14.252  -3.351  1.00 12.58 ? 23  ARG A NH2 1 
ATOM   175  N N   . TYR A 1 24  ? -0.181  7.191   -4.600  1.00 13.99 ? 24  TYR A N   1 
ATOM   176  C CA  . TYR A 1 24  ? -0.200  5.827   -4.102  1.00 14.55 ? 24  TYR A CA  1 
ATOM   177  C C   . TYR A 1 24  ? -0.298  4.848   -5.276  1.00 14.18 ? 24  TYR A C   1 
ATOM   178  O O   . TYR A 1 24  ? -0.745  5.271   -6.331  1.00 15.04 ? 24  TYR A O   1 
ATOM   179  C CB  . TYR A 1 24  ? -1.403  5.570   -3.172  1.00 13.39 ? 24  TYR A CB  1 
ATOM   180  C CG  . TYR A 1 24  ? -2.745  5.762   -3.856  1.00 12.78 ? 24  TYR A CG  1 
ATOM   181  C CD1 . TYR A 1 24  ? -3.369  4.730   -4.544  1.00 13.23 ? 24  TYR A CD1 1 
ATOM   182  C CD2 . TYR A 1 24  ? -3.377  6.995   -3.853  1.00 12.39 ? 24  TYR A CD2 1 
ATOM   183  C CE1 . TYR A 1 24  ? -4.591  4.933   -5.174  1.00 13.56 ? 24  TYR A CE1 1 
ATOM   184  C CE2 . TYR A 1 24  ? -4.627  7.188   -4.400  1.00 10.92 ? 24  TYR A CE2 1 
ATOM   185  C CZ  . TYR A 1 24  ? -5.216  6.166   -5.081  1.00 12.42 ? 24  TYR A CZ  1 
ATOM   186  O OH  . TYR A 1 24  ? -6.421  6.349   -5.721  1.00 13.07 ? 24  TYR A OH  1 
ATOM   187  N N   . VAL A 1 25  ? 0.069   3.606   -5.085  1.00 15.63 ? 25  VAL A N   1 
ATOM   188  C CA  . VAL A 1 25  ? 0.007   2.478   -5.971  1.00 16.06 ? 25  VAL A CA  1 
ATOM   189  C C   . VAL A 1 25  ? -0.558  1.337   -5.094  1.00 17.89 ? 25  VAL A C   1 
ATOM   190  O O   . VAL A 1 25  ? -0.137  1.074   -3.956  1.00 18.50 ? 25  VAL A O   1 
ATOM   191  C CB  . VAL A 1 25  ? 1.323   1.963   -6.558  1.00 17.10 ? 25  VAL A CB  1 
ATOM   192  C CG1 . VAL A 1 25  ? 1.155   0.864   -7.603  1.00 15.51 ? 25  VAL A CG1 1 
ATOM   193  C CG2 . VAL A 1 25  ? 2.191   3.088   -7.145  1.00 17.10 ? 25  VAL A CG2 1 
ATOM   194  N N   . THR A 1 26  ? -1.538  0.640   -5.648  1.00 19.05 ? 26  THR A N   1 
ATOM   195  C CA  . THR A 1 26  ? -2.090  -0.525  -4.938  1.00 18.44 ? 26  THR A CA  1 
ATOM   196  C C   . THR A 1 26  ? -1.640  -1.743  -5.783  1.00 18.33 ? 26  THR A C   1 
ATOM   197  O O   . THR A 1 26  ? -1.285  -1.621  -6.962  1.00 16.00 ? 26  THR A O   1 
ATOM   198  C CB  . THR A 1 26  ? -3.569  -0.541  -4.595  1.00 16.06 ? 26  THR A CB  1 
ATOM   199  O OG1 . THR A 1 26  ? -4.388  -0.825  -5.703  1.00 15.17 ? 26  THR A OG1 1 
ATOM   200  C CG2 . THR A 1 26  ? -4.058  0.802   -4.014  1.00 18.06 ? 26  THR A CG2 1 
ATOM   201  N N   . PHE A 1 27  ? -1.487  -2.850  -5.053  1.00 15.74 ? 27  PHE A N   1 
ATOM   202  C CA  . PHE A 1 27  ? -1.023  -4.101  -5.584  1.00 14.84 ? 27  PHE A CA  1 
ATOM   203  C C   . PHE A 1 27  ? -1.954  -5.229  -5.171  1.00 15.18 ? 27  PHE A C   1 
ATOM   204  O O   . PHE A 1 27  ? -2.455  -5.249  -4.047  1.00 15.03 ? 27  PHE A O   1 
ATOM   205  C CB  . PHE A 1 27  ? 0.382   -4.415  -5.037  1.00 15.00 ? 27  PHE A CB  1 
ATOM   206  C CG  . PHE A 1 27  ? 1.373   -3.290  -5.180  1.00 16.24 ? 27  PHE A CG  1 
ATOM   207  C CD1 . PHE A 1 27  ? 2.039   -3.062  -6.359  1.00 14.90 ? 27  PHE A CD1 1 
ATOM   208  C CD2 . PHE A 1 27  ? 1.583   -2.407  -4.119  1.00 16.43 ? 27  PHE A CD2 1 
ATOM   209  C CE1 . PHE A 1 27  ? 2.946   -2.028  -6.482  1.00 16.66 ? 27  PHE A CE1 1 
ATOM   210  C CE2 . PHE A 1 27  ? 2.490   -1.377  -4.216  1.00 15.63 ? 27  PHE A CE2 1 
ATOM   211  C CZ  . PHE A 1 27  ? 3.166   -1.182  -5.413  1.00 17.65 ? 27  PHE A CZ  1 
ATOM   212  N N   . LYS A 1 28  ? -2.157  -6.171  -6.085  1.00 16.29 ? 28  LYS A N   1 
ATOM   213  C CA  . LYS A 1 28  ? -2.989  -7.333  -5.820  1.00 17.65 ? 28  LYS A CA  1 
ATOM   214  C C   . LYS A 1 28  ? -2.411  -8.597  -6.493  1.00 19.02 ? 28  LYS A C   1 
ATOM   215  O O   . LYS A 1 28  ? -1.560  -8.563  -7.395  1.00 17.33 ? 28  LYS A O   1 
ATOM   216  C CB  . LYS A 1 28  ? -4.441  -7.170  -6.278  1.00 15.28 ? 28  LYS A CB  1 
ATOM   217  C CG  . LYS A 1 28  ? -4.559  -7.290  -7.776  1.00 16.05 ? 28  LYS A CG  1 
ATOM   218  C CD  . LYS A 1 28  ? -5.929  -7.296  -8.406  1.00 18.39 ? 28  LYS A CD  1 
ATOM   219  C CE  . LYS A 1 28  ? -5.701  -7.654  -9.905  1.00 20.03 ? 28  LYS A CE  1 
ATOM   220  N NZ  . LYS A 1 28  ? -6.907  -7.688  -10.772 1.00 17.83 ? 28  LYS A NZ  1 
ATOM   221  N N   . MET A 1 29  ? -2.956  -9.711  -5.992  1.00 19.47 ? 29  MET A N   1 
ATOM   222  C CA  . MET A 1 29  ? -2.598  -11.007 -6.550  1.00 21.67 ? 29  MET A CA  1 
ATOM   223  C C   . MET A 1 29  ? -3.200  -11.076 -7.963  1.00 22.54 ? 29  MET A C   1 
ATOM   224  O O   . MET A 1 29  ? -4.361  -10.700 -8.146  1.00 21.78 ? 29  MET A O   1 
ATOM   225  C CB  . MET A 1 29  ? -3.191  -12.113 -5.670  1.00 20.91 ? 29  MET A CB  1 
ATOM   226  C CG  . MET A 1 29  ? -2.437  -12.407 -4.404  1.00 22.33 ? 29  MET A CG  1 
ATOM   227  S SD  . MET A 1 29  ? -0.635  -12.409 -4.521  1.00 22.91 ? 29  MET A SD  1 
ATOM   228  C CE  . MET A 1 29  ? -0.242  -12.060 -2.800  1.00 18.97 ? 29  MET A CE  1 
ATOM   229  N N   . ASN A 1 30  ? -2.434  -11.516 -8.956  1.00 25.34 ? 30  ASN A N   1 
ATOM   230  C CA  . ASN A 1 30  ? -2.936  -11.681 -10.317 1.00 25.58 ? 30  ASN A CA  1 
ATOM   231  C C   . ASN A 1 30  ? -3.987  -12.784 -10.313 1.00 27.63 ? 30  ASN A C   1 
ATOM   232  O O   . ASN A 1 30  ? -4.132  -13.500 -9.310  1.00 27.97 ? 30  ASN A O   1 
ATOM   233  C CB  . ASN A 1 30  ? -1.863  -12.015 -11.320 1.00 25.95 ? 30  ASN A CB  1 
ATOM   234  C CG  . ASN A 1 30  ? -1.199  -13.366 -11.174 1.00 25.79 ? 30  ASN A CG  1 
ATOM   235  O OD1 . ASN A 1 30  ? -1.610  -14.297 -10.512 1.00 25.40 ? 30  ASN A OD1 1 
ATOM   236  N ND2 . ASN A 1 30  ? -0.062  -13.510 -11.850 1.00 27.37 ? 30  ASN A ND2 1 
ATOM   237  N N   . ALA A 1 31  ? -4.716  -12.926 -11.415 1.00 29.23 ? 31  ALA A N   1 
ATOM   238  C CA  . ALA A 1 31  ? -5.787  -13.913 -11.482 1.00 31.22 ? 31  ALA A CA  1 
ATOM   239  C C   . ALA A 1 31  ? -5.305  -15.332 -11.258 1.00 32.23 ? 31  ALA A C   1 
ATOM   240  O O   . ALA A 1 31  ? -6.030  -16.207 -10.798 1.00 32.59 ? 31  ALA A O   1 
ATOM   241  C CB  . ALA A 1 31  ? -6.477  -13.816 -12.842 1.00 31.51 ? 31  ALA A CB  1 
ATOM   242  N N   . SER A 1 32  ? -4.075  -15.602 -11.641 1.00 34.09 ? 32  SER A N   1 
ATOM   243  C CA  . SER A 1 32  ? -3.455  -16.919 -11.531 1.00 36.13 ? 32  SER A CA  1 
ATOM   244  C C   . SER A 1 32  ? -2.851  -17.200 -10.175 1.00 36.27 ? 32  SER A C   1 
ATOM   245  O O   . SER A 1 32  ? -2.459  -18.325 -9.844  1.00 37.06 ? 32  SER A O   1 
ATOM   246  C CB  . SER A 1 32  ? -2.377  -16.969 -12.642 1.00 35.53 ? 32  SER A CB  1 
ATOM   247  O OG  . SER A 1 32  ? -2.248  -15.623 -13.118 1.00 33.62 ? 32  SER A OG  1 
ATOM   248  N N   . ASN A 1 33  ? -2.688  -16.145 -9.367  1.00 34.71 ? 33  ASN A N   1 
ATOM   249  C CA  . ASN A 1 33  ? -2.101  -16.284 -8.033  1.00 34.00 ? 33  ASN A CA  1 
ATOM   250  C C   . ASN A 1 33  ? -0.633  -16.680 -8.110  1.00 31.24 ? 33  ASN A C   1 
ATOM   251  O O   . ASN A 1 33  ? -0.014  -17.234 -7.225  1.00 29.99 ? 33  ASN A O   1 
ATOM   252  C CB  . ASN A 1 33  ? -2.936  -17.250 -7.202  1.00 36.24 ? 33  ASN A CB  1 
ATOM   253  C CG  . ASN A 1 33  ? -4.219  -16.650 -6.664  1.00 38.44 ? 33  ASN A CG  1 
ATOM   254  O OD1 . ASN A 1 33  ? -4.383  -15.427 -6.554  1.00 38.96 ? 33  ASN A OD1 1 
ATOM   255  N ND2 . ASN A 1 33  ? -5.169  -17.496 -6.271  1.00 39.25 ? 33  ASN A ND2 1 
ATOM   256  N N   . THR A 1 34  ? 0.004   -16.234 -9.175  1.00 29.77 ? 34  THR A N   1 
ATOM   257  C CA  . THR A 1 34  ? 1.385   -16.471 -9.478  1.00 30.31 ? 34  THR A CA  1 
ATOM   258  C C   . THR A 1 34  ? 2.292   -15.260 -9.251  1.00 27.47 ? 34  THR A C   1 
ATOM   259  O O   . THR A 1 34  ? 3.490   -15.422 -9.140  1.00 27.76 ? 34  THR A O   1 
ATOM   260  C CB  . THR A 1 34  ? 1.503   -16.669 -11.022 1.00 30.52 ? 34  THR A CB  1 
ATOM   261  O OG1 . THR A 1 34  ? 0.405   -17.478 -11.395 1.00 33.72 ? 34  THR A OG1 1 
ATOM   262  C CG2 . THR A 1 34  ? 2.820   -17.366 -11.273 1.00 32.02 ? 34  THR A CG2 1 
ATOM   263  N N   . GLU A 1 35  ? 1.687   -14.090 -9.289  1.00 23.83 ? 35  GLU A N   1 
ATOM   264  C CA  . GLU A 1 35  ? 2.528   -12.897 -9.183  1.00 23.21 ? 35  GLU A CA  1 
ATOM   265  C C   . GLU A 1 35  ? 1.783   -11.760 -8.508  1.00 19.16 ? 35  GLU A C   1 
ATOM   266  O O   . GLU A 1 35  ? 0.546   -11.756 -8.518  1.00 16.91 ? 35  GLU A O   1 
ATOM   267  C CB  . GLU A 1 35  ? 2.888   -12.647 -10.653 1.00 25.04 ? 35  GLU A CB  1 
ATOM   268  C CG  . GLU A 1 35  ? 3.734   -11.450 -10.944 1.00 27.30 ? 35  GLU A CG  1 
ATOM   269  C CD  . GLU A 1 35  ? 4.391   -11.480 -12.305 1.00 27.25 ? 35  GLU A CD  1 
ATOM   270  O OE1 . GLU A 1 35  ? 3.808   -11.029 -13.303 1.00 29.59 ? 35  GLU A OE1 1 
ATOM   271  O OE2 . GLU A 1 35  ? 5.547   -11.928 -12.364 1.00 29.54 ? 35  GLU A OE2 1 
ATOM   272  N N   . VAL A 1 36  ? 2.531   -10.831 -7.928  1.00 17.18 ? 36  VAL A N   1 
ATOM   273  C CA  . VAL A 1 36  ? 1.829   -9.650  -7.409  1.00 16.39 ? 36  VAL A CA  1 
ATOM   274  C C   . VAL A 1 36  ? 1.919   -8.570  -8.511  1.00 16.15 ? 36  VAL A C   1 
ATOM   275  O O   . VAL A 1 36  ? 2.974   -8.422  -9.127  1.00 14.08 ? 36  VAL A O   1 
ATOM   276  C CB  . VAL A 1 36  ? 2.147   -9.207  -6.014  1.00 17.95 ? 36  VAL A CB  1 
ATOM   277  C CG1 . VAL A 1 36  ? 3.290   -9.934  -5.366  1.00 18.74 ? 36  VAL A CG1 1 
ATOM   278  C CG2 . VAL A 1 36  ? 2.296   -7.683  -5.898  1.00 18.53 ? 36  VAL A CG2 1 
ATOM   279  N N   . VAL A 1 37  ? 0.747   -8.008  -8.848  1.00 14.44 ? 37  VAL A N   1 
ATOM   280  C CA  . VAL A 1 37  ? 0.630   -7.049  -9.942  1.00 13.56 ? 37  VAL A CA  1 
ATOM   281  C C   . VAL A 1 37  ? 0.034   -5.725  -9.490  1.00 14.46 ? 37  VAL A C   1 
ATOM   282  O O   . VAL A 1 37  ? -0.489  -5.594  -8.388  1.00 14.70 ? 37  VAL A O   1 
ATOM   283  C CB  . VAL A 1 37  ? -0.169  -7.620  -11.127 1.00 11.39 ? 37  VAL A CB  1 
ATOM   284  C CG1 . VAL A 1 37  ? 0.483   -8.900  -11.670 1.00 9.73  ? 37  VAL A CG1 1 
ATOM   285  C CG2 . VAL A 1 37  ? -1.633  -7.944  -10.824 1.00 7.10  ? 37  VAL A CG2 1 
ATOM   286  N N   . VAL A 1 38  ? 0.171   -4.695  -10.327 1.00 15.70 ? 38  VAL A N   1 
ATOM   287  C CA  . VAL A 1 38  ? -0.357  -3.359  -10.064 1.00 13.25 ? 38  VAL A CA  1 
ATOM   288  C C   . VAL A 1 38  ? -1.857  -3.336  -10.247 1.00 14.61 ? 38  VAL A C   1 
ATOM   289  O O   . VAL A 1 38  ? -2.461  -3.845  -11.197 1.00 16.26 ? 38  VAL A O   1 
ATOM   290  C CB  . VAL A 1 38  ? 0.302   -2.351  -11.018 1.00 14.43 ? 38  VAL A CB  1 
ATOM   291  C CG1 . VAL A 1 38  ? -0.215  -0.924  -10.866 1.00 11.20 ? 38  VAL A CG1 1 
ATOM   292  C CG2 . VAL A 1 38  ? 1.819   -2.408  -10.851 1.00 12.95 ? 38  VAL A CG2 1 
ATOM   293  N N   . GLU A 1 39  ? -2.567  -2.800  -9.266  1.00 14.57 ? 39  GLU A N   1 
ATOM   294  C CA  . GLU A 1 39  ? -4.016  -2.705  -9.336  1.00 15.54 ? 39  GLU A CA  1 
ATOM   295  C C   . GLU A 1 39  ? -4.403  -1.300  -9.783  1.00 18.25 ? 39  GLU A C   1 
ATOM   296  O O   . GLU A 1 39  ? -5.039  -1.116  -10.834 1.00 19.97 ? 39  GLU A O   1 
ATOM   297  C CB  . GLU A 1 39  ? -4.605  -3.097  -7.992  1.00 14.26 ? 39  GLU A CB  1 
ATOM   298  C CG  . GLU A 1 39  ? -6.113  -2.892  -7.979  1.00 15.05 ? 39  GLU A CG  1 
ATOM   299  C CD  . GLU A 1 39  ? -6.671  -3.126  -6.583  1.00 15.94 ? 39  GLU A CD  1 
ATOM   300  O OE1 . GLU A 1 39  ? -6.022  -2.700  -5.594  1.00 14.18 ? 39  GLU A OE1 1 
ATOM   301  O OE2 . GLU A 1 39  ? -7.766  -3.726  -6.545  1.00 15.88 ? 39  GLU A OE2 1 
ATOM   302  N N   . HIS A 1 40  ? -4.075  -0.311  -8.951  1.00 16.69 ? 40  HIS A N   1 
ATOM   303  C CA  . HIS A 1 40  ? -4.341  1.073   -9.177  1.00 17.88 ? 40  HIS A CA  1 
ATOM   304  C C   . HIS A 1 40  ? -3.116  1.968   -8.934  1.00 19.81 ? 40  HIS A C   1 
ATOM   305  O O   . HIS A 1 40  ? -2.350  1.851   -7.984  1.00 19.56 ? 40  HIS A O   1 
ATOM   306  C CB  . HIS A 1 40  ? -5.349  1.672   -8.173  1.00 17.09 ? 40  HIS A CB  1 
ATOM   307  C CG  . HIS A 1 40  ? -6.657  0.961   -8.136  1.00 17.50 ? 40  HIS A CG  1 
ATOM   308  N ND1 . HIS A 1 40  ? -7.177  0.364   -7.003  1.00 17.94 ? 40  HIS A ND1 1 
ATOM   309  C CD2 . HIS A 1 40  ? -7.550  0.753   -9.132  1.00 17.27 ? 40  HIS A CD2 1 
ATOM   310  C CE1 . HIS A 1 40  ? -8.345  -0.156  -7.320  1.00 18.59 ? 40  HIS A CE1 1 
ATOM   311  N NE2 . HIS A 1 40  ? -8.614  0.061   -8.610  1.00 18.83 ? 40  HIS A NE2 1 
ATOM   312  N N   . VAL A 1 41  ? -3.017  2.932   -9.816  1.00 20.82 ? 41  VAL A N   1 
ATOM   313  C CA  . VAL A 1 41  ? -1.979  3.956   -9.727  1.00 20.22 ? 41  VAL A CA  1 
ATOM   314  C C   . VAL A 1 41  ? -2.686  5.239   -9.351  1.00 19.25 ? 41  VAL A C   1 
ATOM   315  O O   . VAL A 1 41  ? -3.639  5.541   -10.093 1.00 16.62 ? 41  VAL A O   1 
ATOM   316  C CB  . VAL A 1 41  ? -1.333  4.083   -11.129 1.00 21.26 ? 41  VAL A CB  1 
ATOM   317  C CG1 . VAL A 1 41  ? -0.318  5.192   -11.033 1.00 21.61 ? 41  VAL A CG1 1 
ATOM   318  C CG2 . VAL A 1 41  ? -0.662  2.760   -11.520 1.00 20.73 ? 41  VAL A CG2 1 
ATOM   319  N N   . GLY A 1 42  ? -2.366  5.885   -8.225  1.00 19.38 ? 42  GLY A N   1 
ATOM   320  C CA  . GLY A 1 42  ? -3.119  7.141   -7.915  1.00 17.39 ? 42  GLY A CA  1 
ATOM   321  C C   . GLY A 1 42  ? -2.342  8.303   -8.529  1.00 17.56 ? 42  GLY A C   1 
ATOM   322  O O   . GLY A 1 42  ? -1.121  8.209   -8.621  1.00 19.71 ? 42  GLY A O   1 
ATOM   323  N N   . GLY A 1 43  ? -2.961  9.323   -9.098  1.00 19.63 ? 43  GLY A N   1 
ATOM   324  C CA  . GLY A 1 43  ? -2.166  10.430  -9.671  1.00 19.34 ? 43  GLY A CA  1 
ATOM   325  C C   . GLY A 1 43  ? -1.523  11.164  -8.524  1.00 21.40 ? 43  GLY A C   1 
ATOM   326  O O   . GLY A 1 43  ? -1.894  10.939  -7.370  1.00 21.56 ? 43  GLY A O   1 
ATOM   327  N N   . PRO A 1 44  ? -0.660  12.123  -8.806  1.00 23.33 ? 44  PRO A N   1 
ATOM   328  C CA  . PRO A 1 44  ? 0.083   12.854  -7.809  1.00 24.26 ? 44  PRO A CA  1 
ATOM   329  C C   . PRO A 1 44  ? -0.741  13.634  -6.824  1.00 23.21 ? 44  PRO A C   1 
ATOM   330  O O   . PRO A 1 44  ? -0.418  13.656  -5.641  1.00 23.30 ? 44  PRO A O   1 
ATOM   331  C CB  . PRO A 1 44  ? 1.078   13.695  -8.626  1.00 25.57 ? 44  PRO A CB  1 
ATOM   332  C CG  . PRO A 1 44  ? 0.464   13.811  -9.970  1.00 24.33 ? 44  PRO A CG  1 
ATOM   333  C CD  . PRO A 1 44  ? -0.299  12.545  -10.189 1.00 24.76 ? 44  PRO A CD  1 
ATOM   334  N N   . ASN A 1 45  ? -1.864  14.202  -7.236  1.00 24.07 ? 45  ASN A N   1 
ATOM   335  C CA  . ASN A 1 45  ? -2.741  14.938  -6.340  1.00 23.74 ? 45  ASN A CA  1 
ATOM   336  C C   . ASN A 1 45  ? -3.978  14.154  -5.905  1.00 21.76 ? 45  ASN A C   1 
ATOM   337  O O   . ASN A 1 45  ? -4.919  14.756  -5.386  1.00 20.30 ? 45  ASN A O   1 
ATOM   338  C CB  . ASN A 1 45  ? -3.203  16.219  -7.047  1.00 26.88 ? 45  ASN A CB  1 
ATOM   339  C CG  . ASN A 1 45  ? -2.031  17.178  -7.198  1.00 29.48 ? 45  ASN A CG  1 
ATOM   340  O OD1 . ASN A 1 45  ? -1.993  17.890  -8.208  1.00 32.73 ? 45  ASN A OD1 1 
ATOM   341  N ND2 . ASN A 1 45  ? -1.099  17.216  -6.271  1.00 28.74 ? 45  ASN A ND2 1 
ATOM   342  N N   . ALA A 1 46  ? -3.951  12.845  -6.101  1.00 19.73 ? 46  ALA A N   1 
ATOM   343  C CA  . ALA A 1 46  ? -5.094  12.005  -5.707  1.00 19.16 ? 46  ALA A CA  1 
ATOM   344  C C   . ALA A 1 46  ? -5.152  11.954  -4.184  1.00 17.24 ? 46  ALA A C   1 
ATOM   345  O O   . ALA A 1 46  ? -4.171  12.216  -3.496  1.00 16.67 ? 46  ALA A O   1 
ATOM   346  C CB  . ALA A 1 46  ? -5.018  10.665  -6.412  1.00 19.26 ? 46  ALA A CB  1 
ATOM   347  N N   . THR A 1 47  ? -6.332  11.821  -3.605  1.00 16.90 ? 47  THR A N   1 
ATOM   348  C CA  . THR A 1 47  ? -6.485  11.899  -2.165  1.00 17.77 ? 47  THR A CA  1 
ATOM   349  C C   . THR A 1 47  ? -6.442  10.589  -1.383  1.00 18.17 ? 47  THR A C   1 
ATOM   350  O O   . THR A 1 47  ? -6.571  9.455   -1.858  1.00 15.89 ? 47  THR A O   1 
ATOM   351  C CB  . THR A 1 47  ? -7.812  12.611  -1.842  1.00 18.12 ? 47  THR A CB  1 
ATOM   352  O OG1 . THR A 1 47  ? -8.901  11.678  -1.980  1.00 17.85 ? 47  THR A OG1 1 
ATOM   353  C CG2 . THR A 1 47  ? -8.041  13.773  -2.787  1.00 17.70 ? 47  THR A CG2 1 
ATOM   354  N N   . TYR A 1 48  ? -6.325  10.785  -0.050  1.00 16.33 ? 48  TYR A N   1 
ATOM   355  C CA  . TYR A 1 48  ? -6.384  9.628   0.834   1.00 15.87 ? 48  TYR A CA  1 
ATOM   356  C C   . TYR A 1 48  ? -7.676  8.831   0.584   1.00 14.28 ? 48  TYR A C   1 
ATOM   357  O O   . TYR A 1 48  ? -7.617  7.606   0.456   1.00 13.04 ? 48  TYR A O   1 
ATOM   358  C CB  . TYR A 1 48  ? -6.272  9.997   2.322   1.00 16.50 ? 48  TYR A CB  1 
ATOM   359  C CG  . TYR A 1 48  ? -6.044  8.708   3.102   1.00 18.76 ? 48  TYR A CG  1 
ATOM   360  C CD1 . TYR A 1 48  ? -4.765  8.141   3.081   1.00 18.43 ? 48  TYR A CD1 1 
ATOM   361  C CD2 . TYR A 1 48  ? -7.072  8.071   3.799   1.00 17.22 ? 48  TYR A CD2 1 
ATOM   362  C CE1 . TYR A 1 48  ? -4.536  6.953   3.755   1.00 19.02 ? 48  TYR A CE1 1 
ATOM   363  C CE2 . TYR A 1 48  ? -6.815  6.869   4.460   1.00 17.59 ? 48  TYR A CE2 1 
ATOM   364  C CZ  . TYR A 1 48  ? -5.562  6.322   4.441   1.00 18.59 ? 48  TYR A CZ  1 
ATOM   365  O OH  . TYR A 1 48  ? -5.274  5.138   5.104   1.00 19.78 ? 48  TYR A OH  1 
ATOM   366  N N   . GLU A 1 49  ? -8.813  9.486   0.494   1.00 12.63 ? 49  GLU A N   1 
ATOM   367  C CA  . GLU A 1 49  ? -10.094 8.861   0.273   1.00 16.01 ? 49  GLU A CA  1 
ATOM   368  C C   . GLU A 1 49  ? -10.165 8.096   -1.058  1.00 16.22 ? 49  GLU A C   1 
ATOM   369  O O   . GLU A 1 49  ? -10.812 7.054   -1.076  1.00 15.24 ? 49  GLU A O   1 
ATOM   370  C CB  . GLU A 1 49  ? -11.243 9.867   0.340   1.00 17.02 ? 49  GLU A CB  1 
ATOM   371  C CG  . GLU A 1 49  ? -12.614 9.317   0.598   1.00 19.74 ? 49  GLU A CG  1 
ATOM   372  C CD  . GLU A 1 49  ? -12.913 8.415   1.765   1.00 20.62 ? 49  GLU A CD  1 
ATOM   373  O OE1 . GLU A 1 49  ? -12.146 8.335   2.747   1.00 21.82 ? 49  GLU A OE1 1 
ATOM   374  O OE2 . GLU A 1 49  ? -13.962 7.742   1.690   1.00 19.30 ? 49  GLU A OE2 1 
ATOM   375  N N   . ASP A 1 50  ? -9.493  8.572   -2.093  1.00 15.61 ? 50  ASP A N   1 
ATOM   376  C CA  . ASP A 1 50  ? -9.354  7.966   -3.391  1.00 16.47 ? 50  ASP A CA  1 
ATOM   377  C C   . ASP A 1 50  ? -8.710  6.578   -3.253  1.00 14.55 ? 50  ASP A C   1 
ATOM   378  O O   . ASP A 1 50  ? -9.162  5.647   -3.888  1.00 12.48 ? 50  ASP A O   1 
ATOM   379  C CB  . ASP A 1 50  ? -8.523  8.790   -4.395  1.00 16.85 ? 50  ASP A CB  1 
ATOM   380  C CG  . ASP A 1 50  ? -9.146  10.073  -4.885  1.00 17.49 ? 50  ASP A CG  1 
ATOM   381  O OD1 . ASP A 1 50  ? -10.379 10.212  -4.890  1.00 18.16 ? 50  ASP A OD1 1 
ATOM   382  O OD2 . ASP A 1 50  ? -8.448  11.016  -5.337  1.00 17.75 ? 50  ASP A OD2 1 
ATOM   383  N N   . PHE A 1 51  ? -7.742  6.424   -2.376  1.00 13.76 ? 51  PHE A N   1 
ATOM   384  C CA  . PHE A 1 51  ? -7.137  5.138   -2.102  1.00 15.74 ? 51  PHE A CA  1 
ATOM   385  C C   . PHE A 1 51  ? -8.052  4.245   -1.243  1.00 17.08 ? 51  PHE A C   1 
ATOM   386  O O   . PHE A 1 51  ? -8.537  3.201   -1.657  1.00 16.20 ? 51  PHE A O   1 
ATOM   387  C CB  . PHE A 1 51  ? -5.784  5.415   -1.406  1.00 14.52 ? 51  PHE A CB  1 
ATOM   388  C CG  . PHE A 1 51  ? -5.307  4.263   -0.570  1.00 13.20 ? 51  PHE A CG  1 
ATOM   389  C CD1 . PHE A 1 51  ? -5.039  3.046   -1.191  1.00 13.05 ? 51  PHE A CD1 1 
ATOM   390  C CD2 . PHE A 1 51  ? -5.160  4.360   0.804   1.00 11.92 ? 51  PHE A CD2 1 
ATOM   391  C CE1 . PHE A 1 51  ? -4.626  1.939   -0.484  1.00 11.27 ? 51  PHE A CE1 1 
ATOM   392  C CE2 . PHE A 1 51  ? -4.756  3.254   1.534   1.00 10.56 ? 51  PHE A CE2 1 
ATOM   393  C CZ  . PHE A 1 51  ? -4.461  2.070   0.876   1.00 12.33 ? 51  PHE A CZ  1 
ATOM   394  N N   . LYS A 1 52  ? -8.355  4.644   -0.022  1.00 17.66 ? 52  LYS A N   1 
ATOM   395  C CA  . LYS A 1 52  ? -9.091  3.935   0.988   1.00 18.43 ? 52  LYS A CA  1 
ATOM   396  C C   . LYS A 1 52  ? -10.486 3.521   0.556   1.00 17.89 ? 52  LYS A C   1 
ATOM   397  O O   . LYS A 1 52  ? -10.920 2.443   0.953   1.00 18.04 ? 52  LYS A O   1 
ATOM   398  C CB  . LYS A 1 52  ? -9.220  4.770   2.290   1.00 21.07 ? 52  LYS A CB  1 
ATOM   399  C CG  . LYS A 1 52  ? -10.108 4.130   3.356   1.00 22.27 ? 52  LYS A CG  1 
ATOM   400  C CD  . LYS A 1 52  ? -10.523 5.080   4.453   1.00 23.44 ? 52  LYS A CD  1 
ATOM   401  C CE  . LYS A 1 52  ? -11.944 5.564   4.280   1.00 27.10 ? 52  LYS A CE  1 
ATOM   402  N NZ  . LYS A 1 52  ? -12.886 4.506   3.799   1.00 30.26 ? 52  LYS A NZ  1 
ATOM   403  N N   . SER A 1 53  ? -11.180 4.317   -0.259  1.00 15.56 ? 53  SER A N   1 
ATOM   404  C CA  . SER A 1 53  ? -12.513 4.018   -0.687  1.00 14.46 ? 53  SER A CA  1 
ATOM   405  C C   . SER A 1 53  ? -12.653 2.832   -1.642  1.00 14.63 ? 53  SER A C   1 
ATOM   406  O O   . SER A 1 53  ? -13.805 2.393   -1.789  1.00 12.83 ? 53  SER A O   1 
ATOM   407  C CB  . SER A 1 53  ? -13.256 5.204   -1.333  1.00 12.57 ? 53  SER A CB  1 
ATOM   408  O OG  . SER A 1 53  ? -12.547 5.723   -2.446  1.00 11.88 ? 53  SER A OG  1 
ATOM   409  N N   . GLN A 1 54  ? -11.564 2.460   -2.305  1.00 13.02 ? 54  GLN A N   1 
ATOM   410  C CA  . GLN A 1 54  ? -11.653 1.394   -3.295  1.00 14.25 ? 54  GLN A CA  1 
ATOM   411  C C   . GLN A 1 54  ? -11.089 0.085   -2.763  1.00 14.57 ? 54  GLN A C   1 
ATOM   412  O O   . GLN A 1 54  ? -11.024 -0.953  -3.420  1.00 15.30 ? 54  GLN A O   1 
ATOM   413  C CB  . GLN A 1 54  ? -10.937 1.855   -4.572  1.00 13.90 ? 54  GLN A CB  1 
ATOM   414  C CG  . GLN A 1 54  ? -11.494 3.175   -5.105  1.00 14.83 ? 54  GLN A CG  1 
ATOM   415  C CD  . GLN A 1 54  ? -12.982 3.205   -5.344  1.00 15.30 ? 54  GLN A CD  1 
ATOM   416  O OE1 . GLN A 1 54  ? -13.836 3.838   -4.685  1.00 17.68 ? 54  GLN A OE1 1 
ATOM   417  N NE2 . GLN A 1 54  ? -13.389 2.447   -6.349  1.00 14.74 ? 54  GLN A NE2 1 
ATOM   418  N N   . LEU A 1 55  ? -10.626 0.110   -1.511  1.00 15.74 ? 55  LEU A N   1 
ATOM   419  C CA  . LEU A 1 55  ? -10.102 -1.098  -0.875  1.00 14.14 ? 55  LEU A CA  1 
ATOM   420  C C   . LEU A 1 55  ? -11.278 -2.068  -0.755  1.00 14.71 ? 55  LEU A C   1 
ATOM   421  O O   . LEU A 1 55  ? -12.381 -1.715  -0.326  1.00 15.09 ? 55  LEU A O   1 
ATOM   422  C CB  . LEU A 1 55  ? -9.462  -0.804  0.451   1.00 14.54 ? 55  LEU A CB  1 
ATOM   423  C CG  . LEU A 1 55  ? -8.065  -0.167  0.438   1.00 14.43 ? 55  LEU A CG  1 
ATOM   424  C CD1 . LEU A 1 55  ? -7.732  0.264   1.860   1.00 14.76 ? 55  LEU A CD1 1 
ATOM   425  C CD2 . LEU A 1 55  ? -6.993  -1.100  -0.101  1.00 13.16 ? 55  LEU A CD2 1 
ATOM   426  N N   . PRO A 1 56  ? -11.055 -3.292  -1.211  1.00 14.00 ? 56  PRO A N   1 
ATOM   427  C CA  . PRO A 1 56  ? -12.100 -4.317  -1.195  1.00 14.20 ? 56  PRO A CA  1 
ATOM   428  C C   . PRO A 1 56  ? -12.499 -4.705  0.215   1.00 14.86 ? 56  PRO A C   1 
ATOM   429  O O   . PRO A 1 56  ? -11.638 -5.092  1.007   1.00 15.65 ? 56  PRO A O   1 
ATOM   430  C CB  . PRO A 1 56  ? -11.447 -5.430  -2.013  1.00 11.32 ? 56  PRO A CB  1 
ATOM   431  C CG  . PRO A 1 56  ? -9.966  -5.279  -1.747  1.00 9.22  ? 56  PRO A CG  1 
ATOM   432  C CD  . PRO A 1 56  ? -9.768  -3.785  -1.792  1.00 10.77 ? 56  PRO A CD  1 
ATOM   433  N N   . GLU A 1 57  ? -13.765 -4.716  0.594   1.00 19.11 ? 57  GLU A N   1 
ATOM   434  C CA  . GLU A 1 57  ? -14.204 -5.148  1.924   1.00 24.13 ? 57  GLU A CA  1 
ATOM   435  C C   . GLU A 1 57  ? -13.838 -6.605  2.210   1.00 22.18 ? 57  GLU A C   1 
ATOM   436  O O   . GLU A 1 57  ? -13.639 -6.970  3.373   1.00 21.67 ? 57  GLU A O   1 
ATOM   437  C CB  . GLU A 1 57  ? -15.717 -5.002  2.198   1.00 28.14 ? 57  GLU A CB  1 
ATOM   438  C CG  . GLU A 1 57  ? -16.453 -3.865  1.531   1.00 34.32 ? 57  GLU A CG  1 
ATOM   439  C CD  . GLU A 1 57  ? -17.598 -3.166  2.228   1.00 38.79 ? 57  GLU A CD  1 
ATOM   440  O OE1 . GLU A 1 57  ? -18.240 -3.651  3.191   1.00 40.59 ? 57  GLU A OE1 1 
ATOM   441  O OE2 . GLU A 1 57  ? -17.921 -2.001  1.829   1.00 40.75 ? 57  GLU A OE2 1 
ATOM   442  N N   . ARG A 1 58  ? -13.855 -7.508  1.226   1.00 21.70 ? 58  ARG A N   1 
ATOM   443  C CA  . ARG A 1 58  ? -13.512 -8.897  1.550   1.00 22.93 ? 58  ARG A CA  1 
ATOM   444  C C   . ARG A 1 58  ? -12.360 -9.498  0.760   1.00 21.67 ? 58  ARG A C   1 
ATOM   445  O O   . ARG A 1 58  ? -12.390 -10.678 0.388   1.00 20.52 ? 58  ARG A O   1 
ATOM   446  C CB  . ARG A 1 58  ? -14.696 -9.851  1.449   1.00 24.40 ? 58  ARG A CB  1 
ATOM   447  C CG  . ARG A 1 58  ? -16.049 -9.213  1.626   1.00 27.59 ? 58  ARG A CG  1 
ATOM   448  C CD  . ARG A 1 58  ? -16.959 -10.313 2.154   1.00 32.36 ? 58  ARG A CD  1 
ATOM   449  N NE  . ARG A 1 58  ? -18.350 -9.863  1.951   1.00 36.80 ? 58  ARG A NE  1 
ATOM   450  C CZ  . ARG A 1 58  ? -19.308 -10.786 1.977   1.00 39.66 ? 58  ARG A CZ  1 
ATOM   451  N NH1 . ARG A 1 58  ? -18.863 -12.029 2.216   1.00 41.15 ? 58  ARG A NH1 1 
ATOM   452  N NH2 . ARG A 1 58  ? -20.571 -10.455 1.773   1.00 40.53 ? 58  ARG A NH2 1 
ATOM   453  N N   . ASP A 1 59  ? -11.299 -8.722  0.584   1.00 20.56 ? 59  ASP A N   1 
ATOM   454  C CA  . ASP A 1 59  ? -10.103 -9.234  -0.079  1.00 19.45 ? 59  ASP A CA  1 
ATOM   455  C C   . ASP A 1 59  ? -8.982  -8.348  0.452   1.00 20.00 ? 59  ASP A C   1 
ATOM   456  O O   . ASP A 1 59  ? -9.293  -7.287  1.005   1.00 21.59 ? 59  ASP A O   1 
ATOM   457  C CB  . ASP A 1 59  ? -10.147 -9.299  -1.578  1.00 20.08 ? 59  ASP A CB  1 
ATOM   458  C CG  . ASP A 1 59  ? -9.160  -10.322 -2.183  1.00 19.93 ? 59  ASP A CG  1 
ATOM   459  O OD1 . ASP A 1 59  ? -8.358  -10.991 -1.501  1.00 17.78 ? 59  ASP A OD1 1 
ATOM   460  O OD2 . ASP A 1 59  ? -9.226  -10.360 -3.419  1.00 17.11 ? 59  ASP A OD2 1 
ATOM   461  N N   . CYS A 1 60  ? -7.785  -8.877  0.422   1.00 18.36 ? 60  CYS A N   1 
ATOM   462  C CA  . CYS A 1 60  ? -6.607  -8.211  0.881   1.00 18.72 ? 60  CYS A CA  1 
ATOM   463  C C   . CYS A 1 60  ? -5.901  -7.498  -0.271  1.00 18.22 ? 60  CYS A C   1 
ATOM   464  O O   . CYS A 1 60  ? -6.087  -7.815  -1.456  1.00 19.80 ? 60  CYS A O   1 
ATOM   465  C CB  . CYS A 1 60  ? -5.594  -9.211  1.479   1.00 20.48 ? 60  CYS A CB  1 
ATOM   466  S SG  . CYS A 1 60  ? -6.347  -10.431 2.585   1.00 20.00 ? 60  CYS A SG  1 
ATOM   467  N N   . ARG A 1 61  ? -5.103  -6.507  0.103   1.00 13.90 ? 61  ARG A N   1 
ATOM   468  C CA  . ARG A 1 61  ? -4.338  -5.754  -0.871  1.00 13.06 ? 61  ARG A CA  1 
ATOM   469  C C   . ARG A 1 61  ? -3.012  -5.260  -0.236  1.00 13.01 ? 61  ARG A C   1 
ATOM   470  O O   . ARG A 1 61  ? -2.968  -5.095  0.985   1.00 9.55  ? 61  ARG A O   1 
ATOM   471  C CB  . ARG A 1 61  ? -5.029  -4.466  -1.346  1.00 9.19  ? 61  ARG A CB  1 
ATOM   472  C CG  . ARG A 1 61  ? -6.311  -4.559  -2.137  1.00 7.07  ? 61  ARG A CG  1 
ATOM   473  C CD  . ARG A 1 61  ? -6.019  -5.412  -3.367  1.00 7.32  ? 61  ARG A CD  1 
ATOM   474  N NE  . ARG A 1 61  ? -7.106  -5.409  -4.322  1.00 5.67  ? 61  ARG A NE  1 
ATOM   475  C CZ  . ARG A 1 61  ? -7.862  -6.484  -4.528  1.00 8.71  ? 61  ARG A CZ  1 
ATOM   476  N NH1 . ARG A 1 61  ? -7.581  -7.587  -3.803  1.00 10.77 ? 61  ARG A NH1 1 
ATOM   477  N NH2 . ARG A 1 61  ? -8.836  -6.423  -5.393  1.00 5.11  ? 61  ARG A NH2 1 
ATOM   478  N N   . TYR A 1 62  ? -2.083  -4.939  -1.123  1.00 12.44 ? 62  TYR A N   1 
ATOM   479  C CA  . TYR A 1 62  ? -0.873  -4.238  -0.676  1.00 14.55 ? 62  TYR A CA  1 
ATOM   480  C C   . TYR A 1 62  ? -0.966  -2.792  -1.214  1.00 15.08 ? 62  TYR A C   1 
ATOM   481  O O   . TYR A 1 62  ? -1.684  -2.526  -2.192  1.00 13.40 ? 62  TYR A O   1 
ATOM   482  C CB  . TYR A 1 62  ? 0.415   -4.802  -1.230  1.00 14.64 ? 62  TYR A CB  1 
ATOM   483  C CG  . TYR A 1 62  ? 0.714   -6.227  -0.831  1.00 15.62 ? 62  TYR A CG  1 
ATOM   484  C CD1 . TYR A 1 62  ? 0.774   -6.654  0.479   1.00 15.95 ? 62  TYR A CD1 1 
ATOM   485  C CD2 . TYR A 1 62  ? 0.881   -7.150  -1.858  1.00 16.45 ? 62  TYR A CD2 1 
ATOM   486  C CE1 . TYR A 1 62  ? 1.066   -7.982  0.784   1.00 17.95 ? 62  TYR A CE1 1 
ATOM   487  C CE2 . TYR A 1 62  ? 1.145   -8.478  -1.576  1.00 17.55 ? 62  TYR A CE2 1 
ATOM   488  C CZ  . TYR A 1 62  ? 1.226   -8.889  -0.255  1.00 17.77 ? 62  TYR A CZ  1 
ATOM   489  O OH  . TYR A 1 62  ? 1.526   -10.192 -0.024  1.00 16.64 ? 62  TYR A OH  1 
ATOM   490  N N   . ALA A 1 63  ? -0.245  -1.876  -0.585  1.00 15.92 ? 63  ALA A N   1 
ATOM   491  C CA  . ALA A 1 63  ? -0.272  -0.506  -1.123  1.00 16.11 ? 63  ALA A CA  1 
ATOM   492  C C   . ALA A 1 63  ? 0.960   0.258   -0.679  1.00 15.74 ? 63  ALA A C   1 
ATOM   493  O O   . ALA A 1 63  ? 1.564   -0.061  0.324   1.00 15.48 ? 63  ALA A O   1 
ATOM   494  C CB  . ALA A 1 63  ? -1.483  0.311   -0.710  1.00 13.88 ? 63  ALA A CB  1 
ATOM   495  N N   . ILE A 1 64  ? 1.260   1.282   -1.454  1.00 16.88 ? 64  ILE A N   1 
ATOM   496  C CA  . ILE A 1 64  ? 2.312   2.222   -1.055  1.00 17.36 ? 64  ILE A CA  1 
ATOM   497  C C   . ILE A 1 64  ? 1.631   3.599   -1.132  1.00 15.92 ? 64  ILE A C   1 
ATOM   498  O O   . ILE A 1 64  ? 1.008   3.914   -2.143  1.00 13.62 ? 64  ILE A O   1 
ATOM   499  C CB  . ILE A 1 64  ? 3.582   2.162   -1.901  1.00 17.69 ? 64  ILE A CB  1 
ATOM   500  C CG1 . ILE A 1 64  ? 4.325   0.834   -1.722  1.00 17.02 ? 64  ILE A CG1 1 
ATOM   501  C CG2 . ILE A 1 64  ? 4.462   3.382   -1.636  1.00 15.93 ? 64  ILE A CG2 1 
ATOM   502  C CD1 . ILE A 1 64  ? 5.458   0.846   -0.732  1.00 17.26 ? 64  ILE A CD1 1 
ATOM   503  N N   . PHE A 1 65  ? 1.599   4.322   -0.020  1.00 17.08 ? 65  PHE A N   1 
ATOM   504  C CA  . PHE A 1 65  ? 1.016   5.671   -0.003  1.00 16.62 ? 65  PHE A CA  1 
ATOM   505  C C   . PHE A 1 65  ? 2.160   6.617   0.363   1.00 17.16 ? 65  PHE A C   1 
ATOM   506  O O   . PHE A 1 65  ? 2.892   6.429   1.345   1.00 16.13 ? 65  PHE A O   1 
ATOM   507  C CB  . PHE A 1 65  ? -0.194  5.857   0.877   1.00 16.23 ? 65  PHE A CB  1 
ATOM   508  C CG  . PHE A 1 65  ? -1.066  7.058   0.634   1.00 15.07 ? 65  PHE A CG  1 
ATOM   509  C CD1 . PHE A 1 65  ? -0.692  8.332   0.995   1.00 15.14 ? 65  PHE A CD1 1 
ATOM   510  C CD2 . PHE A 1 65  ? -2.290  6.918   0.004   1.00 16.72 ? 65  PHE A CD2 1 
ATOM   511  C CE1 . PHE A 1 65  ? -1.496  9.437   0.791   1.00 14.39 ? 65  PHE A CE1 1 
ATOM   512  C CE2 . PHE A 1 65  ? -3.132  7.991   -0.233  1.00 14.71 ? 65  PHE A CE2 1 
ATOM   513  C CZ  . PHE A 1 65  ? -2.729  9.255   0.171   1.00 14.26 ? 65  PHE A CZ  1 
ATOM   514  N N   . ASP A 1 66  ? 2.383   7.611   -0.477  1.00 18.14 ? 66  ASP A N   1 
ATOM   515  C CA  . ASP A 1 66  ? 3.471   8.582   -0.122  1.00 17.37 ? 66  ASP A CA  1 
ATOM   516  C C   . ASP A 1 66  ? 2.796   9.580   0.809   1.00 17.41 ? 66  ASP A C   1 
ATOM   517  O O   . ASP A 1 66  ? 2.216   10.547  0.281   1.00 18.21 ? 66  ASP A O   1 
ATOM   518  C CB  . ASP A 1 66  ? 3.965   9.195   -1.399  1.00 17.86 ? 66  ASP A CB  1 
ATOM   519  C CG  . ASP A 1 66  ? 5.066   10.225  -1.262  1.00 18.01 ? 66  ASP A CG  1 
ATOM   520  O OD1 . ASP A 1 66  ? 5.710   10.406  -0.232  1.00 19.82 ? 66  ASP A OD1 1 
ATOM   521  O OD2 . ASP A 1 66  ? 5.331   10.887  -2.263  1.00 17.52 ? 66  ASP A OD2 1 
ATOM   522  N N   . TYR A 1 67  ? 2.748   9.333   2.111   1.00 15.04 ? 67  TYR A N   1 
ATOM   523  C CA  . TYR A 1 67  ? 2.000   10.139  3.037   1.00 15.39 ? 67  TYR A CA  1 
ATOM   524  C C   . TYR A 1 67  ? 2.638   11.482  3.372   1.00 15.60 ? 67  TYR A C   1 
ATOM   525  O O   . TYR A 1 67  ? 3.710   11.620  3.940   1.00 15.79 ? 67  TYR A O   1 
ATOM   526  C CB  . TYR A 1 67  ? 1.642   9.338   4.329   1.00 16.47 ? 67  TYR A CB  1 
ATOM   527  C CG  . TYR A 1 67  ? 0.496   10.111  4.991   1.00 15.94 ? 67  TYR A CG  1 
ATOM   528  C CD1 . TYR A 1 67  ? -0.801  10.042  4.517   1.00 15.36 ? 67  TYR A CD1 1 
ATOM   529  C CD2 . TYR A 1 67  ? 0.778   10.972  6.026   1.00 15.91 ? 67  TYR A CD2 1 
ATOM   530  C CE1 . TYR A 1 67  ? -1.811  10.806  5.065   1.00 15.64 ? 67  TYR A CE1 1 
ATOM   531  C CE2 . TYR A 1 67  ? -0.233  11.733  6.594   1.00 15.43 ? 67  TYR A CE2 1 
ATOM   532  C CZ  . TYR A 1 67  ? -1.507  11.647  6.137   1.00 14.32 ? 67  TYR A CZ  1 
ATOM   533  O OH  . TYR A 1 67  ? -2.467  12.416  6.711   1.00 13.00 ? 67  TYR A OH  1 
ATOM   534  N N   . GLU A 1 68  ? 1.951   12.541  3.057   1.00 15.72 ? 68  GLU A N   1 
ATOM   535  C CA  . GLU A 1 68  ? 2.418   13.920  3.228   1.00 16.92 ? 68  GLU A CA  1 
ATOM   536  C C   . GLU A 1 68  ? 1.703   14.657  4.355   1.00 15.16 ? 68  GLU A C   1 
ATOM   537  O O   . GLU A 1 68  ? 0.496   14.469  4.567   1.00 13.06 ? 68  GLU A O   1 
ATOM   538  C CB  . GLU A 1 68  ? 2.090   14.587  1.892   1.00 19.35 ? 68  GLU A CB  1 
ATOM   539  C CG  . GLU A 1 68  ? 2.698   15.969  1.768   1.00 26.44 ? 68  GLU A CG  1 
ATOM   540  C CD  . GLU A 1 68  ? 2.055   16.724  0.619   1.00 29.29 ? 68  GLU A CD  1 
ATOM   541  O OE1 . GLU A 1 68  ? 1.724   16.075  -0.404  1.00 32.04 ? 68  GLU A OE1 1 
ATOM   542  O OE2 . GLU A 1 68  ? 1.855   17.942  0.801   1.00 31.05 ? 68  GLU A OE2 1 
ATOM   543  N N   . PHE A 1 69  ? 2.449   15.412  5.161   1.00 14.38 ? 69  PHE A N   1 
ATOM   544  C CA  . PHE A 1 69  ? 1.931   16.141  6.297   1.00 14.64 ? 69  PHE A CA  1 
ATOM   545  C C   . PHE A 1 69  ? 2.838   17.321  6.654   1.00 16.24 ? 69  PHE A C   1 
ATOM   546  O O   . PHE A 1 69  ? 3.873   17.561  6.046   1.00 16.02 ? 69  PHE A O   1 
ATOM   547  C CB  . PHE A 1 69  ? 1.694   15.228  7.515   1.00 14.77 ? 69  PHE A CB  1 
ATOM   548  C CG  . PHE A 1 69  ? 2.946   14.499  7.926   1.00 15.67 ? 69  PHE A CG  1 
ATOM   549  C CD1 . PHE A 1 69  ? 3.356   13.364  7.217   1.00 15.72 ? 69  PHE A CD1 1 
ATOM   550  C CD2 . PHE A 1 69  ? 3.697   14.956  8.988   1.00 13.33 ? 69  PHE A CD2 1 
ATOM   551  C CE1 . PHE A 1 69  ? 4.534   12.706  7.570   1.00 15.55 ? 69  PHE A CE1 1 
ATOM   552  C CE2 . PHE A 1 69  ? 4.855   14.271  9.330   1.00 15.41 ? 69  PHE A CE2 1 
ATOM   553  C CZ  . PHE A 1 69  ? 5.267   13.140  8.641   1.00 13.23 ? 69  PHE A CZ  1 
ATOM   554  N N   . GLN A 1 70  ? 2.410   18.148  7.593   1.00 17.39 ? 70  GLN A N   1 
ATOM   555  C CA  . GLN A 1 70  ? 3.137   19.325  7.987   1.00 22.45 ? 70  GLN A CA  1 
ATOM   556  C C   . GLN A 1 70  ? 3.569   19.160  9.449   1.00 23.99 ? 70  GLN A C   1 
ATOM   557  O O   . GLN A 1 70  ? 2.836   18.682  10.273  1.00 23.25 ? 70  GLN A O   1 
ATOM   558  C CB  . GLN A 1 70  ? 2.366   20.634  7.847   1.00 21.55 ? 70  GLN A CB  1 
ATOM   559  C CG  . GLN A 1 70  ? 1.879   20.898  6.441   1.00 24.97 ? 70  GLN A CG  1 
ATOM   560  C CD  . GLN A 1 70  ? 1.231   22.251  6.275   1.00 27.55 ? 70  GLN A CD  1 
ATOM   561  O OE1 . GLN A 1 70  ? 1.381   22.871  5.221   1.00 29.56 ? 70  GLN A OE1 1 
ATOM   562  N NE2 . GLN A 1 70  ? 0.535   22.785  7.273   1.00 28.10 ? 70  GLN A NE2 1 
ATOM   563  N N   . VAL A 1 71  ? 4.815   19.509  9.672   1.00 27.13 ? 71  VAL A N   1 
ATOM   564  C CA  . VAL A 1 71  ? 5.406   19.530  11.003  1.00 29.16 ? 71  VAL A CA  1 
ATOM   565  C C   . VAL A 1 71  ? 5.896   20.972  11.159  1.00 30.00 ? 71  VAL A C   1 
ATOM   566  O O   . VAL A 1 71  ? 6.816   21.368  10.431  1.00 31.06 ? 71  VAL A O   1 
ATOM   567  C CB  . VAL A 1 71  ? 6.547   18.571  11.290  1.00 28.09 ? 71  VAL A CB  1 
ATOM   568  C CG1 . VAL A 1 71  ? 7.175   18.936  12.642  1.00 28.43 ? 71  VAL A CG1 1 
ATOM   569  C CG2 . VAL A 1 71  ? 6.012   17.150  11.341  1.00 28.12 ? 71  VAL A CG2 1 
ATOM   570  N N   . ASP A 1 72  ? 5.179   21.730  11.988  1.00 31.65 ? 72  ASP A N   1 
ATOM   571  C CA  . ASP A 1 72  ? 5.554   23.128  12.147  1.00 32.86 ? 72  ASP A CA  1 
ATOM   572  C C   . ASP A 1 72  ? 5.481   23.895  10.842  1.00 32.78 ? 72  ASP A C   1 
ATOM   573  O O   . ASP A 1 72  ? 6.369   24.694  10.545  1.00 32.09 ? 72  ASP A O   1 
ATOM   574  C CB  . ASP A 1 72  ? 7.003   23.135  12.683  1.00 35.25 ? 72  ASP A CB  1 
ATOM   575  C CG  . ASP A 1 72  ? 6.909   23.347  14.188  1.00 37.15 ? 72  ASP A CG  1 
ATOM   576  O OD1 . ASP A 1 72  ? 6.631   24.516  14.548  1.00 38.37 ? 72  ASP A OD1 1 
ATOM   577  O OD2 . ASP A 1 72  ? 7.043   22.363  14.926  1.00 38.34 ? 72  ASP A OD2 1 
ATOM   578  N N   . GLY A 1 73  ? 4.484   23.633  9.993   1.00 32.96 ? 73  GLY A N   1 
ATOM   579  C CA  . GLY A 1 73  ? 4.325   24.291  8.719   1.00 34.20 ? 73  GLY A CA  1 
ATOM   580  C C   . GLY A 1 73  ? 5.288   23.864  7.626   1.00 34.88 ? 73  GLY A C   1 
ATOM   581  O O   . GLY A 1 73  ? 5.171   24.335  6.491   1.00 37.27 ? 73  GLY A O   1 
ATOM   582  N N   . GLY A 1 74  ? 6.294   23.058  7.907   1.00 34.02 ? 74  GLY A N   1 
ATOM   583  C CA  . GLY A 1 74  ? 7.254   22.560  6.947   1.00 32.83 ? 74  GLY A CA  1 
ATOM   584  C C   . GLY A 1 74  ? 6.706   21.236  6.390   1.00 33.27 ? 74  GLY A C   1 
ATOM   585  O O   . GLY A 1 74  ? 6.037   20.454  7.088   1.00 32.31 ? 74  GLY A O   1 
ATOM   586  N N   . GLN A 1 75  ? 7.003   21.024  5.104   1.00 33.17 ? 75  GLN A N   1 
ATOM   587  C CA  . GLN A 1 75  ? 6.473   19.845  4.423   1.00 31.57 ? 75  GLN A CA  1 
ATOM   588  C C   . GLN A 1 75  ? 7.172   18.576  4.837   1.00 27.95 ? 75  GLN A C   1 
ATOM   589  O O   . GLN A 1 75  ? 8.381   18.602  5.077   1.00 29.18 ? 75  GLN A O   1 
ATOM   590  C CB  . GLN A 1 75  ? 6.476   20.086  2.918   1.00 34.12 ? 75  GLN A CB  1 
ATOM   591  C CG  . GLN A 1 75  ? 7.687   20.772  2.330   1.00 37.21 ? 75  GLN A CG  1 
ATOM   592  C CD  . GLN A 1 75  ? 7.483   22.247  2.039   1.00 39.65 ? 75  GLN A CD  1 
ATOM   593  O OE1 . GLN A 1 75  ? 7.639   23.122  2.911   1.00 41.12 ? 75  GLN A OE1 1 
ATOM   594  N NE2 . GLN A 1 75  ? 7.136   22.547  0.794   1.00 39.49 ? 75  GLN A NE2 1 
ATOM   595  N N   . ARG A 1 76  ? 6.470   17.468  5.012   1.00 25.03 ? 76  ARG A N   1 
ATOM   596  C CA  . ARG A 1 76  ? 7.038   16.161  5.323   1.00 22.41 ? 76  ARG A CA  1 
ATOM   597  C C   . ARG A 1 76  ? 6.376   15.056  4.491   1.00 22.32 ? 76  ARG A C   1 
ATOM   598  O O   . ARG A 1 76  ? 5.200   15.131  4.097   1.00 20.37 ? 76  ARG A O   1 
ATOM   599  C CB  . ARG A 1 76  ? 6.870   15.762  6.781   1.00 23.64 ? 76  ARG A CB  1 
ATOM   600  C CG  . ARG A 1 76  ? 7.581   16.609  7.803   1.00 25.14 ? 76  ARG A CG  1 
ATOM   601  C CD  . ARG A 1 76  ? 9.098   16.593  7.632   1.00 26.44 ? 76  ARG A CD  1 
ATOM   602  N NE  . ARG A 1 76  ? 9.671   17.623  8.473   1.00 30.10 ? 76  ARG A NE  1 
ATOM   603  C CZ  . ARG A 1 76  ? 9.931   18.890  8.218   1.00 31.43 ? 76  ARG A CZ  1 
ATOM   604  N NH1 . ARG A 1 76  ? 9.725   19.444  7.041   1.00 31.52 ? 76  ARG A NH1 1 
ATOM   605  N NH2 . ARG A 1 76  ? 10.438  19.638  9.197   1.00 32.35 ? 76  ARG A NH2 1 
ATOM   606  N N   . ASN A 1 77  ? 7.114   14.004  4.151   1.00 21.85 ? 77  ASN A N   1 
ATOM   607  C CA  . ASN A 1 77  ? 6.649   12.877  3.369   1.00 21.57 ? 77  ASN A CA  1 
ATOM   608  C C   . ASN A 1 77  ? 7.133   11.538  3.935   1.00 19.48 ? 77  ASN A C   1 
ATOM   609  O O   . ASN A 1 77  ? 8.309   11.351  4.251   1.00 16.03 ? 77  ASN A O   1 
ATOM   610  C CB  . ASN A 1 77  ? 7.121   12.962  1.882   1.00 25.39 ? 77  ASN A CB  1 
ATOM   611  C CG  . ASN A 1 77  ? 6.084   13.640  1.028   1.00 28.34 ? 77  ASN A CG  1 
ATOM   612  O OD1 . ASN A 1 77  ? 5.837   13.570  -0.188  1.00 30.96 ? 77  ASN A OD1 1 
ATOM   613  N ND2 . ASN A 1 77  ? 5.238   14.427  1.668   1.00 31.14 ? 77  ASN A ND2 1 
ATOM   614  N N   . LYS A 1 78  ? 6.205   10.576  4.024   1.00 17.42 ? 78  LYS A N   1 
ATOM   615  C CA  . LYS A 1 78  ? 6.604   9.252   4.499   1.00 17.23 ? 78  LYS A CA  1 
ATOM   616  C C   . LYS A 1 78  ? 6.143   8.180   3.527   1.00 16.22 ? 78  LYS A C   1 
ATOM   617  O O   . LYS A 1 78  ? 4.954   8.085   3.274   1.00 13.94 ? 78  LYS A O   1 
ATOM   618  C CB  . LYS A 1 78  ? 6.030   8.977   5.888   1.00 18.20 ? 78  LYS A CB  1 
ATOM   619  C CG  . LYS A 1 78  ? 6.784   9.579   7.063   1.00 17.84 ? 78  LYS A CG  1 
ATOM   620  C CD  . LYS A 1 78  ? 8.231   9.175   7.117   1.00 19.29 ? 78  LYS A CD  1 
ATOM   621  C CE  . LYS A 1 78  ? 9.014   9.932   8.188   1.00 22.70 ? 78  LYS A CE  1 
ATOM   622  N NZ  . LYS A 1 78  ? 10.404  10.243  7.741   1.00 23.87 ? 78  LYS A NZ  1 
ATOM   623  N N   . ILE A 1 79  ? 7.044   7.397   2.959   1.00 16.81 ? 79  ILE A N   1 
ATOM   624  C CA  . ILE A 1 79  ? 6.642   6.328   2.040   1.00 16.40 ? 79  ILE A CA  1 
ATOM   625  C C   . ILE A 1 79  ? 6.068   5.241   2.939   1.00 16.31 ? 79  ILE A C   1 
ATOM   626  O O   . ILE A 1 79  ? 6.809   4.640   3.688   1.00 15.45 ? 79  ILE A O   1 
ATOM   627  C CB  . ILE A 1 79  ? 7.801   5.815   1.186   1.00 18.39 ? 79  ILE A CB  1 
ATOM   628  C CG1 . ILE A 1 79  ? 8.168   6.878   0.124   1.00 18.68 ? 79  ILE A CG1 1 
ATOM   629  C CG2 . ILE A 1 79  ? 7.502   4.500   0.474   1.00 17.06 ? 79  ILE A CG2 1 
ATOM   630  C CD1 . ILE A 1 79  ? 9.683   6.894   -0.045  1.00 19.55 ? 79  ILE A CD1 1 
ATOM   631  N N   . THR A 1 80  ? 4.751   5.078   2.931   1.00 15.86 ? 80  THR A N   1 
ATOM   632  C CA  . THR A 1 80  ? 4.095   4.159   3.823   1.00 18.42 ? 80  THR A CA  1 
ATOM   633  C C   . THR A 1 80  ? 3.605   2.908   3.132   1.00 19.63 ? 80  THR A C   1 
ATOM   634  O O   . THR A 1 80  ? 2.947   2.985   2.104   1.00 19.14 ? 80  THR A O   1 
ATOM   635  C CB  . THR A 1 80  ? 2.947   4.971   4.465   1.00 19.04 ? 80  THR A CB  1 
ATOM   636  O OG1 . THR A 1 80  ? 3.584   6.157   4.977   1.00 18.36 ? 80  THR A OG1 1 
ATOM   637  C CG2 . THR A 1 80  ? 2.179   4.239   5.514   1.00 18.80 ? 80  THR A CG2 1 
ATOM   638  N N   . PHE A 1 81  ? 3.943   1.764   3.716   1.00 20.73 ? 81  PHE A N   1 
ATOM   639  C CA  . PHE A 1 81  ? 3.561   0.443   3.223   1.00 20.53 ? 81  PHE A CA  1 
ATOM   640  C C   . PHE A 1 81  ? 2.409   -0.078  4.080   1.00 20.51 ? 81  PHE A C   1 
ATOM   641  O O   . PHE A 1 81  ? 2.405   -0.224  5.296   1.00 19.79 ? 81  PHE A O   1 
ATOM   642  C CB  . PHE A 1 81  ? 4.658   -0.619  3.140   1.00 20.95 ? 81  PHE A CB  1 
ATOM   643  C CG  . PHE A 1 81  ? 4.170   -1.964  2.668   1.00 21.88 ? 81  PHE A CG  1 
ATOM   644  C CD1 . PHE A 1 81  ? 3.677   -2.898  3.586   1.00 22.66 ? 81  PHE A CD1 1 
ATOM   645  C CD2 . PHE A 1 81  ? 4.159   -2.294  1.330   1.00 22.00 ? 81  PHE A CD2 1 
ATOM   646  C CE1 . PHE A 1 81  ? 3.203   -4.115  3.151   1.00 23.07 ? 81  PHE A CE1 1 
ATOM   647  C CE2 . PHE A 1 81  ? 3.685   -3.519  0.891   1.00 22.65 ? 81  PHE A CE2 1 
ATOM   648  C CZ  . PHE A 1 81  ? 3.215   -4.442  1.807   1.00 22.62 ? 81  PHE A CZ  1 
ATOM   649  N N   . ILE A 1 82  ? 1.345   -0.380  3.310   1.00 19.76 ? 82  ILE A N   1 
ATOM   650  C CA  . ILE A 1 82  ? 0.073   -0.792  3.868   1.00 17.66 ? 82  ILE A CA  1 
ATOM   651  C C   . ILE A 1 82  ? -0.300  -2.199  3.411   1.00 17.40 ? 82  ILE A C   1 
ATOM   652  O O   . ILE A 1 82  ? -0.311  -2.563  2.238   1.00 15.50 ? 82  ILE A O   1 
ATOM   653  C CB  . ILE A 1 82  ? -0.985  0.261   3.471   1.00 17.21 ? 82  ILE A CB  1 
ATOM   654  C CG1 . ILE A 1 82  ? -0.576  1.673   3.879   1.00 16.89 ? 82  ILE A CG1 1 
ATOM   655  C CG2 . ILE A 1 82  ? -2.354  -0.095  4.004   1.00 16.46 ? 82  ILE A CG2 1 
ATOM   656  C CD1 . ILE A 1 82  ? -1.460  2.829   3.546   1.00 16.15 ? 82  ILE A CD1 1 
ATOM   657  N N   . LEU A 1 83  ? -0.593  -3.015  4.429   1.00 16.67 ? 83  LEU A N   1 
ATOM   658  C CA  . LEU A 1 83  ? -1.105  -4.341  4.286   1.00 15.75 ? 83  LEU A CA  1 
ATOM   659  C C   . LEU A 1 83  ? -2.592  -4.255  4.687   1.00 13.87 ? 83  LEU A C   1 
ATOM   660  O O   . LEU A 1 83  ? -2.873  -4.011  5.866   1.00 10.49 ? 83  LEU A O   1 
ATOM   661  C CB  . LEU A 1 83  ? -0.498  -5.415  5.181   1.00 17.54 ? 83  LEU A CB  1 
ATOM   662  C CG  . LEU A 1 83  ? -0.491  -6.866  4.648   1.00 18.09 ? 83  LEU A CG  1 
ATOM   663  C CD1 . LEU A 1 83  ? -0.437  -7.829  5.834   1.00 16.47 ? 83  LEU A CD1 1 
ATOM   664  C CD2 . LEU A 1 83  ? -1.607  -7.204  3.676   1.00 15.83 ? 83  LEU A CD2 1 
ATOM   665  N N   . TRP A 1 84  ? -3.442  -4.391  3.686   1.00 12.25 ? 84  TRP A N   1 
ATOM   666  C CA  . TRP A 1 84  ? -4.892  -4.408  3.905   1.00 14.51 ? 84  TRP A CA  1 
ATOM   667  C C   . TRP A 1 84  ? -5.315  -5.869  4.026   1.00 15.02 ? 84  TRP A C   1 
ATOM   668  O O   . TRP A 1 84  ? -5.179  -6.627  3.075   1.00 15.78 ? 84  TRP A O   1 
ATOM   669  C CB  . TRP A 1 84  ? -5.650  -3.686  2.802   1.00 13.92 ? 84  TRP A CB  1 
ATOM   670  C CG  . TRP A 1 84  ? -7.139  -3.757  2.811   1.00 16.41 ? 84  TRP A CG  1 
ATOM   671  C CD1 . TRP A 1 84  ? -7.919  -4.337  1.828   1.00 16.22 ? 84  TRP A CD1 1 
ATOM   672  C CD2 . TRP A 1 84  ? -8.045  -3.288  3.825   1.00 15.69 ? 84  TRP A CD2 1 
ATOM   673  N NE1 . TRP A 1 84  ? -9.237  -4.230  2.195   1.00 17.27 ? 84  TRP A NE1 1 
ATOM   674  C CE2 . TRP A 1 84  ? -9.349  -3.603  3.397   1.00 16.12 ? 84  TRP A CE2 1 
ATOM   675  C CE3 . TRP A 1 84  ? -7.888  -2.666  5.052   1.00 15.45 ? 84  TRP A CE3 1 
ATOM   676  C CZ2 . TRP A 1 84  ? -10.496 -3.268  4.130   1.00 17.28 ? 84  TRP A CZ2 1 
ATOM   677  C CZ3 . TRP A 1 84  ? -9.019  -2.342  5.809   1.00 16.06 ? 84  TRP A CZ3 1 
ATOM   678  C CH2 . TRP A 1 84  ? -10.313 -2.636  5.345   1.00 16.70 ? 84  TRP A CH2 1 
ATOM   679  N N   . ALA A 1 85  ? -5.839  -6.302  5.170   1.00 17.29 ? 85  ALA A N   1 
ATOM   680  C CA  . ALA A 1 85  ? -6.194  -7.711  5.327   1.00 19.99 ? 85  ALA A CA  1 
ATOM   681  C C   . ALA A 1 85  ? -7.414  -7.806  6.237   1.00 21.03 ? 85  ALA A C   1 
ATOM   682  O O   . ALA A 1 85  ? -7.356  -8.124  7.407   1.00 20.72 ? 85  ALA A O   1 
ATOM   683  C CB  . ALA A 1 85  ? -5.002  -8.522  5.852   1.00 17.51 ? 85  ALA A CB  1 
ATOM   684  N N   . PRO A 1 86  ? -8.549  -7.367  5.703   1.00 23.05 ? 86  PRO A N   1 
ATOM   685  C CA  . PRO A 1 86  ? -9.796  -7.341  6.446   1.00 24.00 ? 86  PRO A CA  1 
ATOM   686  C C   . PRO A 1 86  ? -10.193 -8.705  6.978   1.00 25.99 ? 86  PRO A C   1 
ATOM   687  O O   . PRO A 1 86  ? -10.109 -9.730  6.279   1.00 24.30 ? 86  PRO A O   1 
ATOM   688  C CB  . PRO A 1 86  ? -10.849 -6.897  5.426   1.00 22.68 ? 86  PRO A CB  1 
ATOM   689  C CG  . PRO A 1 86  ? -10.211 -7.277  4.129   1.00 22.84 ? 86  PRO A CG  1 
ATOM   690  C CD  . PRO A 1 86  ? -8.752  -6.904  4.309   1.00 21.18 ? 86  PRO A CD  1 
ATOM   691  N N   . ASP A 1 87  ? -10.821 -8.666  8.158   1.00 27.36 ? 87  ASP A N   1 
ATOM   692  C CA  . ASP A 1 87  ? -11.302 -9.874  8.806   1.00 27.82 ? 87  ASP A CA  1 
ATOM   693  C C   . ASP A 1 87  ? -12.204 -10.755 7.977   1.00 27.77 ? 87  ASP A C   1 
ATOM   694  O O   . ASP A 1 87  ? -12.076 -11.971 8.107   1.00 28.41 ? 87  ASP A O   1 
ATOM   695  C CB  . ASP A 1 87  ? -12.027 -9.552  10.105  1.00 29.96 ? 87  ASP A CB  1 
ATOM   696  C CG  . ASP A 1 87  ? -11.038 -9.363  11.242  1.00 29.56 ? 87  ASP A CG  1 
ATOM   697  O OD1 . ASP A 1 87  ? -9.839  -9.673  11.085  1.00 30.60 ? 87  ASP A OD1 1 
ATOM   698  O OD2 . ASP A 1 87  ? -11.537 -8.899  12.276  1.00 30.59 ? 87  ASP A OD2 1 
ATOM   699  N N   . SER A 1 88  ? -12.972 -10.192 7.077   1.00 26.97 ? 88  SER A N   1 
ATOM   700  C CA  . SER A 1 88  ? -13.887 -10.859 6.200   1.00 25.18 ? 88  SER A CA  1 
ATOM   701  C C   . SER A 1 88  ? -13.256 -11.513 4.997   1.00 24.18 ? 88  SER A C   1 
ATOM   702  O O   . SER A 1 88  ? -13.961 -12.229 4.306   1.00 25.04 ? 88  SER A O   1 
ATOM   703  C CB  . SER A 1 88  ? -14.861 -9.777  5.659   1.00 25.97 ? 88  SER A CB  1 
ATOM   704  O OG  . SER A 1 88  ? -14.992 -8.816  6.695   1.00 27.87 ? 88  SER A OG  1 
ATOM   705  N N   . ALA A 1 89  ? -12.030 -11.213 4.634   1.00 24.27 ? 89  ALA A N   1 
ATOM   706  C CA  . ALA A 1 89  ? -11.409 -11.838 3.466   1.00 23.11 ? 89  ALA A CA  1 
ATOM   707  C C   . ALA A 1 89  ? -11.283 -13.326 3.829   1.00 22.75 ? 89  ALA A C   1 
ATOM   708  O O   . ALA A 1 89  ? -11.179 -13.666 5.006   1.00 22.74 ? 89  ALA A O   1 
ATOM   709  C CB  . ALA A 1 89  ? -10.045 -11.260 3.140   1.00 21.96 ? 89  ALA A CB  1 
ATOM   710  N N   . PRO A 1 90  ? -11.330 -14.162 2.820   1.00 22.56 ? 90  PRO A N   1 
ATOM   711  C CA  . PRO A 1 90  ? -11.235 -15.605 3.012   1.00 23.34 ? 90  PRO A CA  1 
ATOM   712  C C   . PRO A 1 90  ? -9.831  -15.983 3.476   1.00 22.84 ? 90  PRO A C   1 
ATOM   713  O O   . PRO A 1 90  ? -8.860  -15.253 3.228   1.00 22.73 ? 90  PRO A O   1 
ATOM   714  C CB  . PRO A 1 90  ? -11.597 -16.231 1.674   1.00 22.34 ? 90  PRO A CB  1 
ATOM   715  C CG  . PRO A 1 90  ? -12.068 -15.094 0.819   1.00 24.28 ? 90  PRO A CG  1 
ATOM   716  C CD  . PRO A 1 90  ? -11.455 -13.831 1.383   1.00 23.11 ? 90  PRO A CD  1 
ATOM   717  N N   . ILE A 1 91  ? -9.737  -17.112 4.163   1.00 21.75 ? 91  ILE A N   1 
ATOM   718  C CA  . ILE A 1 91  ? -8.521  -17.654 4.716   1.00 23.94 ? 91  ILE A CA  1 
ATOM   719  C C   . ILE A 1 91  ? -7.471  -17.776 3.614   1.00 21.70 ? 91  ILE A C   1 
ATOM   720  O O   . ILE A 1 91  ? -6.340  -17.403 3.859   1.00 20.82 ? 91  ILE A O   1 
ATOM   721  C CB  . ILE A 1 91  ? -8.692  -19.055 5.342   1.00 26.59 ? 91  ILE A CB  1 
ATOM   722  C CG1 . ILE A 1 91  ? -9.460  -18.930 6.651   1.00 28.26 ? 91  ILE A CG1 1 
ATOM   723  C CG2 . ILE A 1 91  ? -7.386  -19.784 5.586   1.00 28.88 ? 91  ILE A CG2 1 
ATOM   724  C CD1 . ILE A 1 91  ? -10.956 -19.073 6.388   1.00 30.30 ? 91  ILE A CD1 1 
ATOM   725  N N   . LYS A 1 92  ? -7.900  -18.269 2.461   1.00 21.14 ? 92  LYS A N   1 
ATOM   726  C CA  . LYS A 1 92  ? -6.998  -18.445 1.326   1.00 20.96 ? 92  LYS A CA  1 
ATOM   727  C C   . LYS A 1 92  ? -6.329  -17.105 1.020   1.00 21.04 ? 92  LYS A C   1 
ATOM   728  O O   . LYS A 1 92  ? -5.120  -16.995 0.944   1.00 19.92 ? 92  LYS A O   1 
ATOM   729  C CB  . LYS A 1 92  ? -7.767  -18.955 0.108   1.00 20.38 ? 92  LYS A CB  1 
ATOM   730  C CG  . LYS A 1 92  ? -6.889  -19.351 -1.074  1.00 22.30 ? 92  LYS A CG  1 
ATOM   731  C CD  . LYS A 1 92  ? -7.736  -20.117 -2.100  1.00 25.10 ? 92  LYS A CD  1 
ATOM   732  C CE  . LYS A 1 92  ? -7.182  -19.973 -3.500  1.00 26.42 ? 92  LYS A CE  1 
ATOM   733  N NZ  . LYS A 1 92  ? -5.726  -20.293 -3.571  1.00 27.33 ? 92  LYS A NZ  1 
ATOM   734  N N   . SER A 1 93  ? -7.156  -16.073 0.884   1.00 22.36 ? 93  SER A N   1 
ATOM   735  C CA  . SER A 1 93  ? -6.704  -14.720 0.635   1.00 23.32 ? 93  SER A CA  1 
ATOM   736  C C   . SER A 1 93  ? -5.728  -14.249 1.692   1.00 23.32 ? 93  SER A C   1 
ATOM   737  O O   . SER A 1 93  ? -4.578  -13.913 1.391   1.00 23.16 ? 93  SER A O   1 
ATOM   738  C CB  . SER A 1 93  ? -7.921  -13.781 0.583   1.00 23.25 ? 93  SER A CB  1 
ATOM   739  O OG  . SER A 1 93  ? -7.561  -12.427 0.561   1.00 25.20 ? 93  SER A OG  1 
ATOM   740  N N   . LYS A 1 94  ? -6.159  -14.263 2.961   1.00 23.99 ? 94  LYS A N   1 
ATOM   741  C CA  . LYS A 1 94  ? -5.240  -13.795 3.991   1.00 25.06 ? 94  LYS A CA  1 
ATOM   742  C C   . LYS A 1 94  ? -3.963  -14.635 3.960   1.00 24.26 ? 94  LYS A C   1 
ATOM   743  O O   . LYS A 1 94  ? -2.921  -13.988 4.102   1.00 25.64 ? 94  LYS A O   1 
ATOM   744  C CB  . LYS A 1 94  ? -5.787  -13.788 5.411   1.00 27.14 ? 94  LYS A CB  1 
ATOM   745  C CG  . LYS A 1 94  ? -7.238  -13.331 5.555   1.00 28.83 ? 94  LYS A CG  1 
ATOM   746  C CD  . LYS A 1 94  ? -7.595  -13.254 7.033   1.00 30.44 ? 94  LYS A CD  1 
ATOM   747  C CE  . LYS A 1 94  ? -9.087  -13.082 7.279   1.00 32.15 ? 94  LYS A CE  1 
ATOM   748  N NZ  . LYS A 1 94  ? -9.411  -13.467 8.696   1.00 31.86 ? 94  LYS A NZ  1 
ATOM   749  N N   . MET A 1 95  ? -4.019  -15.950 3.733   1.00 22.47 ? 95  MET A N   1 
ATOM   750  C CA  . MET A 1 95  ? -2.761  -16.691 3.758   1.00 21.85 ? 95  MET A CA  1 
ATOM   751  C C   . MET A 1 95  ? -1.895  -16.254 2.579   1.00 21.03 ? 95  MET A C   1 
ATOM   752  O O   . MET A 1 95  ? -0.700  -16.164 2.854   1.00 21.42 ? 95  MET A O   1 
ATOM   753  C CB  . MET A 1 95  ? -2.863  -18.217 3.812   1.00 20.85 ? 95  MET A CB  1 
ATOM   754  C CG  . MET A 1 95  ? -3.596  -18.846 4.971   1.00 22.60 ? 95  MET A CG  1 
ATOM   755  S SD  . MET A 1 95  ? -3.908  -20.643 4.937   1.00 21.84 ? 95  MET A SD  1 
ATOM   756  C CE  . MET A 1 95  ? -3.783  -20.987 3.181   1.00 20.48 ? 95  MET A CE  1 
ATOM   757  N N   . MET A 1 96  ? -2.405  -16.077 1.366   1.00 20.07 ? 96  MET A N   1 
ATOM   758  C CA  . MET A 1 96  ? -1.533  -15.663 0.267   1.00 22.09 ? 96  MET A CA  1 
ATOM   759  C C   . MET A 1 96  ? -0.805  -14.330 0.496   1.00 19.69 ? 96  MET A C   1 
ATOM   760  O O   . MET A 1 96  ? 0.401   -14.217 0.251   1.00 18.67 ? 96  MET A O   1 
ATOM   761  C CB  . MET A 1 96  ? -2.312  -15.532 -1.045  1.00 23.07 ? 96  MET A CB  1 
ATOM   762  C CG  . MET A 1 96  ? -2.720  -16.728 -1.880  1.00 25.56 ? 96  MET A CG  1 
ATOM   763  S SD  . MET A 1 96  ? -3.064  -16.204 -3.610  1.00 28.58 ? 96  MET A SD  1 
ATOM   764  C CE  . MET A 1 96  ? -4.690  -15.458 -3.424  1.00 26.61 ? 96  MET A CE  1 
ATOM   765  N N   . TYR A 1 97  ? -1.496  -13.284 0.955   1.00 17.39 ? 97  TYR A N   1 
ATOM   766  C CA  . TYR A 1 97  ? -0.840  -11.983 1.135   1.00 17.71 ? 97  TYR A CA  1 
ATOM   767  C C   . TYR A 1 97  ? 0.103   -11.982 2.346   1.00 17.80 ? 97  TYR A C   1 
ATOM   768  O O   . TYR A 1 97  ? 1.157   -11.351 2.365   1.00 15.64 ? 97  TYR A O   1 
ATOM   769  C CB  . TYR A 1 97  ? -1.867  -10.853 1.259   1.00 16.85 ? 97  TYR A CB  1 
ATOM   770  C CG  . TYR A 1 97  ? -2.617  -10.549 -0.020  1.00 17.34 ? 97  TYR A CG  1 
ATOM   771  C CD1 . TYR A 1 97  ? -3.662  -11.363 -0.469  1.00 16.16 ? 97  TYR A CD1 1 
ATOM   772  C CD2 . TYR A 1 97  ? -2.270  -9.449  -0.785  1.00 15.99 ? 97  TYR A CD2 1 
ATOM   773  C CE1 . TYR A 1 97  ? -4.299  -11.084 -1.657  1.00 15.99 ? 97  TYR A CE1 1 
ATOM   774  C CE2 . TYR A 1 97  ? -2.906  -9.160  -1.978  1.00 16.04 ? 97  TYR A CE2 1 
ATOM   775  C CZ  . TYR A 1 97  ? -3.919  -9.990  -2.406  1.00 16.07 ? 97  TYR A CZ  1 
ATOM   776  O OH  . TYR A 1 97  ? -4.569  -9.696  -3.563  1.00 15.45 ? 97  TYR A OH  1 
ATOM   777  N N   . THR A 1 98  ? -0.235  -12.777 3.358   1.00 18.73 ? 98  THR A N   1 
ATOM   778  C CA  . THR A 1 98  ? 0.609   -12.843 4.555   1.00 20.44 ? 98  THR A CA  1 
ATOM   779  C C   . THR A 1 98  ? 1.949   -13.454 4.168   1.00 22.67 ? 98  THR A C   1 
ATOM   780  O O   . THR A 1 98  ? 3.045   -12.900 4.411   1.00 22.46 ? 98  THR A O   1 
ATOM   781  C CB  . THR A 1 98  ? -0.116  -13.601 5.669   1.00 20.95 ? 98  THR A CB  1 
ATOM   782  O OG1 . THR A 1 98  ? -1.167  -12.823 6.272   1.00 19.49 ? 98  THR A OG1 1 
ATOM   783  C CG2 . THR A 1 98  ? 0.870   -14.017 6.768   1.00 22.68 ? 98  THR A CG2 1 
ATOM   784  N N   . SER A 1 99  ? 1.886   -14.583 3.435   1.00 22.10 ? 99  SER A N   1 
ATOM   785  C CA  . SER A 1 99  ? 3.139   -15.206 3.023   1.00 23.26 ? 99  SER A CA  1 
ATOM   786  C C   . SER A 1 99  ? 3.934   -14.393 2.024   1.00 23.02 ? 99  SER A C   1 
ATOM   787  O O   . SER A 1 99  ? 5.161   -14.598 1.987   1.00 24.52 ? 99  SER A O   1 
ATOM   788  C CB  . SER A 1 99  ? 2.912   -16.602 2.447   1.00 23.36 ? 99  SER A CB  1 
ATOM   789  O OG  . SER A 1 99  ? 1.815   -16.513 1.549   1.00 27.52 ? 99  SER A OG  1 
ATOM   790  N N   . THR A 1 100 ? 3.330   -13.531 1.222   1.00 22.00 ? 100 THR A N   1 
ATOM   791  C CA  . THR A 1 100 ? 4.107   -12.782 0.241   1.00 21.79 ? 100 THR A CA  1 
ATOM   792  C C   . THR A 1 100 ? 4.554   -11.406 0.719   1.00 22.45 ? 100 THR A C   1 
ATOM   793  O O   . THR A 1 100 ? 5.465   -10.795 0.133   1.00 23.17 ? 100 THR A O   1 
ATOM   794  C CB  . THR A 1 100 ? 3.297   -12.702 -1.065  1.00 22.00 ? 100 THR A CB  1 
ATOM   795  O OG1 . THR A 1 100 ? 2.644   -13.972 -1.296  1.00 20.40 ? 100 THR A OG1 1 
ATOM   796  C CG2 . THR A 1 100 ? 4.214   -12.371 -2.234  1.00 22.19 ? 100 THR A CG2 1 
ATOM   797  N N   . LYS A 1 101 ? 4.038   -10.925 1.844   1.00 22.16 ? 101 LYS A N   1 
ATOM   798  C CA  . LYS A 1 101 ? 4.422   -9.592  2.302   1.00 23.44 ? 101 LYS A CA  1 
ATOM   799  C C   . LYS A 1 101 ? 5.916   -9.347  2.408   1.00 22.38 ? 101 LYS A C   1 
ATOM   800  O O   . LYS A 1 101 ? 6.263   -8.258  1.906   1.00 21.53 ? 101 LYS A O   1 
ATOM   801  C CB  . LYS A 1 101 ? 3.630   -9.119  3.509   1.00 24.10 ? 101 LYS A CB  1 
ATOM   802  C CG  . LYS A 1 101 ? 3.995   -9.630  4.867   1.00 28.96 ? 101 LYS A CG  1 
ATOM   803  C CD  . LYS A 1 101 ? 3.096   -9.097  5.984   1.00 32.19 ? 101 LYS A CD  1 
ATOM   804  C CE  . LYS A 1 101 ? 2.957   -10.124 7.117   1.00 34.04 ? 101 LYS A CE  1 
ATOM   805  N NZ  . LYS A 1 101 ? 2.956   -9.466  8.453   1.00 35.76 ? 101 LYS A NZ  1 
ATOM   806  N N   . ASP A 1 102 ? 6.801   -10.182 2.911   1.00 20.75 ? 102 ASP A N   1 
ATOM   807  C CA  . ASP A 1 102 ? 8.218   -9.841  3.059   1.00 21.30 ? 102 ASP A CA  1 
ATOM   808  C C   . ASP A 1 102 ? 8.909   -9.680  1.702   1.00 21.86 ? 102 ASP A C   1 
ATOM   809  O O   . ASP A 1 102 ? 9.730   -8.818  1.433   1.00 19.01 ? 102 ASP A O   1 
ATOM   810  C CB  . ASP A 1 102 ? 8.998   -10.837 3.911   1.00 22.32 ? 102 ASP A CB  1 
ATOM   811  C CG  . ASP A 1 102 ? 8.495   -11.069 5.299   1.00 23.78 ? 102 ASP A CG  1 
ATOM   812  O OD1 . ASP A 1 102 ? 8.140   -10.168 6.084   1.00 25.85 ? 102 ASP A OD1 1 
ATOM   813  O OD2 . ASP A 1 102 ? 8.411   -12.233 5.728   1.00 26.37 ? 102 ASP A OD2 1 
ATOM   814  N N   . SER A 1 103 ? 8.537   -10.575 0.784   1.00 21.64 ? 103 SER A N   1 
ATOM   815  C CA  . SER A 1 103 ? 9.016   -10.472 -0.565  1.00 22.44 ? 103 SER A CA  1 
ATOM   816  C C   . SER A 1 103 ? 8.702   -9.120  -1.209  1.00 23.05 ? 103 SER A C   1 
ATOM   817  O O   . SER A 1 103 ? 9.585   -8.475  -1.763  1.00 24.99 ? 103 SER A O   1 
ATOM   818  C CB  . SER A 1 103 ? 8.328   -11.583 -1.378  1.00 21.77 ? 103 SER A CB  1 
ATOM   819  O OG  . SER A 1 103 ? 8.738   -11.272 -2.707  1.00 23.55 ? 103 SER A OG  1 
ATOM   820  N N   . ILE A 1 104 ? 7.458   -8.642  -1.219  1.00 21.21 ? 104 ILE A N   1 
ATOM   821  C CA  . ILE A 1 104 ? 7.164   -7.392  -1.878  1.00 20.53 ? 104 ILE A CA  1 
ATOM   822  C C   . ILE A 1 104 ? 7.904   -6.259  -1.161  1.00 21.31 ? 104 ILE A C   1 
ATOM   823  O O   . ILE A 1 104 ? 8.597   -5.474  -1.812  1.00 19.20 ? 104 ILE A O   1 
ATOM   824  C CB  . ILE A 1 104 ? 5.674   -7.057  -2.069  1.00 19.53 ? 104 ILE A CB  1 
ATOM   825  C CG1 . ILE A 1 104 ? 5.574   -5.691  -2.755  1.00 20.83 ? 104 ILE A CG1 1 
ATOM   826  C CG2 . ILE A 1 104 ? 4.928   -7.066  -0.748  1.00 18.01 ? 104 ILE A CG2 1 
ATOM   827  C CD1 . ILE A 1 104 ? 4.303   -5.454  -3.542  1.00 22.13 ? 104 ILE A CD1 1 
ATOM   828  N N   . LYS A 1 105 ? 7.787   -6.234  0.176   1.00 21.61 ? 105 LYS A N   1 
ATOM   829  C CA  . LYS A 1 105 ? 8.412   -5.192  0.958   1.00 21.45 ? 105 LYS A CA  1 
ATOM   830  C C   . LYS A 1 105 ? 9.910   -5.106  0.702   1.00 21.88 ? 105 LYS A C   1 
ATOM   831  O O   . LYS A 1 105 ? 10.448  -3.996  0.536   1.00 20.23 ? 105 LYS A O   1 
ATOM   832  C CB  . LYS A 1 105 ? 8.114   -5.308  2.450   1.00 21.59 ? 105 LYS A CB  1 
ATOM   833  C CG  . LYS A 1 105 ? 6.734   -4.887  2.869   1.00 24.13 ? 105 LYS A CG  1 
ATOM   834  C CD  . LYS A 1 105 ? 6.521   -4.734  4.378   1.00 24.67 ? 105 LYS A CD  1 
ATOM   835  C CE  . LYS A 1 105 ? 6.361   -6.144  4.960   1.00 27.46 ? 105 LYS A CE  1 
ATOM   836  N NZ  . LYS A 1 105 ? 5.962   -6.064  6.401   1.00 29.40 ? 105 LYS A NZ  1 
ATOM   837  N N   . LYS A 1 106 ? 10.580  -6.251  0.674   1.00 22.54 ? 106 LYS A N   1 
ATOM   838  C CA  . LYS A 1 106 ? 12.010  -6.285  0.455   1.00 26.06 ? 106 LYS A CA  1 
ATOM   839  C C   . LYS A 1 106 ? 12.390  -5.805  -0.932  1.00 27.23 ? 106 LYS A C   1 
ATOM   840  O O   . LYS A 1 106 ? 13.488  -5.282  -1.063  1.00 29.55 ? 106 LYS A O   1 
ATOM   841  C CB  . LYS A 1 106 ? 12.617  -7.653  0.732   1.00 28.10 ? 106 LYS A CB  1 
ATOM   842  C CG  . LYS A 1 106 ? 12.610  -8.127  2.166   1.00 28.32 ? 106 LYS A CG  1 
ATOM   843  C CD  . LYS A 1 106 ? 13.245  -9.494  2.349   1.00 30.41 ? 106 LYS A CD  1 
ATOM   844  C CE  . LYS A 1 106 ? 13.601  -9.793  3.791   1.00 30.26 ? 106 LYS A CE  1 
ATOM   845  N NZ  . LYS A 1 106 ? 14.769  -9.097  4.356   1.00 29.85 ? 106 LYS A NZ  1 
ATOM   846  N N   . LYS A 1 107 ? 11.554  -5.923  -1.946  1.00 27.71 ? 107 LYS A N   1 
ATOM   847  C CA  . LYS A 1 107 ? 11.809  -5.462  -3.281  1.00 26.91 ? 107 LYS A CA  1 
ATOM   848  C C   . LYS A 1 107 ? 11.506  -3.976  -3.450  1.00 26.56 ? 107 LYS A C   1 
ATOM   849  O O   . LYS A 1 107 ? 11.942  -3.360  -4.430  1.00 27.30 ? 107 LYS A O   1 
ATOM   850  C CB  . LYS A 1 107 ? 10.874  -6.150  -4.315  1.00 27.94 ? 107 LYS A CB  1 
ATOM   851  C CG  . LYS A 1 107 ? 11.368  -7.508  -4.757  1.00 29.37 ? 107 LYS A CG  1 
ATOM   852  C CD  . LYS A 1 107 ? 10.781  -7.965  -6.071  1.00 31.54 ? 107 LYS A CD  1 
ATOM   853  C CE  . LYS A 1 107 ? 11.352  -9.317  -6.499  1.00 32.30 ? 107 LYS A CE  1 
ATOM   854  N NZ  . LYS A 1 107 ? 12.710  -9.184  -7.110  1.00 33.85 ? 107 LYS A NZ  1 
ATOM   855  N N   . LEU A 1 108 ? 10.682  -3.458  -2.555  1.00 23.05 ? 108 LEU A N   1 
ATOM   856  C CA  . LEU A 1 108 ? 10.275  -2.062  -2.593  1.00 22.22 ? 108 LEU A CA  1 
ATOM   857  C C   . LEU A 1 108 ? 11.199  -1.274  -1.689  1.00 22.33 ? 108 LEU A C   1 
ATOM   858  O O   . LEU A 1 108 ? 10.856  -0.889  -0.577  1.00 22.80 ? 108 LEU A O   1 
ATOM   859  C CB  . LEU A 1 108 ? 8.790   -2.005  -2.242  1.00 20.66 ? 108 LEU A CB  1 
ATOM   860  C CG  . LEU A 1 108 ? 7.744   -1.790  -3.314  1.00 18.92 ? 108 LEU A CG  1 
ATOM   861  C CD1 . LEU A 1 108 ? 8.055   -2.429  -4.660  1.00 16.49 ? 108 LEU A CD1 1 
ATOM   862  C CD2 . LEU A 1 108 ? 6.357   -2.198  -2.824  1.00 19.11 ? 108 LEU A CD2 1 
ATOM   863  N N   . VAL A 1 109 ? 12.448  -1.110  -2.121  1.00 22.03 ? 109 VAL A N   1 
ATOM   864  C CA  . VAL A 1 109 ? 13.471  -0.422  -1.347  1.00 21.70 ? 109 VAL A CA  1 
ATOM   865  C C   . VAL A 1 109 ? 13.119  1.007   -0.997  1.00 20.13 ? 109 VAL A C   1 
ATOM   866  O O   . VAL A 1 109 ? 12.883  1.785   -1.916  1.00 21.72 ? 109 VAL A O   1 
ATOM   867  C CB  . VAL A 1 109 ? 14.787  -0.459  -2.161  1.00 23.49 ? 109 VAL A CB  1 
ATOM   868  C CG1 . VAL A 1 109 ? 15.936  0.226   -1.452  1.00 22.65 ? 109 VAL A CG1 1 
ATOM   869  C CG2 . VAL A 1 109 ? 15.130  -1.933  -2.466  1.00 23.95 ? 109 VAL A CG2 1 
ATOM   870  N N   . GLY A 1 110 ? 13.111  1.409   0.263   1.00 19.67 ? 110 GLY A N   1 
ATOM   871  C CA  . GLY A 1 110 ? 12.798  2.791   0.622   1.00 22.22 ? 110 GLY A CA  1 
ATOM   872  C C   . GLY A 1 110 ? 11.559  2.915   1.504   1.00 22.26 ? 110 GLY A C   1 
ATOM   873  O O   . GLY A 1 110 ? 11.206  4.028   1.869   1.00 21.98 ? 110 GLY A O   1 
ATOM   874  N N   . ILE A 1 111 ? 10.929  1.809   1.894   1.00 22.80 ? 111 ILE A N   1 
ATOM   875  C CA  . ILE A 1 111 ? 9.758   1.911   2.789   1.00 22.99 ? 111 ILE A CA  1 
ATOM   876  C C   . ILE A 1 111 ? 10.194  2.564   4.097   1.00 21.64 ? 111 ILE A C   1 
ATOM   877  O O   . ILE A 1 111 ? 11.181  2.203   4.716   1.00 19.97 ? 111 ILE A O   1 
ATOM   878  C CB  . ILE A 1 111 ? 9.024   0.598   3.041   1.00 22.34 ? 111 ILE A CB  1 
ATOM   879  C CG1 . ILE A 1 111 ? 8.197   0.174   1.818   1.00 22.20 ? 111 ILE A CG1 1 
ATOM   880  C CG2 . ILE A 1 111 ? 8.127   0.605   4.271   1.00 22.14 ? 111 ILE A CG2 1 
ATOM   881  C CD1 . ILE A 1 111 ? 8.049   -1.358  1.824   1.00 24.24 ? 111 ILE A CD1 1 
ATOM   882  N N   . GLN A 1 112 ? 9.410   3.569   4.509   1.00 22.67 ? 112 GLN A N   1 
ATOM   883  C CA  . GLN A 1 112 ? 9.791   4.266   5.741   1.00 23.27 ? 112 GLN A CA  1 
ATOM   884  C C   . GLN A 1 112 ? 8.836   3.918   6.871   1.00 23.74 ? 112 GLN A C   1 
ATOM   885  O O   . GLN A 1 112 ? 9.282   3.938   8.022   1.00 25.53 ? 112 GLN A O   1 
ATOM   886  C CB  . GLN A 1 112 ? 9.924   5.766   5.557   1.00 21.58 ? 112 GLN A CB  1 
ATOM   887  C CG  . GLN A 1 112 ? 11.119  6.237   4.755   1.00 21.32 ? 112 GLN A CG  1 
ATOM   888  C CD  . GLN A 1 112 ? 10.969  7.705   4.391   1.00 22.54 ? 112 GLN A CD  1 
ATOM   889  O OE1 . GLN A 1 112 ? 10.099  8.076   3.591   1.00 22.95 ? 112 GLN A OE1 1 
ATOM   890  N NE2 . GLN A 1 112 ? 11.771  8.608   4.941   1.00 22.25 ? 112 GLN A NE2 1 
ATOM   891  N N   . VAL A 1 113 ? 7.575   3.684   6.587   1.00 23.05 ? 113 VAL A N   1 
ATOM   892  C CA  . VAL A 1 113 ? 6.544   3.356   7.572   1.00 22.11 ? 113 VAL A CA  1 
ATOM   893  C C   . VAL A 1 113 ? 5.726   2.132   7.125   1.00 21.05 ? 113 VAL A C   1 
ATOM   894  O O   . VAL A 1 113 ? 5.449   1.942   5.940   1.00 18.59 ? 113 VAL A O   1 
ATOM   895  C CB  . VAL A 1 113 ? 5.599   4.561   7.783   1.00 22.64 ? 113 VAL A CB  1 
ATOM   896  C CG1 . VAL A 1 113 ? 4.388   4.241   8.654   1.00 20.82 ? 113 VAL A CG1 1 
ATOM   897  C CG2 . VAL A 1 113 ? 6.318   5.770   8.417   1.00 23.15 ? 113 VAL A CG2 1 
ATOM   898  N N   . GLU A 1 114 ? 5.334   1.256   8.057   1.00 21.25 ? 114 GLU A N   1 
ATOM   899  C CA  . GLU A 1 114 ? 4.520   0.088   7.799   1.00 19.80 ? 114 GLU A CA  1 
ATOM   900  C C   . GLU A 1 114 ? 3.225   0.050   8.607   1.00 19.88 ? 114 GLU A C   1 
ATOM   901  O O   . GLU A 1 114 ? 3.261   0.095   9.846   1.00 20.04 ? 114 GLU A O   1 
ATOM   902  C CB  . GLU A 1 114 ? 5.192   -1.221  8.198   1.00 21.28 ? 114 GLU A CB  1 
ATOM   903  C CG  . GLU A 1 114 ? 6.607   -1.367  7.744   1.00 25.50 ? 114 GLU A CG  1 
ATOM   904  C CD  . GLU A 1 114 ? 7.085   -2.746  7.385   1.00 26.03 ? 114 GLU A CD  1 
ATOM   905  O OE1 . GLU A 1 114 ? 6.462   -3.777  7.684   1.00 26.58 ? 114 GLU A OE1 1 
ATOM   906  O OE2 . GLU A 1 114 ? 8.173   -2.724  6.760   1.00 28.45 ? 114 GLU A OE2 1 
ATOM   907  N N   . VAL A 1 115 ? 2.097   -0.138  7.932   1.00 18.60 ? 115 VAL A N   1 
ATOM   908  C CA  . VAL A 1 115 ? 0.833   -0.276  8.617   1.00 18.72 ? 115 VAL A CA  1 
ATOM   909  C C   . VAL A 1 115 ? 0.133   -1.566  8.155   1.00 19.40 ? 115 VAL A C   1 
ATOM   910  O O   . VAL A 1 115 ? 0.197   -1.962  6.985   1.00 17.58 ? 115 VAL A O   1 
ATOM   911  C CB  . VAL A 1 115 ? -0.152  0.866   8.334   1.00 20.79 ? 115 VAL A CB  1 
ATOM   912  C CG1 . VAL A 1 115 ? -1.498  0.569   9.007   1.00 20.38 ? 115 VAL A CG1 1 
ATOM   913  C CG2 . VAL A 1 115 ? 0.374   2.247   8.699   1.00 20.48 ? 115 VAL A CG2 1 
ATOM   914  N N   . GLN A 1 116 ? -0.507  -2.202  9.120   1.00 19.23 ? 116 GLN A N   1 
ATOM   915  C CA  . GLN A 1 116 ? -1.373  -3.343  8.906   1.00 19.88 ? 116 GLN A CA  1 
ATOM   916  C C   . GLN A 1 116 ? -2.763  -2.942  9.423   1.00 19.14 ? 116 GLN A C   1 
ATOM   917  O O   . GLN A 1 116 ? -2.893  -2.458  10.559  1.00 19.92 ? 116 GLN A O   1 
ATOM   918  C CB  . GLN A 1 116 ? -0.850  -4.590  9.569   1.00 22.10 ? 116 GLN A CB  1 
ATOM   919  C CG  . GLN A 1 116 ? -1.718  -5.830  9.447   1.00 28.72 ? 116 GLN A CG  1 
ATOM   920  C CD  . GLN A 1 116 ? -1.349  -6.828  10.549  1.00 32.25 ? 116 GLN A CD  1 
ATOM   921  O OE1 . GLN A 1 116 ? -1.762  -6.703  11.704  1.00 32.85 ? 116 GLN A OE1 1 
ATOM   922  N NE2 . GLN A 1 116 ? -0.550  -7.823  10.197  1.00 34.33 ? 116 GLN A NE2 1 
ATOM   923  N N   . ALA A 1 117 ? -3.796  -3.119  8.619   1.00 15.56 ? 117 ALA A N   1 
ATOM   924  C CA  . ALA A 1 117 ? -5.146  -2.757  8.962   1.00 15.57 ? 117 ALA A CA  1 
ATOM   925  C C   . ALA A 1 117 ? -6.152  -3.845  8.614   1.00 15.39 ? 117 ALA A C   1 
ATOM   926  O O   . ALA A 1 117 ? -6.151  -4.382  7.516   1.00 14.95 ? 117 ALA A O   1 
ATOM   927  C CB  . ALA A 1 117 ? -5.548  -1.488  8.184   1.00 14.12 ? 117 ALA A CB  1 
ATOM   928  N N   . THR A 1 118 ? -7.028  -4.145  9.552   1.00 17.38 ? 118 THR A N   1 
ATOM   929  C CA  . THR A 1 118 ? -8.024  -5.188  9.355   1.00 19.64 ? 118 THR A CA  1 
ATOM   930  C C   . THR A 1 118 ? -9.423  -4.617  9.246   1.00 20.15 ? 118 THR A C   1 
ATOM   931  O O   . THR A 1 118 ? -10.342 -5.375  8.930   1.00 22.21 ? 118 THR A O   1 
ATOM   932  C CB  . THR A 1 118 ? -8.009  -6.217  10.492  1.00 20.02 ? 118 THR A CB  1 
ATOM   933  O OG1 . THR A 1 118 ? -8.425  -5.526  11.673  1.00 21.87 ? 118 THR A OG1 1 
ATOM   934  C CG2 . THR A 1 118 ? -6.608  -6.735  10.748  1.00 20.85 ? 118 THR A CG2 1 
ATOM   935  N N   . ASP A 1 119 ? -9.584  -3.312  9.419   1.00 19.48 ? 119 ASP A N   1 
ATOM   936  C CA  . ASP A 1 119 ? -10.926 -2.756  9.275   1.00 19.69 ? 119 ASP A CA  1 
ATOM   937  C C   . ASP A 1 119 ? -10.911 -1.258  9.000   1.00 17.60 ? 119 ASP A C   1 
ATOM   938  O O   . ASP A 1 119 ? -9.873  -0.662  8.732   1.00 18.15 ? 119 ASP A O   1 
ATOM   939  C CB  . ASP A 1 119 ? -11.822 -3.040  10.480  1.00 21.69 ? 119 ASP A CB  1 
ATOM   940  C CG  . ASP A 1 119 ? -11.227 -2.529  11.770  1.00 21.68 ? 119 ASP A CG  1 
ATOM   941  O OD1 . ASP A 1 119 ? -10.448 -1.555  11.812  1.00 24.90 ? 119 ASP A OD1 1 
ATOM   942  O OD2 . ASP A 1 119 ? -11.570 -3.116  12.799  1.00 23.86 ? 119 ASP A OD2 1 
ATOM   943  N N   . ALA A 1 120 ? -12.095 -0.706  9.080   1.00 17.67 ? 120 ALA A N   1 
ATOM   944  C CA  . ALA A 1 120 ? -12.375 0.689   8.789   1.00 20.30 ? 120 ALA A CA  1 
ATOM   945  C C   . ALA A 1 120 ? -11.636 1.649   9.709   1.00 20.26 ? 120 ALA A C   1 
ATOM   946  O O   . ALA A 1 120 ? -10.965 2.534   9.153   1.00 21.26 ? 120 ALA A O   1 
ATOM   947  C CB  . ALA A 1 120 ? -13.869 0.996   8.770   1.00 20.47 ? 120 ALA A CB  1 
ATOM   948  N N   . ALA A 1 121 ? -11.597 1.462   11.005  1.00 19.55 ? 121 ALA A N   1 
ATOM   949  C CA  . ALA A 1 121 ? -10.837 2.366   11.873  1.00 20.32 ? 121 ALA A CA  1 
ATOM   950  C C   . ALA A 1 121 ? -9.333  2.317   11.607  1.00 21.05 ? 121 ALA A C   1 
ATOM   951  O O   . ALA A 1 121 ? -8.663  3.342   11.606  1.00 21.32 ? 121 ALA A O   1 
ATOM   952  C CB  . ALA A 1 121 ? -11.033 1.938   13.321  1.00 19.60 ? 121 ALA A CB  1 
ATOM   953  N N   . GLU A 1 122 ? -8.817  1.106   11.400  1.00 21.11 ? 122 GLU A N   1 
ATOM   954  C CA  . GLU A 1 122 ? -7.423  0.827   11.189  1.00 21.80 ? 122 GLU A CA  1 
ATOM   955  C C   . GLU A 1 122 ? -6.884  1.375   9.874   1.00 20.01 ? 122 GLU A C   1 
ATOM   956  O O   . GLU A 1 122 ? -5.694  1.687   9.883   1.00 20.57 ? 122 GLU A O   1 
ATOM   957  C CB  . GLU A 1 122 ? -7.106  -0.680  11.301  1.00 24.94 ? 122 GLU A CB  1 
ATOM   958  C CG  . GLU A 1 122 ? -6.764  -1.197  12.690  1.00 27.31 ? 122 GLU A CG  1 
ATOM   959  C CD  . GLU A 1 122 ? -6.870  -2.708  12.892  1.00 30.00 ? 122 GLU A CD  1 
ATOM   960  O OE1 . GLU A 1 122 ? -6.579  -3.545  11.990  1.00 29.03 ? 122 GLU A OE1 1 
ATOM   961  O OE2 . GLU A 1 122 ? -7.273  -3.078  14.033  1.00 30.09 ? 122 GLU A OE2 1 
ATOM   962  N N   . ILE A 1 123 ? -7.651  1.474   8.818   1.00 17.68 ? 123 ILE A N   1 
ATOM   963  C CA  . ILE A 1 123 ? -7.207  2.025   7.547   1.00 17.58 ? 123 ILE A CA  1 
ATOM   964  C C   . ILE A 1 123 ? -7.723  3.471   7.442   1.00 18.04 ? 123 ILE A C   1 
ATOM   965  O O   . ILE A 1 123 ? -7.648  4.092   6.369   1.00 18.46 ? 123 ILE A O   1 
ATOM   966  C CB  . ILE A 1 123 ? -7.624  1.148   6.354   1.00 16.99 ? 123 ILE A CB  1 
ATOM   967  C CG1 . ILE A 1 123 ? -6.874  1.359   5.048   1.00 18.27 ? 123 ILE A CG1 1 
ATOM   968  C CG2 . ILE A 1 123 ? -9.108  1.361   6.009   1.00 18.22 ? 123 ILE A CG2 1 
ATOM   969  C CD1 . ILE A 1 123 ? -5.394  1.102   4.958   1.00 15.54 ? 123 ILE A CD1 1 
ATOM   970  N N   . SER A 1 124 ? -8.127  4.098   8.550   1.00 16.62 ? 124 SER A N   1 
ATOM   971  C CA  . SER A 1 124 ? -8.637  5.462   8.501   1.00 17.56 ? 124 SER A CA  1 
ATOM   972  C C   . SER A 1 124 ? -7.434  6.393   8.296   1.00 16.69 ? 124 SER A C   1 
ATOM   973  O O   . SER A 1 124 ? -6.319  6.042   8.662   1.00 15.67 ? 124 SER A O   1 
ATOM   974  C CB  . SER A 1 124 ? -9.371  5.974   9.737   1.00 16.77 ? 124 SER A CB  1 
ATOM   975  O OG  . SER A 1 124 ? -8.503  6.085   10.861  1.00 16.34 ? 124 SER A OG  1 
ATOM   976  N N   . GLU A 1 125 ? -7.667  7.597   7.804   1.00 17.38 ? 125 GLU A N   1 
ATOM   977  C CA  . GLU A 1 125 ? -6.527  8.511   7.657   1.00 19.84 ? 125 GLU A CA  1 
ATOM   978  C C   . GLU A 1 125 ? -5.924  8.773   9.028   1.00 18.20 ? 125 GLU A C   1 
ATOM   979  O O   . GLU A 1 125 ? -4.713  8.752   9.284   1.00 19.16 ? 125 GLU A O   1 
ATOM   980  C CB  . GLU A 1 125 ? -6.909  9.826   6.976   1.00 20.96 ? 125 GLU A CB  1 
ATOM   981  C CG  . GLU A 1 125 ? -5.651  10.384  6.288   1.00 23.01 ? 125 GLU A CG  1 
ATOM   982  C CD  . GLU A 1 125 ? -5.774  11.848  5.927   1.00 24.31 ? 125 GLU A CD  1 
ATOM   983  O OE1 . GLU A 1 125 ? -6.890  12.367  5.763   1.00 24.40 ? 125 GLU A OE1 1 
ATOM   984  O OE2 . GLU A 1 125 ? -4.732  12.508  5.802   1.00 26.49 ? 125 GLU A OE2 1 
ATOM   985  N N   . ASP A 1 126 ? -6.815  8.923   9.993   1.00 17.65 ? 126 ASP A N   1 
ATOM   986  C CA  . ASP A 1 126 ? -6.415  9.135   11.379  1.00 19.11 ? 126 ASP A CA  1 
ATOM   987  C C   . ASP A 1 126 ? -5.399  8.140   11.881  1.00 17.85 ? 126 ASP A C   1 
ATOM   988  O O   . ASP A 1 126 ? -4.288  8.474   12.333  1.00 17.90 ? 126 ASP A O   1 
ATOM   989  C CB  . ASP A 1 126 ? -7.733  9.059   12.137  1.00 22.02 ? 126 ASP A CB  1 
ATOM   990  C CG  . ASP A 1 126 ? -7.807  10.244  13.092  1.00 25.60 ? 126 ASP A CG  1 
ATOM   991  O OD1 . ASP A 1 126 ? -7.921  11.405  12.608  1.00 25.68 ? 126 ASP A OD1 1 
ATOM   992  O OD2 . ASP A 1 126 ? -7.730  9.795   14.247  1.00 26.45 ? 126 ASP A OD2 1 
ATOM   993  N N   . ALA A 1 127 ? -5.724  6.848   11.721  1.00 17.23 ? 127 ALA A N   1 
ATOM   994  C CA  . ALA A 1 127 ? -4.771  5.822   12.195  1.00 17.01 ? 127 ALA A CA  1 
ATOM   995  C C   . ALA A 1 127 ? -3.529  5.802   11.336  1.00 16.62 ? 127 ALA A C   1 
ATOM   996  O O   . ALA A 1 127 ? -2.435  5.504   11.833  1.00 14.87 ? 127 ALA A O   1 
ATOM   997  C CB  . ALA A 1 127 ? -5.436  4.443   12.274  1.00 14.99 ? 127 ALA A CB  1 
ATOM   998  N N   . VAL A 1 128 ? -3.669  6.054   10.017  1.00 17.70 ? 128 VAL A N   1 
ATOM   999  C CA  . VAL A 1 128 ? -2.435  5.976   9.221   1.00 17.99 ? 128 VAL A CA  1 
ATOM   1000 C C   . VAL A 1 128 ? -1.514  7.160   9.435   1.00 18.02 ? 128 VAL A C   1 
ATOM   1001 O O   . VAL A 1 128 ? -0.290  6.987   9.531   1.00 19.70 ? 128 VAL A O   1 
ATOM   1002 C CB  . VAL A 1 128 ? -2.758  5.761   7.732   1.00 18.52 ? 128 VAL A CB  1 
ATOM   1003 C CG1 . VAL A 1 128 ? -1.465  5.803   6.934   1.00 18.09 ? 128 VAL A CG1 1 
ATOM   1004 C CG2 . VAL A 1 128 ? -3.543  4.469   7.582   1.00 18.52 ? 128 VAL A CG2 1 
ATOM   1005 N N   . SER A 1 129 ? -2.007  8.364   9.545   1.00 18.76 ? 129 SER A N   1 
ATOM   1006 C CA  . SER A 1 129 ? -1.123  9.512   9.799   1.00 22.08 ? 129 SER A CA  1 
ATOM   1007 C C   . SER A 1 129 ? -0.471  9.389   11.170  1.00 25.47 ? 129 SER A C   1 
ATOM   1008 O O   . SER A 1 129 ? 0.711   9.718   11.381  1.00 25.27 ? 129 SER A O   1 
ATOM   1009 C CB  . SER A 1 129 ? -1.927  10.806  9.661   1.00 21.15 ? 129 SER A CB  1 
ATOM   1010 O OG  . SER A 1 129 ? -3.214  10.564  10.190  1.00 22.14 ? 129 SER A OG  1 
ATOM   1011 N N   . GLU A 1 130 ? -1.233  8.872   12.155  1.00 28.52 ? 130 GLU A N   1 
ATOM   1012 C CA  . GLU A 1 130 ? -0.674  8.692   13.499  1.00 30.92 ? 130 GLU A CA  1 
ATOM   1013 C C   . GLU A 1 130 ? 0.608   7.887   13.367  1.00 31.51 ? 130 GLU A C   1 
ATOM   1014 O O   . GLU A 1 130 ? 1.665   8.239   13.896  1.00 31.50 ? 130 GLU A O   1 
ATOM   1015 C CB  . GLU A 1 130 ? -1.710  8.098   14.453  1.00 32.45 ? 130 GLU A CB  1 
ATOM   1016 C CG  . GLU A 1 130 ? -1.281  8.199   15.913  1.00 35.95 ? 130 GLU A CG  1 
ATOM   1017 C CD  . GLU A 1 130 ? -2.275  7.766   16.960  1.00 36.99 ? 130 GLU A CD  1 
ATOM   1018 O OE1 . GLU A 1 130 ? -3.501  7.949   16.896  1.00 37.28 ? 130 GLU A OE1 1 
ATOM   1019 O OE2 . GLU A 1 130 ? -1.842  7.163   17.965  1.00 39.46 ? 130 GLU A OE2 1 
ATOM   1020 N N   . ARG A 1 131 ? 0.562   6.784   12.612  1.00 32.18 ? 131 ARG A N   1 
ATOM   1021 C CA  . ARG A 1 131 ? 1.745   5.983   12.371  1.00 33.41 ? 131 ARG A CA  1 
ATOM   1022 C C   . ARG A 1 131 ? 2.776   6.758   11.547  1.00 32.62 ? 131 ARG A C   1 
ATOM   1023 O O   . ARG A 1 131 ? 3.969   6.736   11.857  1.00 30.39 ? 131 ARG A O   1 
ATOM   1024 C CB  . ARG A 1 131 ? 1.349   4.716   11.630  1.00 37.00 ? 131 ARG A CB  1 
ATOM   1025 C CG  . ARG A 1 131 ? 0.412   3.749   12.316  1.00 40.69 ? 131 ARG A CG  1 
ATOM   1026 C CD  . ARG A 1 131 ? 1.043   3.074   13.516  1.00 44.43 ? 131 ARG A CD  1 
ATOM   1027 N NE  . ARG A 1 131 ? 1.917   1.961   13.184  1.00 46.84 ? 131 ARG A NE  1 
ATOM   1028 C CZ  . ARG A 1 131 ? 2.994   1.861   12.437  1.00 47.57 ? 131 ARG A CZ  1 
ATOM   1029 N NH1 . ARG A 1 131 ? 3.538   2.851   11.751  1.00 48.52 ? 131 ARG A NH1 1 
ATOM   1030 N NH2 . ARG A 1 131 ? 3.620   0.692   12.342  1.00 49.03 ? 131 ARG A NH2 1 
ATOM   1031 N N   . ALA A 1 132 ? 2.338   7.435   10.484  1.00 31.70 ? 132 ALA A N   1 
ATOM   1032 C CA  . ALA A 1 132 ? 3.259   8.170   9.624   1.00 32.28 ? 132 ALA A CA  1 
ATOM   1033 C C   . ALA A 1 132 ? 3.988   9.300   10.322  1.00 32.67 ? 132 ALA A C   1 
ATOM   1034 O O   . ALA A 1 132 ? 5.210   9.487   10.211  1.00 31.37 ? 132 ALA A O   1 
ATOM   1035 C CB  . ALA A 1 132 ? 2.533   8.674   8.378   1.00 32.28 ? 132 ALA A CB  1 
ATOM   1036 N N   . LYS A 1 133 ? 3.286   10.084  11.149  1.00 33.75 ? 133 LYS A N   1 
ATOM   1037 C CA  . LYS A 1 133 ? 3.975   11.150  11.869  1.00 33.90 ? 133 LYS A CA  1 
ATOM   1038 C C   . LYS A 1 133 ? 4.835   10.606  13.006  1.00 33.46 ? 133 LYS A C   1 
ATOM   1039 O O   . LYS A 1 133 ? 5.566   11.390  13.617  1.00 33.03 ? 133 LYS A O   1 
ATOM   1040 C CB  . LYS A 1 133 ? 3.114   12.311  12.285  1.00 34.44 ? 133 LYS A CB  1 
ATOM   1041 C CG  . LYS A 1 133 ? 1.640   12.461  12.102  1.00 36.22 ? 133 LYS A CG  1 
ATOM   1042 C CD  . LYS A 1 133 ? 1.317   13.804  11.438  1.00 36.12 ? 133 LYS A CD  1 
ATOM   1043 C CE  . LYS A 1 133 ? -0.158  14.013  11.186  1.00 37.22 ? 133 LYS A CE  1 
ATOM   1044 N NZ  . LYS A 1 133 ? -0.585  15.422  11.455  1.00 37.71 ? 133 LYS A NZ  1 
ATOM   1045 N N   . LYS A 1 134 ? 4.837   9.338   13.321  1.00 34.12 ? 134 LYS A N   1 
ATOM   1046 C CA  . LYS A 1 134 ? 5.655   8.673   14.295  1.00 36.99 ? 134 LYS A CA  1 
ATOM   1047 C C   . LYS A 1 134 ? 4.866   8.223   15.541  1.00 38.85 ? 134 LYS A C   1 
ATOM   1048 O O   . LYS A 1 134 ? 5.499   7.298   16.131  1.00 40.01 ? 134 LYS A O   1 
ATOM   1049 C CB  . LYS A 1 134 ? 6.840   9.451   14.834  1.00 36.87 ? 134 LYS A CB  1 
ATOM   1050 C CG  . LYS A 1 134 ? 8.197   9.260   14.193  1.00 36.56 ? 134 LYS A CG  1 
ATOM   1051 C CD  . LYS A 1 134 ? 9.167   10.056  15.089  1.00 38.12 ? 134 LYS A CD  1 
ATOM   1052 C CE  . LYS A 1 134 ? 8.961   11.560  14.881  1.00 37.92 ? 134 LYS A CE  1 
ATOM   1053 N NZ  . LYS A 1 134 ? 9.882   12.030  13.811  1.00 38.30 ? 134 LYS A NZ  1 
ATOM   1054 N N   . ASP A 1 135 ? 4.351   9.179   16.208  1.00 40.61 ? 135 ASP A N   1 
HETATM 1055 O O   . HOH B 2 .   ? -7.721  -4.929  -11.076 1.00 6.65  ? 138 HOH A O   1 
HETATM 1056 O O   . HOH B 2 .   ? -8.020  -1.311  -3.750  1.00 12.55 ? 139 HOH A O   1 
HETATM 1057 O O   . HOH B 2 .   ? -10.406 -1.523  -6.207  1.00 17.73 ? 140 HOH A O   1 
HETATM 1058 O O   . HOH B 2 .   ? 3.700   15.268  -1.213  1.00 24.81 ? 141 HOH A O   1 
HETATM 1059 O O   . HOH B 2 .   ? -7.507  1.191   -3.658  1.00 17.61 ? 142 HOH A O   1 
HETATM 1060 O O   . HOH B 2 .   ? -9.229  -4.673  -8.641  1.00 18.29 ? 143 HOH A O   1 
HETATM 1061 O O   . HOH B 2 .   ? -6.938  -10.853 -4.877  1.00 21.19 ? 144 HOH A O   1 
HETATM 1062 O O   . HOH B 2 .   ? -13.361 1.101   2.200   1.00 34.78 ? 145 HOH A O   1 
HETATM 1063 O O   . HOH B 2 .   ? -6.684  5.642   -10.211 1.00 19.11 ? 146 HOH A O   1 
HETATM 1064 O O   . HOH B 2 .   ? -0.941  12.925  1.829   1.00 28.28 ? 147 HOH A O   1 
HETATM 1065 O O   . HOH B 2 .   ? 7.029   -2.183  -16.054 1.00 25.62 ? 148 HOH A O   1 
HETATM 1066 O O   . HOH B 2 .   ? -7.474  11.031  16.608  1.00 20.74 ? 149 HOH A O   1 
HETATM 1067 O O   . HOH B 2 .   ? -3.220  11.661  13.352  1.00 24.97 ? 150 HOH A O   1 
HETATM 1068 O O   . HOH B 2 .   ? 12.267  0.491   -12.084 1.00 31.05 ? 151 HOH A O   1 
HETATM 1069 O O   . HOH B 2 .   ? -7.891  3.428   -5.662  1.00 23.12 ? 152 HOH A O   1 
HETATM 1070 O O   . HOH B 2 .   ? -3.729  14.846  8.775   1.00 51.81 ? 153 HOH A O   1 
HETATM 1071 O O   . HOH B 2 .   ? -10.242 -8.986  -5.301  1.00 27.61 ? 154 HOH A O   1 
HETATM 1072 O O   . HOH B 2 .   ? -2.329  17.018  -10.628 1.00 21.43 ? 155 HOH A O   1 
HETATM 1073 O O   . HOH B 2 .   ? 10.079  -11.775 -7.947  1.00 35.63 ? 156 HOH A O   1 
HETATM 1074 O O   . HOH B 2 .   ? -23.290 -10.406 1.746   1.00 38.78 ? 157 HOH A O   1 
HETATM 1075 O O   . HOH B 2 .   ? -3.795  -4.636  12.241  1.00 36.71 ? 158 HOH A O   1 
HETATM 1076 O O   . HOH B 2 .   ? -0.040  -19.679 -14.072 1.00 32.71 ? 159 HOH A O   1 
HETATM 1077 O O   . HOH B 2 .   ? -6.949  -10.253 8.953   1.00 21.42 ? 160 HOH A O   1 
HETATM 1078 O O   . HOH B 2 .   ? 7.183   -13.309 1.390   1.00 19.78 ? 161 HOH A O   1 
HETATM 1079 O O   . HOH B 2 .   ? -6.809  -2.645  -12.354 1.00 26.40 ? 162 HOH A O   1 
HETATM 1080 O O   . HOH B 2 .   ? 6.626   1.414   10.663  1.00 25.74 ? 163 HOH A O   1 
HETATM 1081 O O   . HOH B 2 .   ? -12.957 -15.467 7.142   1.00 40.97 ? 164 HOH A O   1 
HETATM 1082 O O   . HOH B 2 .   ? 9.855   16.491  10.693  1.00 41.88 ? 165 HOH A O   1 
HETATM 1083 O O   . HOH B 2 .   ? 8.970   14.821  13.381  1.00 32.63 ? 166 HOH A O   1 
HETATM 1084 O O   . HOH B 2 .   ? -10.030 8.377   6.906   1.00 25.00 ? 167 HOH A O   1 
HETATM 1085 O O   . HOH B 2 .   ? 8.150   12.167  11.689  1.00 32.17 ? 168 HOH A O   1 
HETATM 1086 O O   . HOH B 2 .   ? -10.489 -4.091  -5.544  1.00 26.17 ? 169 HOH A O   1 
HETATM 1087 O O   . HOH B 2 .   ? 4.407   -16.360 -1.493  1.00 32.68 ? 170 HOH A O   1 
HETATM 1088 O O   . HOH B 2 .   ? 10.003  -6.506  -16.852 1.00 25.07 ? 171 HOH A O   1 
HETATM 1089 O O   . HOH B 2 .   ? 2.206   17.251  12.423  1.00 28.31 ? 172 HOH A O   1 
HETATM 1090 O O   . HOH B 2 .   ? 5.593   27.298  12.211  1.00 36.97 ? 173 HOH A O   1 
HETATM 1091 O O   . HOH B 2 .   ? -7.379  15.287  -6.232  1.00 20.71 ? 174 HOH A O   1 
HETATM 1092 O O   . HOH B 2 .   ? 0.027   -11.282 -14.546 1.00 32.09 ? 175 HOH A O   1 
HETATM 1093 O O   . HOH B 2 .   ? 8.310   11.257  -0.580  1.00 36.06 ? 176 HOH A O   1 
HETATM 1094 O O   . HOH B 2 .   ? 13.833  1.395   -5.462  1.00 39.90 ? 177 HOH A O   1 
HETATM 1095 O O   . HOH B 2 .   ? 8.701   -13.068 -4.558  1.00 40.71 ? 178 HOH A O   1 
HETATM 1096 O O   . HOH B 2 .   ? -7.388  -15.023 -5.851  1.00 50.10 ? 179 HOH A O   1 
HETATM 1097 O O   . HOH B 2 .   ? -14.478 -7.263  -1.603  1.00 28.63 ? 180 HOH A O   1 
HETATM 1098 O O   . HOH B 2 .   ? -3.776  12.867  2.653   1.00 31.56 ? 181 HOH A O   1 
HETATM 1099 O O   . HOH B 2 .   ? -0.957  -4.786  -13.285 1.00 18.59 ? 182 HOH A O   1 
HETATM 1100 O O   . HOH B 2 .   ? 4.170   11.144  -4.673  1.00 26.34 ? 183 HOH A O   1 
HETATM 1101 O O   . HOH B 2 .   ? -12.589 -1.142  -6.509  1.00 34.46 ? 184 HOH A O   1 
HETATM 1102 O O   . HOH B 2 .   ? -13.334 1.139   4.604   1.00 51.90 ? 185 HOH A O   1 
HETATM 1103 O O   . HOH B 2 .   ? 2.242   23.882  2.923   1.00 44.75 ? 186 HOH A O   1 
HETATM 1104 O O   . HOH B 2 .   ? 7.930   -9.252  -13.680 1.00 32.86 ? 187 HOH A O   1 
HETATM 1105 O O   . HOH B 2 .   ? -2.729  4.116   14.379  1.00 40.46 ? 188 HOH A O   1 
HETATM 1106 O O   . HOH B 2 .   ? 2.511   -3.293  6.959   1.00 38.19 ? 189 HOH A O   1 
HETATM 1107 O O   . HOH B 2 .   ? 3.487   10.865  -14.439 1.00 44.25 ? 190 HOH A O   1 
HETATM 1108 O O   . HOH B 2 .   ? 6.987   -8.572  7.838   1.00 43.82 ? 191 HOH A O   1 
HETATM 1109 O O   . HOH B 2 .   ? -3.342  -11.750 8.092   1.00 47.08 ? 192 HOH A O   1 
HETATM 1110 O O   . HOH B 2 .   ? 10.193  14.376  4.953   1.00 26.56 ? 193 HOH A O   1 
HETATM 1111 O O   . HOH B 2 .   ? -10.514 6.265   -6.167  1.00 27.53 ? 194 HOH A O   1 
HETATM 1112 O O   . HOH B 2 .   ? 5.871   -10.278 -15.383 1.00 39.20 ? 195 HOH A O   1 
HETATM 1113 O O   . HOH B 2 .   ? 3.579   15.805  14.131  1.00 26.68 ? 196 HOH A O   1 
HETATM 1114 O O   . HOH B 2 .   ? 3.298   -5.932  6.575   1.00 41.94 ? 197 HOH A O   1 
HETATM 1115 O O   . HOH B 2 .   ? -7.049  13.646  12.780  1.00 30.82 ? 198 HOH A O   1 
HETATM 1116 O O   . HOH B 2 .   ? 0.924   10.843  15.543  1.00 37.10 ? 199 HOH A O   1 
HETATM 1117 O O   . HOH B 2 .   ? 1.582   -5.414  -12.919 1.00 29.13 ? 200 HOH A O   1 
HETATM 1118 O O   . HOH B 2 .   ? 7.738   -5.261  -16.704 1.00 37.50 ? 201 HOH A O   1 
HETATM 1119 O O   . HOH B 2 .   ? 10.130  6.921   9.818   1.00 53.05 ? 202 HOH A O   1 
HETATM 1120 O O   . HOH B 2 .   ? -0.665  21.230  3.309   1.00 41.53 ? 203 HOH A O   1 
HETATM 1121 O O   . HOH B 2 .   ? 13.860  -4.303  -6.201  1.00 39.44 ? 204 HOH A O   1 
HETATM 1122 O O   . HOH B 2 .   ? -11.696 -3.057  -8.599  1.00 41.69 ? 205 HOH A O   1 
HETATM 1123 O O   . HOH B 2 .   ? 6.106   14.226  13.332  1.00 47.58 ? 206 HOH A O   1 
HETATM 1124 O O   . HOH B 2 .   ? 11.165  -4.246  -16.361 1.00 47.87 ? 207 HOH A O   1 
HETATM 1125 O O   . HOH B 2 .   ? -3.889  1.333   11.537  1.00 42.12 ? 208 HOH A O   1 
HETATM 1126 O O   . HOH B 2 .   ? -1.002  20.983  -8.072  1.00 43.18 ? 209 HOH A O   1 
HETATM 1127 O O   . HOH B 2 .   ? -13.251 8.788   -3.215  1.00 42.24 ? 210 HOH A O   1 
HETATM 1128 O O   . HOH B 2 .   ? -2.581  -15.741 7.153   1.00 34.22 ? 211 HOH A O   1 
HETATM 1129 O O   . HOH B 2 .   ? -3.528  -1.914  -13.041 1.00 32.45 ? 212 HOH A O   1 
HETATM 1130 O O   . HOH B 2 .   ? -3.123  15.280  -11.796 1.00 37.16 ? 213 HOH A O   1 
HETATM 1131 O O   . HOH B 2 .   ? 7.538   -11.838 8.208   1.00 43.99 ? 214 HOH A O   1 
HETATM 1132 O O   . HOH B 2 .   ? -10.601 -19.481 1.887   1.00 27.10 ? 215 HOH A O   1 
HETATM 1133 O O   . HOH B 2 .   ? -12.142 9.001   11.607  1.00 30.74 ? 216 HOH A O   1 
HETATM 1134 O O   . HOH B 2 .   ? -15.490 7.803   -0.620  1.00 38.66 ? 217 HOH A O   1 
HETATM 1135 O O   . HOH B 2 .   ? 8.449   -9.485  -16.066 1.00 50.70 ? 218 HOH A O   1 
HETATM 1136 O O   . HOH B 2 .   ? 15.083  -0.697  -9.468  1.00 38.57 ? 219 HOH A O   1 
HETATM 1137 O O   . HOH B 2 .   ? 7.482   7.143   -16.422 1.00 38.88 ? 220 HOH A O   1 
HETATM 1138 O O   . HOH B 2 .   ? 11.764  -1.472  2.233   1.00 42.98 ? 221 HOH A O   1 
HETATM 1139 O O   . HOH B 2 .   ? -8.648  -8.135  -8.564  1.00 42.13 ? 222 HOH A O   1 
HETATM 1140 O O   . HOH B 2 .   ? 2.301   -12.608 -14.568 1.00 47.36 ? 223 HOH A O   1 
HETATM 1141 O O   . HOH B 2 .   ? 5.767   -12.686 4.472   1.00 51.45 ? 224 HOH A O   1 
HETATM 1142 O O   . HOH B 2 .   ? 1.657   11.662  -12.873 1.00 44.46 ? 225 HOH A O   1 
HETATM 1143 O O   . HOH B 2 .   ? 9.204   -14.429 4.381   1.00 33.22 ? 226 HOH A O   1 
HETATM 1144 O O   . HOH B 2 .   ? 2.365   -7.401  -14.814 1.00 54.03 ? 227 HOH A O   1 
HETATM 1145 O O   . HOH B 2 .   ? 2.801   -17.072 5.625   1.00 47.18 ? 228 HOH A O   1 
HETATM 1146 O O   . HOH B 2 .   ? -6.024  15.995  -12.917 1.00 43.18 ? 229 HOH A O   1 
HETATM 1147 O O   . HOH B 2 .   ? -9.709  9.414   9.408   1.00 44.21 ? 230 HOH A O   1 
HETATM 1148 O O   . HOH B 2 .   ? -6.982  -13.046 -3.254  1.00 53.32 ? 231 HOH A O   1 
HETATM 1149 O O   . HOH B 2 .   ? 13.486  6.142   1.042   1.00 46.68 ? 232 HOH A O   1 
HETATM 1150 O O   . HOH B 2 .   ? -3.247  -21.272 -5.533  1.00 47.61 ? 233 HOH A O   1 
HETATM 1151 O O   . HOH B 2 .   ? 12.416  -3.326  -18.744 1.00 51.73 ? 234 HOH A O   1 
HETATM 1152 O O   . HOH B 2 .   ? -2.641  -13.671 9.575   1.00 50.18 ? 235 HOH A O   1 
HETATM 1153 O O   . HOH B 2 .   ? 10.679  -7.727  -9.284  1.00 46.20 ? 236 HOH A O   1 
HETATM 1154 O O   . HOH B 2 .   ? -12.127 3.624   6.838   1.00 46.95 ? 237 HOH A O   1 
HETATM 1155 O O   . HOH B 2 .   ? 5.687   27.190  14.668  1.00 53.20 ? 238 HOH A O   1 
HETATM 1156 O O   . HOH B 2 .   ? 11.591  7.515   7.797   1.00 46.23 ? 239 HOH A O   1 
HETATM 1157 O O   . HOH B 2 .   ? 8.012   10.171  -3.340  1.00 49.99 ? 240 HOH A O   1 
HETATM 1158 O O   . HOH B 2 .   ? -2.157  19.527  -11.931 1.00 54.57 ? 241 HOH A O   1 
HETATM 1159 O O   . HOH B 2 .   ? 2.672   10.161  -17.229 1.00 53.33 ? 242 HOH A O   1 
HETATM 1160 O O   . HOH B 2 .   ? -0.630  14.712  -0.398  1.00 48.65 ? 243 HOH A O   1 
HETATM 1161 O O   . HOH B 2 .   ? 4.430   -15.466 7.343   1.00 42.49 ? 244 HOH A O   1 
HETATM 1162 O O   . HOH B 2 .   ? -12.850 -5.123  7.937   1.00 50.66 ? 245 HOH A O   1 
HETATM 1163 O O   . HOH B 2 .   ? -13.918 -5.133  5.650   1.00 53.76 ? 246 HOH A O   1 
HETATM 1164 O O   . HOH B 2 .   ? -2.670  14.628  -2.779  1.00 47.60 ? 247 HOH A O   1 
HETATM 1165 O O   . HOH B 2 .   ? -0.230  -20.128 -4.868  1.00 50.22 ? 248 HOH A O   1 
HETATM 1166 O O   . HOH B 2 .   ? 11.483  -2.259  -12.284 1.00 45.69 ? 249 HOH A O   1 
HETATM 1167 O O   . HOH B 2 .   ? 0.914   -3.787  -14.669 1.00 54.63 ? 250 HOH A O   1 
HETATM 1168 O O   . HOH B 2 .   ? 8.238   16.337  2.146   1.00 51.00 ? 251 HOH A O   1 
# 
